data_6E40
#
_entry.id   6E40
#
_cell.length_a   80.367
_cell.length_b   200.144
_cell.length_c   114.741
_cell.angle_alpha   90.000
_cell.angle_beta   90.000
_cell.angle_gamma   90.000
#
_symmetry.space_group_name_H-M   'P 21 21 2'
#
loop_
_entity.id
_entity.type
_entity.pdbx_description
1 polymer 'Indoleamine 2,3-dioxygenase 1'
2 non-polymer 'PROTOPORPHYRIN IX CONTAINING FE'
3 non-polymer "N-(3-bromo-4-fluorophenyl)-N'-hydroxy-4-{[2-(sulfamoylamino)ethyl]amino}-1,2,5-oxadiazole-3-carboximidamide"
4 water water
#
_entity_poly.entity_id   1
_entity_poly.type   'polypeptide(L)'
_entity_poly.pdbx_seq_one_letter_code
;MGSSHHHHHHSSGSAAYHIDEEVGFALPNPQENLPDFYNDWMFIAKHLPDLIESGQLRERVEKLNMLSIDHLTDHKSQRL
ARLVLGCITMAYVWGKGHGDVRKVLPRNIAVPYCQLSAALELPPILVYADCVLANWKKKDPNKPLTYENMDVLFSFRDGD
CSKGFFLVSLLVEIAAASAIKVIPTVFKAMQMQERDTLLKALLEIASCLEKALQVFHQIHDHVNPKAFFSVLRIYLSGWK
GNPQLSDGLVYEGFWEDPKEFAGGSAGQSSVFQCFDVLLGIQQTAGGGHAAQFLQDMRRYMPPAHRNFLCSLESNPSVRE
FVLSKGDAGLREAYDACVKALVSLRSYHLQIVTKYILIPASQQPKENKTSEDPSKLEAKGTGGTDLMNFLKTVRSTTEKS
LLKEG
;
_entity_poly.pdbx_strand_id   A,B,C,D
#
loop_
_chem_comp.id
_chem_comp.type
_chem_comp.name
_chem_comp.formula
BBJ non-polymer N-(3-bromo-4-fluorophenyl)-N'-hydroxy-4-{[2-(sulfamoylamino)ethyl]amino}-1,2,5-oxadiazole-3-carboximidamide 'C11 H13 Br F N7 O4 S'
HEM non-polymer 'PROTOPORPHYRIN IX CONTAINING FE' 'C34 H32 Fe N4 O4'
#
# COMPACT_ATOMS: atom_id res chain seq x y z
N ALA A 16 4.71 -6.49 -5.92
CA ALA A 16 5.78 -6.44 -4.94
C ALA A 16 7.09 -7.01 -5.51
N TYR A 17 7.67 -7.95 -4.77
CA TYR A 17 8.91 -8.62 -5.16
C TYR A 17 8.67 -9.93 -5.92
N HIS A 18 7.48 -10.13 -6.51
CA HIS A 18 7.16 -11.33 -7.28
C HIS A 18 7.45 -12.61 -6.48
N ILE A 19 7.08 -12.59 -5.20
CA ILE A 19 7.23 -13.75 -4.32
C ILE A 19 5.83 -14.23 -3.98
N ASP A 20 5.47 -15.39 -4.51
CA ASP A 20 4.13 -15.92 -4.32
C ASP A 20 4.00 -16.52 -2.92
N GLU A 21 2.79 -16.43 -2.34
CA GLU A 21 2.59 -16.99 -1.01
C GLU A 21 2.64 -18.52 -1.03
N GLU A 22 2.11 -19.15 -2.07
CA GLU A 22 2.07 -20.62 -2.11
C GLU A 22 3.38 -21.21 -2.64
N VAL A 23 3.91 -20.66 -3.74
CA VAL A 23 5.08 -21.23 -4.42
C VAL A 23 6.35 -20.38 -4.24
N GLY A 24 6.30 -19.29 -3.48
CA GLY A 24 7.53 -18.60 -3.13
C GLY A 24 8.22 -17.92 -4.29
N PHE A 25 9.46 -18.31 -4.58
CA PHE A 25 10.21 -17.75 -5.69
C PHE A 25 9.80 -18.33 -7.04
N ALA A 26 8.99 -19.40 -7.06
CA ALA A 26 8.62 -20.03 -8.32
C ALA A 26 7.53 -19.25 -9.05
N LEU A 27 7.55 -19.33 -10.39
CA LEU A 27 6.55 -18.62 -11.18
C LEU A 27 5.20 -19.30 -10.93
N PRO A 28 4.23 -18.60 -10.34
CA PRO A 28 2.91 -19.22 -10.14
C PRO A 28 2.33 -19.62 -11.49
N ASN A 29 1.92 -20.86 -11.59
CA ASN A 29 1.20 -21.36 -12.76
C ASN A 29 1.84 -20.91 -14.09
N PRO A 30 2.96 -21.52 -14.47
CA PRO A 30 3.64 -21.11 -15.71
C PRO A 30 2.81 -21.34 -16.97
N GLN A 31 3.00 -20.45 -17.94
CA GLN A 31 2.48 -20.65 -19.28
C GLN A 31 3.17 -21.79 -20.00
N GLU A 32 2.38 -22.63 -20.66
CA GLU A 32 3.02 -23.73 -21.37
C GLU A 32 2.93 -23.58 -22.88
N ASN A 33 2.21 -22.60 -23.38
CA ASN A 33 2.05 -22.44 -24.81
C ASN A 33 2.33 -21.02 -25.23
N LEU A 34 3.01 -20.89 -26.33
CA LEU A 34 3.38 -19.67 -27.01
C LEU A 34 2.42 -19.40 -28.15
N PRO A 35 2.25 -18.14 -28.55
CA PRO A 35 1.50 -17.82 -29.78
C PRO A 35 1.99 -18.66 -30.96
N ASP A 36 1.06 -18.90 -31.90
CA ASP A 36 1.37 -19.77 -33.04
C ASP A 36 2.54 -19.25 -33.84
N PHE A 37 2.75 -17.93 -33.80
CA PHE A 37 3.89 -17.30 -34.46
C PHE A 37 5.22 -17.98 -34.10
N TYR A 38 5.32 -18.67 -32.96
CA TYR A 38 6.59 -19.19 -32.49
C TYR A 38 6.69 -20.71 -32.62
N ASN A 39 5.80 -21.36 -33.38
CA ASN A 39 5.75 -22.82 -33.36
C ASN A 39 7.08 -23.45 -33.76
N ASP A 40 7.85 -22.78 -34.61
CA ASP A 40 9.17 -23.33 -34.98
C ASP A 40 10.13 -23.34 -33.79
N TRP A 41 10.01 -22.37 -32.88
CA TRP A 41 10.77 -22.47 -31.63
C TRP A 41 10.24 -23.62 -30.80
N MET A 42 8.93 -23.62 -30.55
CA MET A 42 8.32 -24.61 -29.68
C MET A 42 8.57 -26.02 -30.17
N PHE A 43 8.48 -26.23 -31.49
CA PHE A 43 8.69 -27.56 -32.03
C PHE A 43 10.09 -28.09 -31.72
N ILE A 44 11.11 -27.23 -31.82
CA ILE A 44 12.47 -27.69 -31.52
C ILE A 44 12.63 -27.99 -30.03
N ALA A 45 12.04 -27.16 -29.17
CA ALA A 45 12.21 -27.33 -27.73
C ALA A 45 11.50 -28.60 -27.24
N LYS A 46 10.30 -28.88 -27.75
CA LYS A 46 9.55 -30.06 -27.32
C LYS A 46 10.16 -31.38 -27.80
N HIS A 47 11.16 -31.34 -28.65
CA HIS A 47 11.71 -32.52 -29.32
C HIS A 47 13.22 -32.61 -29.21
N LEU A 48 13.80 -31.96 -28.20
CA LEU A 48 15.25 -32.01 -28.01
C LEU A 48 15.82 -33.43 -27.89
N PRO A 49 15.20 -34.39 -27.20
CA PRO A 49 15.82 -35.74 -27.17
C PRO A 49 15.98 -36.39 -28.53
N ASP A 50 14.94 -36.40 -29.36
CA ASP A 50 15.05 -36.91 -30.73
C ASP A 50 16.03 -36.07 -31.57
N LEU A 51 15.77 -34.76 -31.68
CA LEU A 51 16.61 -33.92 -32.52
C LEU A 51 18.06 -34.00 -32.10
N ILE A 52 18.33 -34.12 -30.80
CA ILE A 52 19.72 -34.28 -30.38
C ILE A 52 20.23 -35.65 -30.80
N GLU A 53 19.43 -36.69 -30.53
CA GLU A 53 19.89 -38.07 -30.79
C GLU A 53 20.26 -38.27 -32.25
N SER A 54 19.42 -37.81 -33.17
CA SER A 54 19.72 -38.01 -34.59
C SER A 54 20.84 -37.08 -35.07
N GLY A 55 20.93 -35.88 -34.50
CA GLY A 55 21.86 -34.88 -34.98
C GLY A 55 21.24 -33.90 -35.93
N GLN A 56 19.93 -33.83 -35.97
CA GLN A 56 19.17 -32.82 -36.66
C GLN A 56 19.03 -31.51 -35.88
N LEU A 57 19.49 -31.46 -34.62
CA LEU A 57 19.17 -30.30 -33.78
C LEU A 57 19.84 -29.04 -34.31
N ARG A 58 21.15 -29.09 -34.49
CA ARG A 58 21.89 -27.94 -34.97
C ARG A 58 21.41 -27.51 -36.34
N GLU A 59 21.01 -28.48 -37.18
CA GLU A 59 20.49 -28.14 -38.50
C GLU A 59 19.16 -27.39 -38.40
N ARG A 60 18.24 -27.85 -37.55
CA ARG A 60 16.96 -27.14 -37.47
C ARG A 60 17.11 -25.75 -36.85
N VAL A 61 18.09 -25.55 -35.96
CA VAL A 61 18.36 -24.22 -35.43
C VAL A 61 18.89 -23.31 -36.53
N GLU A 62 19.85 -23.79 -37.32
CA GLU A 62 20.46 -22.96 -38.35
C GLU A 62 19.50 -22.64 -39.49
N LYS A 63 18.30 -23.23 -39.52
CA LYS A 63 17.33 -22.96 -40.57
C LYS A 63 16.14 -22.13 -40.12
N LEU A 64 16.05 -21.76 -38.83
CA LEU A 64 14.95 -20.90 -38.39
C LEU A 64 15.00 -19.53 -39.07
N ASN A 65 13.80 -18.98 -39.34
CA ASN A 65 13.70 -17.56 -39.64
C ASN A 65 13.96 -16.77 -38.36
N MET A 66 14.09 -15.47 -38.48
CA MET A 66 14.27 -14.59 -37.34
C MET A 66 12.91 -14.11 -36.90
N LEU A 67 12.49 -14.51 -35.70
CA LEU A 67 11.16 -14.19 -35.21
C LEU A 67 11.26 -13.02 -34.23
N SER A 68 10.48 -11.98 -34.50
CA SER A 68 10.40 -10.84 -33.59
C SER A 68 9.84 -11.29 -32.25
N ILE A 69 10.46 -10.84 -31.16
CA ILE A 69 9.94 -11.16 -29.83
C ILE A 69 8.74 -10.30 -29.47
N ASP A 70 8.34 -9.38 -30.34
CA ASP A 70 7.34 -8.42 -29.95
C ASP A 70 5.92 -8.96 -29.97
N HIS A 71 5.73 -10.21 -30.38
CA HIS A 71 4.45 -10.88 -30.23
C HIS A 71 4.29 -11.57 -28.89
N LEU A 72 5.27 -11.42 -27.97
CA LEU A 72 5.16 -11.89 -26.60
C LEU A 72 4.79 -10.70 -25.73
N THR A 73 3.72 -10.86 -24.92
CA THR A 73 2.96 -9.72 -24.44
C THR A 73 2.60 -9.77 -22.95
N ASP A 74 3.28 -10.59 -22.16
CA ASP A 74 3.08 -10.64 -20.71
C ASP A 74 4.28 -11.35 -20.09
N HIS A 75 4.47 -11.15 -18.78
CA HIS A 75 5.60 -11.78 -18.11
C HIS A 75 5.63 -13.27 -18.35
N LYS A 76 4.47 -13.94 -18.33
CA LYS A 76 4.51 -15.39 -18.40
C LYS A 76 4.87 -15.88 -19.80
N SER A 77 4.42 -15.18 -20.83
CA SER A 77 4.80 -15.58 -22.18
C SER A 77 6.28 -15.33 -22.42
N GLN A 78 6.82 -14.24 -21.86
CA GLN A 78 8.25 -13.97 -22.01
C GLN A 78 9.09 -14.97 -21.22
N ARG A 79 8.64 -15.33 -20.01
CA ARG A 79 9.35 -16.35 -19.22
C ARG A 79 9.38 -17.68 -19.95
N LEU A 80 8.26 -18.09 -20.55
CA LEU A 80 8.27 -19.33 -21.33
C LEU A 80 9.21 -19.20 -22.53
N ALA A 81 9.10 -18.09 -23.28
CA ALA A 81 9.99 -17.90 -24.43
C ALA A 81 11.46 -17.97 -24.00
N ARG A 82 11.78 -17.41 -22.85
CA ARG A 82 13.16 -17.51 -22.38
C ARG A 82 13.55 -18.95 -22.08
N LEU A 83 12.65 -19.70 -21.47
CA LEU A 83 12.94 -21.11 -21.22
C LEU A 83 13.13 -21.88 -22.53
N VAL A 84 12.27 -21.60 -23.52
CA VAL A 84 12.37 -22.32 -24.80
C VAL A 84 13.71 -22.05 -25.46
N LEU A 85 14.04 -20.76 -25.64
CA LEU A 85 15.31 -20.37 -26.26
C LEU A 85 16.51 -20.84 -25.44
N GLY A 86 16.38 -20.82 -24.11
CA GLY A 86 17.48 -21.30 -23.29
C GLY A 86 17.75 -22.78 -23.43
N CYS A 87 16.72 -23.61 -23.60
CA CYS A 87 16.98 -25.03 -23.81
C CYS A 87 17.63 -25.27 -25.17
N ILE A 88 17.07 -24.62 -26.21
CA ILE A 88 17.64 -24.70 -27.56
C ILE A 88 19.11 -24.33 -27.54
N THR A 89 19.46 -23.26 -26.80
CA THR A 89 20.83 -22.77 -26.80
C THR A 89 21.76 -23.79 -26.19
N MET A 90 21.41 -24.33 -25.03
CA MET A 90 22.22 -25.38 -24.43
C MET A 90 22.32 -26.61 -25.37
N ALA A 91 21.23 -26.99 -26.02
CA ALA A 91 21.35 -28.16 -26.89
C ALA A 91 22.20 -27.84 -28.09
N TYR A 92 22.11 -26.59 -28.59
CA TYR A 92 22.93 -26.20 -29.74
C TYR A 92 24.40 -26.15 -29.39
N VAL A 93 24.75 -25.55 -28.24
CA VAL A 93 26.16 -25.41 -27.91
C VAL A 93 26.79 -26.77 -27.60
N TRP A 94 26.14 -27.56 -26.73
CA TRP A 94 26.79 -28.79 -26.28
C TRP A 94 26.55 -29.96 -27.21
N GLY A 95 25.52 -29.88 -28.07
CA GLY A 95 25.15 -31.00 -28.91
C GLY A 95 24.89 -32.29 -28.16
N LYS A 96 25.76 -33.28 -28.36
CA LYS A 96 25.55 -34.60 -27.81
C LYS A 96 26.30 -34.84 -26.51
N GLY A 97 27.32 -34.03 -26.24
CA GLY A 97 27.99 -34.02 -24.96
C GLY A 97 29.41 -34.52 -24.94
N HIS A 98 30.03 -34.73 -26.09
CA HIS A 98 31.29 -35.46 -26.12
C HIS A 98 32.41 -34.62 -26.73
N GLY A 99 32.30 -33.31 -26.59
CA GLY A 99 33.36 -32.42 -27.02
C GLY A 99 33.11 -31.70 -28.32
N ASP A 100 32.04 -32.04 -29.04
CA ASP A 100 31.77 -31.40 -30.34
C ASP A 100 30.88 -30.18 -30.09
N VAL A 101 31.51 -29.06 -29.76
CA VAL A 101 30.75 -27.91 -29.30
C VAL A 101 30.55 -26.95 -30.47
N ARG A 102 29.79 -25.89 -30.21
CA ARG A 102 29.63 -24.77 -31.13
C ARG A 102 29.96 -23.52 -30.36
N LYS A 103 30.90 -22.72 -30.89
CA LYS A 103 31.31 -21.48 -30.23
C LYS A 103 30.56 -20.27 -30.75
N VAL A 104 29.63 -20.43 -31.71
CA VAL A 104 28.87 -19.31 -32.26
C VAL A 104 27.38 -19.68 -32.25
N LEU A 105 26.56 -18.82 -31.63
CA LEU A 105 25.10 -19.02 -31.60
C LEU A 105 24.47 -18.31 -32.79
N PRO A 106 23.78 -19.03 -33.69
CA PRO A 106 23.23 -18.41 -34.91
C PRO A 106 22.37 -17.18 -34.63
N ARG A 107 22.56 -16.17 -35.48
CA ARG A 107 21.93 -14.86 -35.33
C ARG A 107 20.43 -14.96 -35.05
N ASN A 108 19.71 -15.83 -35.78
CA ASN A 108 18.25 -15.89 -35.72
C ASN A 108 17.74 -16.44 -34.39
N ILE A 109 18.61 -16.99 -33.56
CA ILE A 109 18.24 -17.30 -32.20
C ILE A 109 18.95 -16.38 -31.20
N ALA A 110 20.23 -16.04 -31.45
CA ALA A 110 20.97 -15.19 -30.52
C ALA A 110 20.32 -13.82 -30.31
N VAL A 111 19.87 -13.17 -31.39
CA VAL A 111 19.33 -11.81 -31.30
C VAL A 111 18.04 -11.79 -30.49
N PRO A 112 16.98 -12.52 -30.86
CA PRO A 112 15.79 -12.55 -29.99
C PRO A 112 16.07 -13.02 -28.56
N TYR A 113 16.97 -13.99 -28.40
CA TYR A 113 17.30 -14.44 -27.05
C TYR A 113 17.91 -13.31 -26.22
N CYS A 114 18.94 -12.65 -26.76
CA CYS A 114 19.57 -11.53 -26.06
C CYS A 114 18.59 -10.36 -25.84
N GLN A 115 17.73 -10.08 -26.81
CA GLN A 115 16.75 -9.01 -26.62
C GLN A 115 15.81 -9.35 -25.48
N LEU A 116 15.23 -10.56 -25.55
CA LEU A 116 14.36 -11.04 -24.48
C LEU A 116 15.05 -11.03 -23.13
N SER A 117 16.32 -11.45 -23.09
CA SER A 117 17.00 -11.51 -21.81
C SER A 117 17.26 -10.11 -21.26
N ALA A 118 17.52 -9.16 -22.14
CA ALA A 118 17.70 -7.79 -21.65
C ALA A 118 16.41 -7.26 -21.03
N ALA A 119 15.26 -7.60 -21.62
CA ALA A 119 13.98 -7.18 -21.05
C ALA A 119 13.70 -7.86 -19.71
N LEU A 120 14.09 -9.12 -19.56
CA LEU A 120 13.86 -9.77 -18.27
C LEU A 120 15.03 -9.59 -17.32
N GLU A 121 16.09 -8.93 -17.77
CA GLU A 121 17.24 -8.60 -16.91
C GLU A 121 17.91 -9.87 -16.38
N LEU A 122 18.11 -10.84 -17.28
CA LEU A 122 18.80 -12.10 -17.03
C LEU A 122 19.91 -12.32 -18.06
N PRO A 123 20.98 -13.01 -17.69
CA PRO A 123 22.01 -13.33 -18.68
C PRO A 123 21.43 -14.26 -19.72
N PRO A 124 21.87 -14.19 -20.94
CA PRO A 124 21.34 -15.08 -22.00
C PRO A 124 22.02 -16.44 -21.92
N ILE A 125 21.64 -17.17 -20.87
CA ILE A 125 22.03 -18.56 -20.67
C ILE A 125 20.95 -19.16 -19.79
N LEU A 126 20.74 -20.47 -19.92
CA LEU A 126 19.73 -21.14 -19.12
C LEU A 126 20.05 -20.95 -17.64
N VAL A 127 19.11 -20.46 -16.86
CA VAL A 127 19.35 -20.34 -15.43
C VAL A 127 18.31 -21.15 -14.68
N TYR A 128 18.63 -21.39 -13.40
CA TYR A 128 17.75 -21.97 -12.39
C TYR A 128 16.31 -21.50 -12.53
N ALA A 129 16.12 -20.18 -12.69
CA ALA A 129 14.78 -19.62 -12.75
C ALA A 129 14.06 -19.95 -14.05
N ASP A 130 14.77 -20.34 -15.10
CA ASP A 130 14.06 -20.88 -16.27
C ASP A 130 13.69 -22.34 -16.05
N CYS A 131 14.70 -23.20 -15.89
CA CYS A 131 14.49 -24.63 -16.06
C CYS A 131 13.89 -25.27 -14.81
N VAL A 132 13.76 -24.51 -13.73
CA VAL A 132 13.07 -24.96 -12.53
C VAL A 132 11.85 -24.10 -12.25
N LEU A 133 12.06 -22.79 -12.02
CA LEU A 133 10.93 -22.01 -11.53
C LEU A 133 9.87 -21.73 -12.58
N ALA A 134 10.17 -21.84 -13.88
CA ALA A 134 9.15 -21.68 -14.92
C ALA A 134 8.85 -22.95 -15.70
N ASN A 135 9.50 -24.06 -15.39
CA ASN A 135 9.48 -25.25 -16.25
C ASN A 135 8.56 -26.33 -15.68
N TRP A 136 7.35 -25.97 -15.27
CA TRP A 136 6.47 -26.94 -14.61
C TRP A 136 5.00 -26.66 -14.87
N LYS A 137 4.18 -27.69 -14.63
CA LYS A 137 2.73 -27.62 -14.73
C LYS A 137 2.10 -28.61 -13.76
N LYS A 138 0.91 -28.27 -13.26
CA LYS A 138 0.08 -29.26 -12.61
C LYS A 138 -0.47 -30.21 -13.66
N LYS A 139 -0.51 -31.50 -13.33
CA LYS A 139 -1.32 -32.43 -14.13
C LYS A 139 -2.78 -32.03 -14.09
N ASP A 140 -3.37 -32.01 -12.89
CA ASP A 140 -4.76 -31.62 -12.70
C ASP A 140 -4.81 -30.35 -11.85
N PRO A 141 -5.26 -29.22 -12.41
CA PRO A 141 -5.12 -27.93 -11.69
C PRO A 141 -5.93 -27.85 -10.41
N ASN A 142 -6.83 -28.79 -10.16
CA ASN A 142 -7.65 -28.80 -8.95
C ASN A 142 -7.13 -29.75 -7.88
N LYS A 143 -5.94 -30.33 -8.06
CA LYS A 143 -5.28 -31.14 -7.06
C LYS A 143 -3.97 -30.50 -6.65
N PRO A 144 -3.43 -30.83 -5.46
CA PRO A 144 -2.31 -30.06 -4.91
C PRO A 144 -0.99 -30.24 -5.65
N LEU A 145 0.00 -29.49 -5.18
CA LEU A 145 1.36 -29.50 -5.74
C LEU A 145 2.17 -30.63 -5.12
N THR A 146 1.84 -31.85 -5.53
CA THR A 146 2.64 -33.02 -5.22
C THR A 146 3.44 -33.40 -6.46
N TYR A 147 4.55 -34.11 -6.25
CA TYR A 147 5.29 -34.68 -7.37
C TYR A 147 4.39 -35.40 -8.38
N GLU A 148 3.48 -36.23 -7.86
CA GLU A 148 2.62 -37.06 -8.70
C GLU A 148 1.61 -36.24 -9.49
N ASN A 149 1.32 -35.01 -9.06
CA ASN A 149 0.46 -34.11 -9.85
C ASN A 149 1.25 -33.10 -10.66
N MET A 150 2.53 -33.34 -10.95
CA MET A 150 3.28 -32.33 -11.68
C MET A 150 4.09 -32.95 -12.80
N ASP A 151 4.48 -32.11 -13.75
CA ASP A 151 5.36 -32.49 -14.86
C ASP A 151 6.25 -31.30 -15.20
N VAL A 152 7.39 -31.57 -15.86
CA VAL A 152 8.23 -30.49 -16.41
C VAL A 152 7.72 -30.19 -17.80
N LEU A 153 8.12 -29.03 -18.36
CA LEU A 153 7.75 -28.67 -19.72
C LEU A 153 8.80 -29.08 -20.74
N PHE A 154 10.09 -29.07 -20.42
CA PHE A 154 11.07 -29.55 -21.40
C PHE A 154 12.14 -30.40 -20.74
N SER A 155 12.73 -31.29 -21.56
CA SER A 155 13.79 -32.21 -21.20
C SER A 155 14.83 -32.18 -22.29
N PHE A 156 16.04 -32.62 -21.96
CA PHE A 156 17.10 -32.64 -22.95
C PHE A 156 17.25 -33.98 -23.66
N ARG A 157 17.42 -35.08 -22.91
CA ARG A 157 17.65 -36.41 -23.46
C ARG A 157 16.80 -37.43 -22.73
N ASP A 158 16.47 -38.53 -23.43
CA ASP A 158 15.82 -39.65 -22.75
C ASP A 158 16.76 -40.14 -21.66
N GLY A 159 16.20 -40.34 -20.47
CA GLY A 159 17.04 -40.79 -19.37
C GLY A 159 17.87 -39.74 -18.64
N ASP A 160 17.62 -38.43 -18.84
CA ASP A 160 18.48 -37.42 -18.19
C ASP A 160 18.04 -37.08 -16.78
N CYS A 161 16.91 -37.64 -16.32
CA CYS A 161 16.28 -37.37 -15.02
C CYS A 161 15.90 -35.89 -14.84
N SER A 162 15.66 -35.17 -15.94
CA SER A 162 15.32 -33.75 -15.83
C SER A 162 14.02 -33.55 -15.05
N LYS A 163 13.03 -34.41 -15.27
CA LYS A 163 11.80 -34.25 -14.50
C LYS A 163 12.07 -34.39 -13.00
N GLY A 164 12.81 -35.42 -12.59
CA GLY A 164 13.06 -35.59 -11.17
C GLY A 164 13.90 -34.46 -10.60
N PHE A 165 14.93 -34.06 -11.32
CA PHE A 165 15.84 -33.02 -10.83
C PHE A 165 15.12 -31.67 -10.77
N PHE A 166 14.41 -31.30 -11.83
CA PHE A 166 13.71 -30.01 -11.85
C PHE A 166 12.57 -30.00 -10.85
N LEU A 167 11.80 -31.08 -10.78
CA LEU A 167 10.62 -31.08 -9.90
C LEU A 167 10.99 -31.17 -8.42
N VAL A 168 12.06 -31.89 -8.06
CA VAL A 168 12.44 -31.96 -6.66
C VAL A 168 13.02 -30.62 -6.21
N SER A 169 13.89 -30.00 -7.02
CA SER A 169 14.32 -28.62 -6.73
C SER A 169 13.12 -27.68 -6.54
N LEU A 170 12.16 -27.76 -7.46
CA LEU A 170 10.97 -26.93 -7.35
C LEU A 170 10.25 -27.18 -6.04
N LEU A 171 10.18 -28.44 -5.60
CA LEU A 171 9.42 -28.73 -4.38
C LEU A 171 10.19 -28.31 -3.13
N VAL A 172 11.51 -28.21 -3.20
CA VAL A 172 12.26 -27.61 -2.11
C VAL A 172 11.97 -26.10 -2.04
N GLU A 173 11.80 -25.46 -3.21
CA GLU A 173 11.40 -24.04 -3.26
C GLU A 173 10.01 -23.83 -2.69
N ILE A 174 9.06 -24.71 -2.99
CA ILE A 174 7.73 -24.51 -2.46
C ILE A 174 7.70 -24.75 -0.97
N ALA A 175 8.59 -25.61 -0.46
CA ALA A 175 8.67 -25.80 0.99
C ALA A 175 9.22 -24.55 1.67
N ALA A 176 10.30 -24.00 1.13
CA ALA A 176 10.84 -22.77 1.65
C ALA A 176 9.87 -21.61 1.52
N ALA A 177 8.83 -21.72 0.68
CA ALA A 177 7.85 -20.64 0.56
C ALA A 177 7.08 -20.41 1.87
N SER A 178 6.70 -21.48 2.58
CA SER A 178 5.99 -21.25 3.84
C SER A 178 6.87 -20.52 4.85
N ALA A 179 8.18 -20.69 4.78
CA ALA A 179 9.09 -19.89 5.59
C ALA A 179 9.15 -18.44 5.11
N ILE A 180 9.34 -18.22 3.80
CA ILE A 180 9.47 -16.86 3.27
C ILE A 180 8.25 -16.02 3.61
N LYS A 181 7.08 -16.66 3.72
CA LYS A 181 5.83 -15.96 4.01
C LYS A 181 5.86 -15.25 5.36
N VAL A 182 6.73 -15.72 6.28
CA VAL A 182 6.79 -15.20 7.64
C VAL A 182 7.69 -13.98 7.75
N ILE A 183 8.53 -13.72 6.75
CA ILE A 183 9.56 -12.68 6.85
C ILE A 183 8.97 -11.29 7.10
N PRO A 184 7.77 -10.93 6.57
CA PRO A 184 7.17 -9.64 7.00
C PRO A 184 6.97 -9.59 8.50
N THR A 185 6.37 -10.66 9.07
CA THR A 185 6.11 -10.72 10.51
C THR A 185 7.37 -10.45 11.33
N VAL A 186 8.52 -10.97 10.88
CA VAL A 186 9.77 -10.78 11.62
C VAL A 186 10.08 -9.29 11.78
N PHE A 187 10.07 -8.56 10.68
CA PHE A 187 10.50 -7.16 10.75
C PHE A 187 9.48 -6.28 11.42
N LYS A 188 8.20 -6.66 11.40
CA LYS A 188 7.20 -5.82 12.03
C LYS A 188 7.10 -6.11 13.52
N ALA A 189 7.40 -7.35 13.96
CA ALA A 189 7.51 -7.61 15.38
C ALA A 189 8.76 -6.94 15.98
N MET A 190 9.83 -6.78 15.19
CA MET A 190 10.99 -6.02 15.64
C MET A 190 10.65 -4.55 15.78
N GLN A 191 10.17 -3.95 14.69
CA GLN A 191 9.84 -2.53 14.71
C GLN A 191 8.88 -2.20 15.85
N MET A 192 7.81 -2.97 16.00
CA MET A 192 6.79 -2.76 17.02
C MET A 192 7.08 -3.46 18.35
N GLN A 193 8.34 -3.84 18.60
CA GLN A 193 8.76 -4.42 19.87
C GLN A 193 7.74 -5.43 20.41
N GLU A 194 7.49 -6.47 19.63
CA GLU A 194 6.60 -7.56 20.04
C GLU A 194 7.42 -8.84 20.21
N ARG A 195 7.88 -9.10 21.43
CA ARG A 195 8.82 -10.19 21.65
C ARG A 195 8.17 -11.55 21.35
N ASP A 196 6.97 -11.80 21.89
CA ASP A 196 6.36 -13.11 21.69
C ASP A 196 6.09 -13.36 20.20
N THR A 197 5.70 -12.32 19.47
CA THR A 197 5.38 -12.48 18.05
C THR A 197 6.63 -12.85 17.27
N LEU A 198 7.76 -12.22 17.58
CA LEU A 198 9.03 -12.50 16.91
C LEU A 198 9.52 -13.91 17.21
N LEU A 199 9.26 -14.41 18.42
CA LEU A 199 9.70 -15.75 18.78
C LEU A 199 8.91 -16.81 18.01
N LYS A 200 7.59 -16.64 17.89
CA LYS A 200 6.82 -17.62 17.12
C LYS A 200 7.23 -17.59 15.66
N ALA A 201 7.47 -16.39 15.14
CA ALA A 201 7.90 -16.23 13.75
C ALA A 201 9.19 -16.98 13.47
N LEU A 202 10.21 -16.81 14.33
CA LEU A 202 11.48 -17.49 14.09
C LEU A 202 11.32 -18.99 14.20
N LEU A 203 10.47 -19.44 15.11
CA LEU A 203 10.28 -20.88 15.29
C LEU A 203 9.53 -21.49 14.11
N GLU A 204 8.64 -20.72 13.48
CA GLU A 204 7.94 -21.20 12.30
C GLU A 204 8.90 -21.28 11.10
N ILE A 205 9.80 -20.30 11.00
CA ILE A 205 10.81 -20.33 9.94
C ILE A 205 11.67 -21.59 10.08
N ALA A 206 12.20 -21.85 11.29
CA ALA A 206 13.01 -23.05 11.48
C ALA A 206 12.22 -24.32 11.14
N SER A 207 10.94 -24.36 11.53
CA SER A 207 10.09 -25.51 11.22
C SER A 207 10.00 -25.75 9.72
N CYS A 208 9.78 -24.68 8.95
CA CYS A 208 9.63 -24.83 7.51
C CYS A 208 10.97 -25.15 6.86
N LEU A 209 12.05 -24.55 7.37
CA LEU A 209 13.38 -24.91 6.92
C LEU A 209 13.69 -26.37 7.18
N GLU A 210 13.11 -26.95 8.23
CA GLU A 210 13.31 -28.37 8.53
C GLU A 210 12.52 -29.25 7.57
N LYS A 211 11.31 -28.81 7.18
CA LYS A 211 10.53 -29.58 6.23
C LYS A 211 11.13 -29.49 4.83
N ALA A 212 11.68 -28.34 4.47
CA ALA A 212 12.32 -28.21 3.17
C ALA A 212 13.47 -29.21 3.02
N LEU A 213 14.17 -29.48 4.12
CA LEU A 213 15.27 -30.44 4.08
C LEU A 213 14.76 -31.86 3.89
N GLN A 214 13.59 -32.17 4.46
CA GLN A 214 13.06 -33.52 4.30
C GLN A 214 12.46 -33.72 2.91
N VAL A 215 11.93 -32.66 2.28
CA VAL A 215 11.57 -32.69 0.86
C VAL A 215 12.83 -32.90 0.03
N PHE A 216 13.95 -32.33 0.47
CA PHE A 216 15.21 -32.50 -0.24
C PHE A 216 15.65 -33.97 -0.36
N HIS A 217 15.30 -34.82 0.63
CA HIS A 217 15.66 -36.25 0.55
C HIS A 217 15.05 -36.93 -0.66
N GLN A 218 13.96 -36.41 -1.21
CA GLN A 218 13.34 -36.98 -2.40
C GLN A 218 14.22 -36.87 -3.65
N ILE A 219 15.39 -36.22 -3.60
CA ILE A 219 16.26 -36.26 -4.77
C ILE A 219 16.70 -37.71 -5.08
N HIS A 220 16.89 -38.55 -4.04
CA HIS A 220 17.23 -39.96 -4.28
C HIS A 220 16.08 -40.71 -4.93
N ASP A 221 14.84 -40.36 -4.59
CA ASP A 221 13.68 -41.04 -5.14
C ASP A 221 13.56 -40.89 -6.66
N HIS A 222 14.10 -39.79 -7.23
CA HIS A 222 13.76 -39.40 -8.59
C HIS A 222 14.96 -39.07 -9.47
N VAL A 223 16.18 -39.08 -8.94
CA VAL A 223 17.34 -38.68 -9.72
C VAL A 223 18.44 -39.70 -9.49
N ASN A 224 18.97 -40.17 -10.53
CA ASN A 224 19.97 -41.20 -10.54
C ASN A 224 21.35 -40.60 -10.81
N PRO A 225 22.33 -40.84 -9.92
CA PRO A 225 23.65 -40.19 -10.07
C PRO A 225 24.28 -40.29 -11.45
N LYS A 226 24.27 -41.48 -12.07
CA LYS A 226 24.92 -41.65 -13.37
C LYS A 226 24.22 -40.84 -14.46
N ALA A 227 22.89 -40.80 -14.43
CA ALA A 227 22.14 -39.94 -15.36
C ALA A 227 22.51 -38.47 -15.16
N PHE A 228 22.44 -37.98 -13.91
CA PHE A 228 22.72 -36.57 -13.69
C PHE A 228 24.14 -36.22 -14.08
N PHE A 229 25.12 -37.01 -13.62
CA PHE A 229 26.49 -36.63 -13.85
C PHE A 229 26.84 -36.69 -15.33
N SER A 230 26.41 -37.73 -16.04
CA SER A 230 26.96 -37.90 -17.38
C SER A 230 26.04 -37.41 -18.51
N VAL A 231 24.81 -37.00 -18.20
CA VAL A 231 23.89 -36.49 -19.21
C VAL A 231 23.44 -35.07 -18.84
N LEU A 232 22.73 -34.94 -17.73
CA LEU A 232 22.06 -33.66 -17.47
C LEU A 232 23.06 -32.57 -17.11
N ARG A 233 24.04 -32.89 -16.25
CA ARG A 233 25.02 -31.90 -15.85
C ARG A 233 25.60 -31.16 -17.06
N ILE A 234 25.70 -31.86 -18.21
CA ILE A 234 26.34 -31.30 -19.40
C ILE A 234 25.51 -30.16 -19.96
N TYR A 235 24.20 -30.38 -20.05
CA TYR A 235 23.33 -29.37 -20.64
C TYR A 235 23.09 -28.18 -19.72
N LEU A 236 23.42 -28.28 -18.43
CA LEU A 236 23.35 -27.16 -17.48
C LEU A 236 24.67 -26.43 -17.34
N SER A 237 25.71 -26.91 -17.98
CA SER A 237 27.01 -26.28 -17.93
C SER A 237 27.07 -25.00 -18.76
N GLY A 238 27.96 -24.09 -18.36
CA GLY A 238 28.08 -22.80 -18.98
C GLY A 238 29.42 -22.61 -19.66
N TRP A 239 29.68 -21.34 -20.00
CA TRP A 239 30.89 -20.98 -20.73
C TRP A 239 31.63 -19.83 -20.02
N LYS A 240 31.84 -19.96 -18.70
CA LYS A 240 32.68 -19.04 -17.94
C LYS A 240 33.76 -19.86 -17.26
N GLY A 241 35.02 -19.59 -17.61
CA GLY A 241 36.10 -20.43 -17.14
C GLY A 241 35.97 -21.85 -17.59
N ASN A 242 35.35 -22.07 -18.76
CA ASN A 242 35.14 -23.42 -19.27
C ASN A 242 36.13 -23.66 -20.39
N PRO A 243 37.01 -24.66 -20.27
CA PRO A 243 38.07 -24.84 -21.27
C PRO A 243 37.56 -25.21 -22.64
N GLN A 244 36.39 -25.87 -22.73
CA GLN A 244 35.82 -26.18 -24.04
C GLN A 244 35.42 -24.91 -24.81
N LEU A 245 34.99 -23.85 -24.10
CA LEU A 245 34.66 -22.54 -24.70
C LEU A 245 35.45 -21.48 -23.94
N SER A 246 36.76 -21.39 -24.22
CA SER A 246 37.66 -20.63 -23.35
C SER A 246 37.39 -19.13 -23.39
N ASP A 247 36.86 -18.60 -24.51
CA ASP A 247 36.54 -17.17 -24.60
C ASP A 247 35.07 -16.88 -24.35
N GLY A 248 34.27 -17.89 -24.06
CA GLY A 248 32.83 -17.71 -24.05
C GLY A 248 32.19 -18.02 -25.39
N LEU A 249 30.98 -17.49 -25.54
CA LEU A 249 30.09 -17.78 -26.66
C LEU A 249 29.92 -16.50 -27.46
N VAL A 250 30.00 -16.61 -28.78
CA VAL A 250 29.63 -15.48 -29.61
C VAL A 250 28.12 -15.50 -29.79
N TYR A 251 27.45 -14.45 -29.35
CA TYR A 251 26.03 -14.25 -29.61
C TYR A 251 25.90 -13.47 -30.91
N GLU A 252 25.93 -14.19 -32.04
CA GLU A 252 26.06 -13.59 -33.36
C GLU A 252 24.97 -12.58 -33.67
N GLY A 253 25.39 -11.46 -34.28
CA GLY A 253 24.50 -10.38 -34.62
C GLY A 253 24.12 -9.47 -33.46
N PHE A 254 24.53 -9.80 -32.23
CA PHE A 254 24.18 -8.97 -31.10
C PHE A 254 25.41 -8.35 -30.45
N TRP A 255 26.36 -9.15 -29.98
CA TRP A 255 27.65 -8.63 -29.57
C TRP A 255 28.73 -9.15 -30.52
N GLU A 256 29.76 -8.33 -30.70
CA GLU A 256 30.82 -8.66 -31.64
C GLU A 256 31.78 -9.72 -31.09
N ASP A 257 32.24 -9.54 -29.80
CA ASP A 257 33.15 -10.43 -29.08
C ASP A 257 32.39 -11.51 -28.31
N PRO A 258 33.03 -12.67 -28.12
CA PRO A 258 32.39 -13.71 -27.29
C PRO A 258 32.21 -13.23 -25.86
N LYS A 259 31.18 -13.75 -25.21
CA LYS A 259 30.87 -13.39 -23.84
C LYS A 259 30.80 -14.64 -22.97
N GLU A 260 31.27 -14.51 -21.74
CA GLU A 260 31.29 -15.61 -20.80
C GLU A 260 30.12 -15.51 -19.82
N PHE A 261 29.42 -16.63 -19.61
CA PHE A 261 28.41 -16.70 -18.57
C PHE A 261 28.46 -18.05 -17.89
N ALA A 262 28.19 -18.06 -16.58
CA ALA A 262 28.24 -19.26 -15.78
C ALA A 262 27.05 -20.16 -16.04
N GLY A 263 27.29 -21.47 -15.91
CA GLY A 263 26.24 -22.46 -16.00
C GLY A 263 25.34 -22.49 -14.76
N GLY A 264 24.28 -23.28 -14.85
CA GLY A 264 23.25 -23.23 -13.84
C GLY A 264 23.68 -23.86 -12.53
N SER A 265 23.01 -23.42 -11.47
CA SER A 265 23.28 -23.90 -10.12
C SER A 265 22.23 -23.31 -9.20
N ALA A 266 21.78 -24.10 -8.21
CA ALA A 266 20.85 -23.48 -7.27
C ALA A 266 21.55 -22.58 -6.28
N GLY A 267 22.85 -22.31 -6.48
CA GLY A 267 23.41 -21.07 -5.99
C GLY A 267 22.57 -19.90 -6.48
N GLN A 268 22.01 -20.04 -7.70
CA GLN A 268 21.05 -19.11 -8.28
C GLN A 268 19.71 -19.14 -7.58
N SER A 269 19.44 -20.13 -6.72
CA SER A 269 18.23 -20.07 -5.92
C SER A 269 18.40 -19.04 -4.84
N SER A 270 17.42 -18.15 -4.69
CA SER A 270 17.46 -17.13 -3.66
C SER A 270 17.17 -17.69 -2.26
N VAL A 271 16.81 -18.97 -2.14
CA VAL A 271 16.28 -19.46 -0.87
C VAL A 271 17.37 -19.56 0.18
N PHE A 272 18.54 -20.11 -0.17
CA PHE A 272 19.59 -20.12 0.83
C PHE A 272 20.12 -18.70 1.07
N GLN A 273 20.17 -17.86 0.02
CA GLN A 273 20.65 -16.49 0.22
C GLN A 273 19.63 -15.66 0.98
N CYS A 274 18.35 -16.00 0.85
CA CYS A 274 17.31 -15.33 1.61
C CYS A 274 17.59 -15.40 3.11
N PHE A 275 17.75 -16.61 3.64
CA PHE A 275 17.94 -16.75 5.07
C PHE A 275 19.33 -16.38 5.56
N ASP A 276 20.37 -16.41 4.73
CA ASP A 276 21.63 -15.80 5.12
C ASP A 276 21.44 -14.33 5.49
N VAL A 277 20.77 -13.56 4.61
CA VAL A 277 20.61 -12.13 4.83
C VAL A 277 19.73 -11.88 6.04
N LEU A 278 18.57 -12.53 6.08
CA LEU A 278 17.68 -12.48 7.24
C LEU A 278 18.42 -12.66 8.56
N LEU A 279 19.08 -13.79 8.72
CA LEU A 279 19.72 -14.12 9.98
C LEU A 279 21.05 -13.41 10.16
N GLY A 280 21.38 -12.48 9.27
CA GLY A 280 22.62 -11.71 9.42
C GLY A 280 23.89 -12.52 9.29
N ILE A 281 23.89 -13.56 8.46
CA ILE A 281 25.09 -14.36 8.28
C ILE A 281 25.92 -13.73 7.19
N GLN A 282 27.21 -13.62 7.46
CA GLN A 282 28.09 -12.71 6.73
C GLN A 282 28.78 -13.44 5.58
N GLN A 283 27.97 -13.89 4.62
CA GLN A 283 28.47 -14.70 3.50
C GLN A 283 29.11 -13.84 2.41
N THR A 284 28.34 -12.91 1.83
CA THR A 284 28.82 -12.08 0.73
C THR A 284 29.62 -10.85 1.20
N ALA A 285 30.01 -10.80 2.49
CA ALA A 285 30.84 -9.73 3.00
C ALA A 285 32.28 -10.23 3.08
N GLY A 286 33.18 -9.55 2.39
CA GLY A 286 34.58 -9.89 2.27
C GLY A 286 35.04 -9.76 0.83
N GLY A 287 36.20 -10.35 0.54
CA GLY A 287 36.74 -10.34 -0.81
C GLY A 287 37.23 -11.71 -1.23
N GLY A 288 37.08 -12.70 -0.35
CA GLY A 288 37.43 -14.07 -0.63
C GLY A 288 36.64 -14.62 -1.80
N HIS A 289 36.98 -15.83 -2.25
CA HIS A 289 36.32 -16.34 -3.44
C HIS A 289 34.91 -16.85 -3.16
N ALA A 290 34.60 -17.23 -1.91
CA ALA A 290 33.25 -17.68 -1.58
C ALA A 290 32.26 -16.52 -1.62
N ALA A 291 32.67 -15.34 -1.15
CA ALA A 291 31.76 -14.21 -1.18
C ALA A 291 31.55 -13.71 -2.60
N GLN A 292 32.61 -13.69 -3.41
CA GLN A 292 32.48 -13.17 -4.75
C GLN A 292 31.56 -14.04 -5.59
N PHE A 293 31.65 -15.37 -5.44
CA PHE A 293 30.78 -16.26 -6.19
C PHE A 293 29.32 -16.03 -5.81
N LEU A 294 29.04 -15.97 -4.50
CA LEU A 294 27.65 -15.82 -4.07
C LEU A 294 27.06 -14.50 -4.57
N GLN A 295 27.88 -13.45 -4.64
CA GLN A 295 27.37 -12.18 -5.17
C GLN A 295 27.25 -12.23 -6.69
N ASP A 296 28.19 -12.91 -7.36
CA ASP A 296 28.06 -13.08 -8.82
C ASP A 296 26.80 -13.89 -9.18
N MET A 297 26.45 -14.88 -8.38
CA MET A 297 25.25 -15.69 -8.68
C MET A 297 23.97 -14.88 -8.56
N ARG A 298 24.00 -13.74 -7.87
CA ARG A 298 22.82 -12.88 -7.77
C ARG A 298 22.49 -12.19 -9.08
N ARG A 299 23.46 -12.08 -10.00
CA ARG A 299 23.15 -11.63 -11.36
C ARG A 299 22.40 -12.65 -12.20
N TYR A 300 22.19 -13.87 -11.72
CA TYR A 300 21.44 -14.87 -12.45
C TYR A 300 20.05 -15.09 -11.89
N MET A 301 19.66 -14.29 -10.94
CA MET A 301 18.34 -14.36 -10.34
C MET A 301 17.42 -13.34 -10.96
N PRO A 302 16.12 -13.60 -11.03
CA PRO A 302 15.18 -12.59 -11.55
C PRO A 302 15.38 -11.26 -10.85
N PRO A 303 15.21 -10.12 -11.55
CA PRO A 303 15.48 -8.81 -10.92
C PRO A 303 14.67 -8.56 -9.67
N ALA A 304 13.36 -8.89 -9.67
CA ALA A 304 12.54 -8.71 -8.48
C ALA A 304 13.12 -9.47 -7.29
N HIS A 305 13.70 -10.66 -7.53
CA HIS A 305 14.26 -11.43 -6.43
C HIS A 305 15.61 -10.88 -5.99
N ARG A 306 16.42 -10.43 -6.94
CA ARG A 306 17.59 -9.63 -6.62
C ARG A 306 17.21 -8.46 -5.72
N ASN A 307 16.21 -7.66 -6.10
CA ASN A 307 15.84 -6.50 -5.31
C ASN A 307 15.34 -6.90 -3.93
N PHE A 308 14.65 -8.05 -3.84
CA PHE A 308 14.17 -8.52 -2.54
C PHE A 308 15.33 -8.80 -1.60
N LEU A 309 16.35 -9.50 -2.09
CA LEU A 309 17.49 -9.80 -1.24
C LEU A 309 18.19 -8.54 -0.79
N CYS A 310 18.26 -7.53 -1.67
CA CYS A 310 18.89 -6.26 -1.29
C CYS A 310 18.03 -5.49 -0.31
N SER A 311 16.71 -5.49 -0.51
CA SER A 311 15.81 -4.86 0.44
C SER A 311 15.97 -5.42 1.85
N LEU A 312 16.15 -6.74 1.98
CA LEU A 312 16.39 -7.35 3.28
C LEU A 312 17.74 -6.92 3.84
N GLU A 313 18.76 -6.81 2.99
CA GLU A 313 20.10 -6.46 3.45
C GLU A 313 20.15 -5.11 4.15
N SER A 314 19.21 -4.22 3.84
CA SER A 314 19.23 -2.86 4.33
C SER A 314 18.38 -2.66 5.57
N ASN A 315 17.48 -3.60 5.86
CA ASN A 315 16.70 -3.55 7.08
C ASN A 315 17.58 -3.66 8.32
N PRO A 316 17.06 -3.34 9.49
CA PRO A 316 17.84 -3.58 10.71
C PRO A 316 18.12 -5.07 10.89
N SER A 317 19.27 -5.36 11.49
CA SER A 317 19.68 -6.74 11.66
C SER A 317 18.76 -7.50 12.60
N VAL A 318 18.29 -8.67 12.16
CA VAL A 318 17.63 -9.57 13.10
C VAL A 318 18.62 -10.10 14.12
N ARG A 319 19.86 -10.36 13.69
CA ARG A 319 20.84 -10.92 14.60
C ARG A 319 21.21 -9.92 15.70
N GLU A 320 21.36 -8.65 15.35
CA GLU A 320 21.63 -7.60 16.34
C GLU A 320 20.53 -7.55 17.40
N PHE A 321 19.28 -7.50 16.96
CA PHE A 321 18.14 -7.43 17.88
C PHE A 321 18.20 -8.56 18.90
N VAL A 322 18.19 -9.82 18.44
CA VAL A 322 18.23 -10.96 19.37
C VAL A 322 19.47 -10.92 20.25
N LEU A 323 20.60 -10.45 19.71
CA LEU A 323 21.83 -10.41 20.50
C LEU A 323 21.79 -9.35 21.58
N SER A 324 20.91 -8.36 21.44
CA SER A 324 20.93 -7.21 22.32
C SER A 324 19.95 -7.29 23.49
N LYS A 325 19.13 -8.32 23.57
CA LYS A 325 18.00 -8.27 24.48
C LYS A 325 18.03 -9.33 25.56
N GLY A 326 19.18 -9.98 25.77
CA GLY A 326 19.37 -10.83 26.94
C GLY A 326 18.26 -11.83 27.17
N ASP A 327 17.74 -12.42 26.09
CA ASP A 327 16.48 -13.16 26.09
C ASP A 327 16.82 -14.55 25.58
N ALA A 328 16.89 -15.53 26.48
CA ALA A 328 17.42 -16.82 26.03
C ALA A 328 16.42 -17.55 25.13
N GLY A 329 15.12 -17.31 25.28
CA GLY A 329 14.14 -17.90 24.38
C GLY A 329 14.29 -17.40 22.96
N LEU A 330 14.47 -16.07 22.80
CA LEU A 330 14.75 -15.47 21.51
C LEU A 330 16.01 -16.06 20.87
N ARG A 331 17.08 -16.17 21.65
CA ARG A 331 18.33 -16.70 21.13
C ARG A 331 18.19 -18.16 20.70
N GLU A 332 17.40 -18.93 21.43
CA GLU A 332 17.13 -20.31 21.01
C GLU A 332 16.37 -20.35 19.69
N ALA A 333 15.41 -19.43 19.51
CA ALA A 333 14.63 -19.43 18.27
C ALA A 333 15.52 -19.08 17.08
N TYR A 334 16.34 -18.04 17.22
CA TYR A 334 17.28 -17.68 16.17
C TYR A 334 18.24 -18.84 15.87
N ASP A 335 18.67 -19.56 16.90
CA ASP A 335 19.62 -20.65 16.69
C ASP A 335 18.95 -21.83 15.98
N ALA A 336 17.68 -22.11 16.27
CA ALA A 336 16.98 -23.14 15.53
C ALA A 336 16.99 -22.85 14.02
N CYS A 337 16.88 -21.56 13.67
CA CYS A 337 16.96 -21.16 12.28
C CYS A 337 18.35 -21.38 11.70
N VAL A 338 19.38 -20.85 12.35
CA VAL A 338 20.74 -21.10 11.89
C VAL A 338 21.01 -22.60 11.78
N LYS A 339 20.43 -23.41 12.69
CA LYS A 339 20.72 -24.84 12.66
C LYS A 339 20.04 -25.53 11.47
N ALA A 340 18.79 -25.21 11.17
CA ALA A 340 18.18 -25.81 9.99
C ALA A 340 18.90 -25.37 8.72
N LEU A 341 19.44 -24.15 8.69
CA LEU A 341 20.27 -23.74 7.56
C LEU A 341 21.51 -24.62 7.45
N VAL A 342 22.22 -24.84 8.58
CA VAL A 342 23.42 -25.67 8.57
C VAL A 342 23.09 -27.10 8.15
N SER A 343 21.94 -27.61 8.59
CA SER A 343 21.55 -28.95 8.17
C SER A 343 21.34 -29.05 6.66
N LEU A 344 20.67 -28.04 6.08
CA LEU A 344 20.45 -28.04 4.63
C LEU A 344 21.76 -28.12 3.88
N ARG A 345 22.74 -27.28 4.27
CA ARG A 345 24.00 -27.22 3.55
C ARG A 345 24.85 -28.48 3.76
N SER A 346 24.76 -29.11 4.93
CA SER A 346 25.51 -30.36 5.14
C SER A 346 24.92 -31.48 4.30
N TYR A 347 23.60 -31.63 4.33
CA TYR A 347 22.95 -32.58 3.43
C TYR A 347 23.31 -32.31 1.98
N HIS A 348 23.43 -31.02 1.62
CA HIS A 348 23.80 -30.63 0.27
C HIS A 348 25.22 -31.10 -0.07
N LEU A 349 26.15 -30.94 0.87
CA LEU A 349 27.48 -31.52 0.75
C LEU A 349 27.40 -33.00 0.40
N GLN A 350 26.60 -33.74 1.17
CA GLN A 350 26.32 -35.13 0.87
C GLN A 350 25.87 -35.30 -0.58
N ILE A 351 24.95 -34.45 -1.04
CA ILE A 351 24.37 -34.62 -2.38
C ILE A 351 25.45 -34.42 -3.43
N VAL A 352 26.32 -33.43 -3.23
CA VAL A 352 27.38 -33.16 -4.19
C VAL A 352 28.38 -34.31 -4.21
N THR A 353 28.49 -35.05 -3.10
CA THR A 353 29.36 -36.21 -3.08
C THR A 353 28.73 -37.36 -3.87
N LYS A 354 27.44 -37.66 -3.66
CA LYS A 354 26.79 -38.79 -4.35
C LYS A 354 26.60 -38.52 -5.84
N TYR A 355 26.36 -37.25 -6.25
CA TYR A 355 25.97 -36.97 -7.62
C TYR A 355 27.10 -36.40 -8.46
N ILE A 356 28.18 -35.93 -7.85
CA ILE A 356 29.28 -35.38 -8.64
C ILE A 356 30.60 -36.08 -8.35
N LEU A 357 31.07 -36.03 -7.09
CA LEU A 357 32.44 -36.45 -6.79
C LEU A 357 32.63 -37.94 -7.03
N ILE A 358 31.68 -38.75 -6.58
CA ILE A 358 31.80 -40.18 -6.79
C ILE A 358 31.69 -40.47 -8.30
N PRO A 359 30.65 -40.02 -9.03
CA PRO A 359 30.63 -40.34 -10.47
C PRO A 359 31.80 -39.73 -11.25
N ALA A 360 32.42 -38.65 -10.76
CA ALA A 360 33.58 -38.07 -11.43
C ALA A 360 34.70 -39.09 -11.57
N SER A 361 34.85 -39.97 -10.58
CA SER A 361 35.87 -41.01 -10.57
C SER A 361 35.39 -42.33 -11.19
N GLN A 362 34.66 -42.32 -12.32
CA GLN A 362 34.20 -43.56 -12.96
C GLN A 362 34.07 -43.35 -14.46
N GLY A 382 40.99 -30.36 -8.56
CA GLY A 382 40.49 -29.37 -9.51
C GLY A 382 39.01 -29.04 -9.35
N GLY A 383 38.22 -30.08 -9.08
CA GLY A 383 36.86 -29.94 -8.60
C GLY A 383 36.88 -30.15 -7.10
N THR A 384 38.05 -29.94 -6.54
CA THR A 384 38.27 -29.87 -5.10
C THR A 384 38.13 -28.45 -4.58
N ASP A 385 38.16 -27.45 -5.47
CA ASP A 385 37.72 -26.10 -5.13
C ASP A 385 36.20 -26.00 -5.03
N LEU A 386 35.50 -26.94 -5.64
CA LEU A 386 34.06 -27.08 -5.44
C LEU A 386 33.74 -27.31 -3.97
N MET A 387 34.31 -28.37 -3.41
CA MET A 387 34.01 -28.74 -2.03
C MET A 387 34.57 -27.72 -1.03
N ASN A 388 35.69 -27.07 -1.34
CA ASN A 388 36.22 -26.05 -0.45
C ASN A 388 35.31 -24.85 -0.39
N PHE A 389 34.65 -24.52 -1.50
CA PHE A 389 33.65 -23.46 -1.47
C PHE A 389 32.47 -23.84 -0.59
N LEU A 390 31.89 -25.03 -0.80
CA LEU A 390 30.70 -25.41 -0.06
C LEU A 390 31.00 -25.58 1.43
N LYS A 391 32.17 -26.12 1.76
CA LYS A 391 32.52 -26.28 3.16
C LYS A 391 32.75 -24.93 3.83
N THR A 392 33.30 -23.97 3.10
CA THR A 392 33.47 -22.64 3.67
C THR A 392 32.14 -21.96 3.94
N VAL A 393 31.17 -22.15 3.05
CA VAL A 393 29.87 -21.51 3.25
C VAL A 393 29.13 -22.16 4.42
N ARG A 394 29.17 -23.48 4.49
CA ARG A 394 28.54 -24.14 5.62
C ARG A 394 29.18 -23.74 6.93
N SER A 395 30.52 -23.68 6.94
CA SER A 395 31.27 -23.29 8.13
C SER A 395 30.89 -21.89 8.58
N THR A 396 30.89 -20.93 7.64
CA THR A 396 30.46 -19.58 7.95
C THR A 396 29.06 -19.57 8.56
N THR A 397 28.15 -20.37 8.01
CA THR A 397 26.82 -20.50 8.58
C THR A 397 26.87 -20.97 10.03
N GLU A 398 27.56 -22.09 10.30
CA GLU A 398 27.52 -22.61 11.66
C GLU A 398 28.25 -21.70 12.65
N LYS A 399 29.16 -20.85 12.15
CA LYS A 399 29.81 -19.85 13.00
C LYS A 399 28.84 -18.82 13.56
N SER A 400 27.69 -18.61 12.91
CA SER A 400 26.75 -17.63 13.40
C SER A 400 25.90 -18.16 14.55
N LEU A 401 26.08 -19.41 14.96
CA LEU A 401 25.33 -19.91 16.09
C LEU A 401 25.64 -19.09 17.34
N LEU A 402 24.60 -18.84 18.15
CA LEU A 402 24.83 -18.06 19.38
C LEU A 402 25.34 -18.94 20.52
N LYS A 403 25.03 -20.23 20.50
CA LYS A 403 25.55 -21.15 21.50
C LYS A 403 25.98 -22.44 20.81
N GLU A 404 27.27 -22.77 20.91
CA GLU A 404 27.86 -23.97 20.31
C GLU A 404 27.30 -25.28 20.87
N ALA B 16 41.68 -1.41 -31.81
CA ALA B 16 42.20 -2.04 -30.60
C ALA B 16 41.16 -1.93 -29.47
N TYR B 17 41.31 -0.89 -28.66
CA TYR B 17 40.32 -0.54 -27.64
C TYR B 17 39.34 0.50 -28.12
N HIS B 18 39.13 0.59 -29.44
CA HIS B 18 38.42 1.71 -30.05
C HIS B 18 38.97 3.04 -29.54
N ILE B 19 40.28 3.21 -29.73
CA ILE B 19 40.97 4.46 -29.43
C ILE B 19 41.62 4.94 -30.72
N ASP B 20 41.10 6.02 -31.29
CA ASP B 20 41.64 6.58 -32.51
C ASP B 20 42.88 7.42 -32.20
N GLU B 21 43.93 7.27 -33.01
CA GLU B 21 45.17 7.98 -32.71
C GLU B 21 44.99 9.49 -32.84
N GLU B 22 44.09 9.93 -33.73
CA GLU B 22 43.83 11.34 -33.94
C GLU B 22 42.82 11.91 -32.95
N VAL B 23 41.65 11.27 -32.79
CA VAL B 23 40.58 11.83 -31.97
C VAL B 23 40.39 11.08 -30.64
N GLY B 24 41.20 10.06 -30.38
CA GLY B 24 41.24 9.51 -29.02
C GLY B 24 40.01 8.68 -28.73
N PHE B 25 39.30 9.01 -27.68
CA PHE B 25 38.12 8.31 -27.31
C PHE B 25 36.95 8.62 -28.18
N ALA B 26 37.01 9.73 -28.89
CA ALA B 26 35.91 10.11 -29.72
C ALA B 26 35.74 9.28 -30.97
N LEU B 27 34.55 9.24 -31.52
CA LEU B 27 34.29 8.44 -32.68
C LEU B 27 34.74 9.15 -33.94
N PRO B 28 35.63 8.53 -34.70
CA PRO B 28 36.15 9.15 -35.89
C PRO B 28 35.17 9.21 -36.95
N ASN B 29 35.00 10.37 -37.51
CA ASN B 29 34.09 10.63 -38.59
C ASN B 29 32.74 10.00 -38.58
N PRO B 30 31.91 10.42 -37.67
CA PRO B 30 30.56 9.96 -37.37
C PRO B 30 29.57 10.09 -38.47
N GLN B 31 28.68 9.16 -38.53
CA GLN B 31 27.65 9.13 -39.49
C GLN B 31 26.62 10.16 -39.19
N GLU B 32 26.08 10.81 -40.18
CA GLU B 32 25.08 11.81 -39.96
C GLU B 32 23.72 11.46 -40.35
N ASN B 33 23.53 10.44 -41.14
CA ASN B 33 22.21 10.09 -41.61
C ASN B 33 21.97 8.60 -41.47
N LEU B 34 20.82 8.25 -40.96
CA LEU B 34 20.53 6.84 -40.82
C LEU B 34 19.89 6.34 -42.11
N PRO B 35 19.91 5.02 -42.35
CA PRO B 35 19.22 4.46 -43.52
C PRO B 35 17.80 4.99 -43.65
N ASP B 36 17.33 5.14 -44.89
CA ASP B 36 15.98 5.67 -45.16
C ASP B 36 14.90 5.07 -44.26
N PHE B 37 14.99 3.76 -43.95
CA PHE B 37 14.12 3.03 -43.02
C PHE B 37 13.74 3.83 -41.79
N TYR B 38 14.67 4.64 -41.29
CA TYR B 38 14.53 5.37 -40.03
C TYR B 38 14.24 6.86 -40.20
N ASN B 39 13.76 7.28 -41.39
CA ASN B 39 13.46 8.70 -41.64
C ASN B 39 12.56 9.29 -40.58
N ASP B 40 11.64 8.50 -40.01
CA ASP B 40 10.75 9.06 -39.00
C ASP B 40 11.50 9.42 -37.72
N TRP B 41 12.53 8.66 -37.35
CA TRP B 41 13.34 9.12 -36.23
C TRP B 41 14.15 10.35 -36.65
N MET B 42 14.81 10.25 -37.80
CA MET B 42 15.68 11.33 -38.26
C MET B 42 14.93 12.66 -38.32
N PHE B 43 13.68 12.65 -38.79
CA PHE B 43 12.91 13.89 -38.84
C PHE B 43 12.78 14.53 -37.45
N ILE B 44 12.36 13.75 -36.45
CA ILE B 44 12.13 14.32 -35.12
C ILE B 44 13.42 14.88 -34.53
N ALA B 45 14.54 14.18 -34.72
CA ALA B 45 15.76 14.63 -34.05
C ALA B 45 16.33 15.84 -34.76
N LYS B 46 16.32 15.86 -36.09
CA LYS B 46 16.80 17.01 -36.84
C LYS B 46 15.99 18.29 -36.59
N HIS B 47 14.88 18.23 -35.85
CA HIS B 47 14.01 19.38 -35.64
C HIS B 47 13.55 19.52 -34.20
N LEU B 48 14.39 19.13 -33.24
CA LEU B 48 14.02 19.28 -31.84
C LEU B 48 13.72 20.73 -31.46
N PRO B 49 14.56 21.73 -31.81
CA PRO B 49 14.21 23.12 -31.42
C PRO B 49 12.83 23.53 -31.91
N ASP B 50 12.61 23.37 -33.20
CA ASP B 50 11.29 23.58 -33.78
C ASP B 50 10.20 22.87 -32.99
N LEU B 51 10.31 21.55 -32.90
CA LEU B 51 9.21 20.74 -32.39
C LEU B 51 9.01 20.93 -30.91
N ILE B 52 10.06 21.29 -30.16
CA ILE B 52 9.85 21.52 -28.74
C ILE B 52 9.16 22.86 -28.51
N GLU B 53 9.58 23.91 -29.24
CA GLU B 53 9.02 25.25 -29.05
C GLU B 53 7.50 25.25 -29.26
N SER B 54 7.04 24.62 -30.36
CA SER B 54 5.62 24.65 -30.69
C SER B 54 4.75 23.79 -29.76
N GLY B 55 5.32 23.05 -28.83
CA GLY B 55 4.52 22.16 -27.99
C GLY B 55 4.09 20.90 -28.73
N GLN B 56 4.79 20.58 -29.82
CA GLN B 56 4.45 19.57 -30.80
C GLN B 56 5.19 18.23 -30.63
N LEU B 57 6.25 18.18 -29.80
CA LEU B 57 7.22 17.10 -29.93
C LEU B 57 6.68 15.80 -29.35
N ARG B 58 6.11 15.85 -28.14
CA ARG B 58 5.52 14.67 -27.51
C ARG B 58 4.54 13.95 -28.44
N GLU B 59 3.62 14.71 -29.05
CA GLU B 59 2.61 14.11 -29.90
C GLU B 59 3.24 13.29 -31.02
N ARG B 60 4.18 13.88 -31.75
CA ARG B 60 4.76 13.17 -32.87
C ARG B 60 5.61 11.97 -32.45
N VAL B 61 6.12 11.97 -31.21
CA VAL B 61 6.78 10.77 -30.70
C VAL B 61 5.76 9.66 -30.49
N GLU B 62 4.62 10.02 -29.90
CA GLU B 62 3.56 9.07 -29.60
C GLU B 62 2.92 8.45 -30.85
N LYS B 63 3.19 8.97 -32.04
CA LYS B 63 2.63 8.45 -33.28
C LYS B 63 3.63 7.65 -34.09
N LEU B 64 4.89 7.62 -33.69
CA LEU B 64 5.84 6.81 -34.42
C LEU B 64 5.36 5.36 -34.47
N ASN B 65 5.56 4.72 -35.62
CA ASN B 65 5.47 3.27 -35.66
C ASN B 65 6.66 2.67 -34.96
N MET B 66 6.52 1.40 -34.61
CA MET B 66 7.63 0.64 -34.04
C MET B 66 8.55 0.20 -35.16
N LEU B 67 9.78 0.71 -35.17
CA LEU B 67 10.77 0.33 -36.17
C LEU B 67 11.80 -0.60 -35.55
N SER B 68 12.01 -1.75 -36.16
CA SER B 68 13.01 -2.70 -35.70
C SER B 68 14.42 -2.14 -35.94
N ILE B 69 15.36 -2.58 -35.11
CA ILE B 69 16.73 -2.11 -35.20
C ILE B 69 17.50 -3.06 -36.10
N ASP B 70 16.77 -3.98 -36.76
CA ASP B 70 17.37 -4.93 -37.71
C ASP B 70 18.19 -4.23 -38.77
N HIS B 71 17.79 -3.04 -39.18
CA HIS B 71 18.41 -2.34 -40.28
C HIS B 71 19.59 -1.47 -39.88
N LEU B 72 20.10 -1.58 -38.64
CA LEU B 72 21.31 -0.88 -38.23
C LEU B 72 22.46 -1.88 -38.31
N THR B 73 23.31 -1.74 -39.31
CA THR B 73 24.14 -2.87 -39.68
C THR B 73 25.60 -2.71 -39.32
N ASP B 74 26.05 -1.54 -38.86
CA ASP B 74 27.44 -1.35 -38.48
C ASP B 74 27.49 -0.52 -37.20
N HIS B 75 28.69 -0.44 -36.61
CA HIS B 75 28.85 0.32 -35.38
C HIS B 75 28.40 1.76 -35.56
N LYS B 76 28.81 2.38 -36.67
CA LYS B 76 28.51 3.78 -36.87
C LYS B 76 27.02 4.04 -37.02
N SER B 77 26.26 3.12 -37.62
CA SER B 77 24.81 3.32 -37.70
C SER B 77 24.17 3.22 -36.34
N GLN B 78 24.71 2.33 -35.49
CA GLN B 78 24.16 2.14 -34.16
C GLN B 78 24.53 3.30 -33.23
N ARG B 79 25.75 3.81 -33.32
CA ARG B 79 26.10 4.98 -32.51
C ARG B 79 25.21 6.19 -32.87
N LEU B 80 24.98 6.43 -34.16
CA LEU B 80 24.13 7.54 -34.57
C LEU B 80 22.68 7.34 -34.10
N ALA B 81 22.16 6.11 -34.27
CA ALA B 81 20.82 5.80 -33.80
C ALA B 81 20.69 5.98 -32.29
N ARG B 82 21.76 5.73 -31.54
CA ARG B 82 21.68 6.02 -30.10
C ARG B 82 21.60 7.51 -29.85
N LEU B 83 22.43 8.28 -30.56
CA LEU B 83 22.34 9.74 -30.44
C LEU B 83 20.92 10.23 -30.74
N VAL B 84 20.32 9.75 -31.84
CA VAL B 84 18.97 10.18 -32.24
C VAL B 84 17.95 9.87 -31.13
N LEU B 85 17.86 8.59 -30.75
CA LEU B 85 16.89 8.19 -29.72
C LEU B 85 17.22 8.79 -28.36
N GLY B 86 18.51 8.93 -28.06
CA GLY B 86 18.90 9.64 -26.85
C GLY B 86 18.34 11.05 -26.79
N CYS B 87 18.57 11.85 -27.86
CA CYS B 87 18.06 13.22 -27.87
C CYS B 87 16.54 13.25 -27.89
N ILE B 88 15.88 12.37 -28.67
CA ILE B 88 14.42 12.35 -28.66
C ILE B 88 13.92 12.09 -27.25
N THR B 89 14.55 11.14 -26.56
CA THR B 89 14.12 10.77 -25.22
C THR B 89 14.22 11.95 -24.24
N MET B 90 15.31 12.72 -24.26
CA MET B 90 15.39 13.84 -23.32
C MET B 90 14.36 14.92 -23.66
N ALA B 91 14.22 15.27 -24.95
CA ALA B 91 13.18 16.20 -25.37
C ALA B 91 11.80 15.73 -24.93
N TYR B 92 11.56 14.41 -24.95
CA TYR B 92 10.25 13.90 -24.57
C TYR B 92 10.06 13.93 -23.07
N VAL B 93 11.07 13.48 -22.33
CA VAL B 93 10.91 13.43 -20.88
C VAL B 93 10.79 14.85 -20.31
N TRP B 94 11.73 15.74 -20.65
CA TRP B 94 11.75 17.06 -20.06
C TRP B 94 10.88 18.09 -20.80
N GLY B 95 10.50 17.79 -22.03
CA GLY B 95 9.60 18.67 -22.76
C GLY B 95 10.15 20.05 -23.03
N LYS B 96 9.65 21.03 -22.28
CA LYS B 96 9.93 22.43 -22.55
C LYS B 96 10.91 23.07 -21.59
N GLY B 97 11.15 22.46 -20.44
CA GLY B 97 12.15 23.00 -19.54
C GLY B 97 11.69 23.30 -18.13
N HIS B 98 10.37 23.32 -17.90
CA HIS B 98 9.84 23.77 -16.61
C HIS B 98 8.76 22.81 -16.14
N GLY B 99 9.17 21.75 -15.44
CA GLY B 99 8.27 20.97 -14.61
C GLY B 99 7.29 20.01 -15.26
N ASP B 100 6.89 20.26 -16.51
CA ASP B 100 5.93 19.39 -17.21
C ASP B 100 6.68 18.17 -17.75
N VAL B 101 6.84 17.16 -16.92
CA VAL B 101 7.65 15.99 -17.26
C VAL B 101 6.75 14.81 -17.59
N ARG B 102 7.14 14.03 -18.60
CA ARG B 102 6.57 12.71 -18.85
C ARG B 102 7.43 11.65 -18.21
N LYS B 103 6.79 10.73 -17.46
CA LYS B 103 7.47 9.69 -16.70
C LYS B 103 7.33 8.31 -17.33
N VAL B 104 6.69 8.21 -18.48
CA VAL B 104 6.64 6.95 -19.22
C VAL B 104 7.11 7.23 -20.63
N LEU B 105 8.03 6.40 -21.12
CA LEU B 105 8.54 6.56 -22.48
C LEU B 105 7.80 5.61 -23.40
N PRO B 106 7.14 6.09 -24.45
CA PRO B 106 6.31 5.22 -25.29
C PRO B 106 7.07 4.01 -25.81
N ARG B 107 6.39 2.84 -25.77
CA ARG B 107 6.79 1.56 -26.34
C ARG B 107 7.60 1.74 -27.61
N ASN B 108 7.04 2.47 -28.56
CA ASN B 108 7.62 2.43 -29.88
C ASN B 108 8.97 3.12 -29.93
N ILE B 109 9.30 3.88 -28.90
CA ILE B 109 10.64 4.41 -28.76
C ILE B 109 11.42 3.66 -27.68
N ALA B 110 10.77 3.31 -26.57
CA ALA B 110 11.43 2.60 -25.47
C ALA B 110 12.06 1.29 -25.94
N VAL B 111 11.29 0.48 -26.67
CA VAL B 111 11.73 -0.88 -27.03
C VAL B 111 12.95 -0.87 -27.95
N PRO B 112 12.94 -0.23 -29.14
CA PRO B 112 14.18 -0.28 -29.95
C PRO B 112 15.36 0.43 -29.30
N TYR B 113 15.11 1.49 -28.52
CA TYR B 113 16.18 2.17 -27.78
C TYR B 113 16.81 1.24 -26.75
N CYS B 114 15.97 0.51 -26.01
CA CYS B 114 16.49 -0.40 -25.01
C CYS B 114 17.24 -1.58 -25.65
N GLN B 115 16.68 -2.15 -26.72
CA GLN B 115 17.34 -3.25 -27.42
C GLN B 115 18.70 -2.82 -27.95
N LEU B 116 18.72 -1.68 -28.63
CA LEU B 116 19.95 -1.11 -29.16
C LEU B 116 20.95 -0.78 -28.05
N SER B 117 20.49 -0.25 -26.92
CA SER B 117 21.42 -0.01 -25.82
C SER B 117 21.95 -1.34 -25.24
N ALA B 118 21.12 -2.39 -25.17
CA ALA B 118 21.64 -3.68 -24.70
C ALA B 118 22.75 -4.19 -25.63
N ALA B 119 22.60 -3.98 -26.93
CA ALA B 119 23.60 -4.44 -27.90
C ALA B 119 24.91 -3.65 -27.78
N LEU B 120 24.84 -2.33 -27.52
CA LEU B 120 26.03 -1.51 -27.35
C LEU B 120 26.51 -1.47 -25.92
N GLU B 121 25.82 -2.19 -25.02
CA GLU B 121 26.20 -2.28 -23.62
C GLU B 121 26.24 -0.89 -22.94
N LEU B 122 25.21 -0.09 -23.17
CA LEU B 122 25.12 1.24 -22.58
C LEU B 122 23.72 1.43 -22.05
N PRO B 123 23.55 2.25 -21.01
CA PRO B 123 22.20 2.44 -20.45
C PRO B 123 21.37 3.27 -21.40
N PRO B 124 20.05 3.10 -21.40
CA PRO B 124 19.18 3.82 -22.35
C PRO B 124 18.84 5.22 -21.85
N ILE B 125 19.88 6.05 -21.84
CA ILE B 125 19.82 7.47 -21.53
C ILE B 125 20.99 8.10 -22.27
N LEU B 126 20.80 9.36 -22.68
CA LEU B 126 21.84 10.09 -23.40
C LEU B 126 23.09 10.23 -22.55
N VAL B 127 24.25 9.82 -23.11
CA VAL B 127 25.51 9.83 -22.37
C VAL B 127 26.51 10.64 -23.17
N TYR B 128 27.57 11.03 -22.45
CA TYR B 128 28.71 11.78 -22.99
C TYR B 128 29.21 11.21 -24.33
N ALA B 129 29.31 9.89 -24.43
CA ALA B 129 29.80 9.27 -25.67
C ALA B 129 28.80 9.39 -26.83
N ASP B 130 27.51 9.66 -26.55
CA ASP B 130 26.57 9.99 -27.63
C ASP B 130 26.75 11.45 -28.07
N CYS B 131 26.48 12.39 -27.15
CA CYS B 131 26.25 13.77 -27.54
C CYS B 131 27.53 14.59 -27.60
N VAL B 132 28.67 14.02 -27.21
CA VAL B 132 29.97 14.59 -27.53
C VAL B 132 30.69 13.74 -28.55
N LEU B 133 30.93 12.46 -28.23
CA LEU B 133 31.86 11.65 -29.00
C LEU B 133 31.35 11.30 -30.39
N ALA B 134 30.03 11.20 -30.59
CA ALA B 134 29.44 10.86 -31.88
C ALA B 134 28.63 12.00 -32.52
N ASN B 135 28.56 13.16 -31.88
CA ASN B 135 27.64 14.21 -32.29
C ASN B 135 28.38 15.37 -32.98
N TRP B 136 29.17 15.08 -34.02
CA TRP B 136 29.96 16.15 -34.63
C TRP B 136 30.25 15.87 -36.11
N LYS B 137 30.64 16.93 -36.83
CA LYS B 137 31.03 16.87 -38.24
C LYS B 137 32.06 17.97 -38.57
N LYS B 138 32.92 17.69 -39.54
CA LYS B 138 33.66 18.77 -40.18
C LYS B 138 32.72 19.54 -41.12
N LYS B 139 32.82 20.88 -41.09
CA LYS B 139 32.18 21.68 -42.14
C LYS B 139 32.82 21.42 -43.49
N ASP B 140 34.14 21.43 -43.55
CA ASP B 140 34.94 21.31 -44.78
C ASP B 140 35.90 20.15 -44.60
N PRO B 141 35.77 19.05 -45.35
CA PRO B 141 36.59 17.85 -45.11
C PRO B 141 38.06 18.12 -45.22
N ASN B 142 38.40 19.17 -45.97
CA ASN B 142 39.80 19.51 -46.24
C ASN B 142 40.47 20.16 -45.02
N LYS B 143 39.78 21.10 -44.36
CA LYS B 143 40.37 21.84 -43.25
C LYS B 143 40.40 20.99 -41.98
N PRO B 144 41.22 21.35 -41.00
CA PRO B 144 41.43 20.45 -39.85
C PRO B 144 40.31 20.59 -38.82
N LEU B 145 40.48 19.85 -37.72
CA LEU B 145 39.53 19.78 -36.61
C LEU B 145 39.75 20.98 -35.68
N THR B 146 39.19 22.13 -36.04
CA THR B 146 39.13 23.27 -35.15
C THR B 146 37.68 23.74 -35.08
N TYR B 147 37.34 24.48 -34.03
CA TYR B 147 35.94 24.82 -33.79
C TYR B 147 35.33 25.50 -35.00
N GLU B 148 36.11 26.37 -35.66
CA GLU B 148 35.58 27.12 -36.79
C GLU B 148 35.23 26.21 -37.94
N ASN B 149 35.85 25.03 -38.03
CA ASN B 149 35.56 24.05 -39.06
C ASN B 149 34.64 22.91 -38.57
N MET B 150 33.83 23.10 -37.53
CA MET B 150 33.08 21.99 -36.97
C MET B 150 31.66 22.40 -36.61
N ASP B 151 30.75 21.41 -36.65
CA ASP B 151 29.40 21.56 -36.14
C ASP B 151 29.00 20.30 -35.38
N VAL B 152 27.96 20.45 -34.55
CA VAL B 152 27.26 19.32 -33.96
C VAL B 152 26.18 18.87 -34.94
N LEU B 153 25.75 17.60 -34.79
CA LEU B 153 24.66 17.06 -35.58
C LEU B 153 23.28 17.44 -35.05
N PHE B 154 23.08 17.47 -33.72
CA PHE B 154 21.77 17.75 -33.13
C PHE B 154 21.93 18.69 -31.95
N SER B 155 20.87 19.47 -31.70
CA SER B 155 20.73 20.40 -30.58
C SER B 155 19.34 20.24 -29.99
N PHE B 156 19.11 20.87 -28.84
CA PHE B 156 17.79 20.82 -28.20
C PHE B 156 16.92 22.07 -28.44
N ARG B 157 17.36 23.25 -27.96
CA ARG B 157 16.66 24.50 -28.15
C ARG B 157 17.56 25.50 -28.88
N ASP B 158 16.95 26.41 -29.65
CA ASP B 158 17.71 27.53 -30.20
C ASP B 158 18.29 28.35 -29.06
N GLY B 159 19.56 28.72 -29.21
CA GLY B 159 20.22 29.42 -28.13
C GLY B 159 20.61 28.60 -26.91
N ASP B 160 20.56 27.26 -26.99
CA ASP B 160 21.01 26.49 -25.83
C ASP B 160 22.53 26.38 -25.73
N CYS B 161 23.27 26.88 -26.73
CA CYS B 161 24.73 26.75 -26.80
C CYS B 161 25.18 25.28 -26.78
N SER B 162 24.37 24.37 -27.31
CA SER B 162 24.82 22.98 -27.34
C SER B 162 25.95 22.79 -28.35
N LYS B 163 25.96 23.59 -29.42
CA LYS B 163 27.16 23.58 -30.26
C LYS B 163 28.41 23.86 -29.44
N GLY B 164 28.47 25.04 -28.79
CA GLY B 164 29.70 25.40 -28.09
C GLY B 164 30.04 24.40 -27.00
N PHE B 165 29.02 23.89 -26.33
CA PHE B 165 29.27 23.00 -25.22
C PHE B 165 29.84 21.66 -25.71
N PHE B 166 29.19 21.06 -26.72
CA PHE B 166 29.64 19.75 -27.18
C PHE B 166 30.99 19.85 -27.88
N LEU B 167 31.13 20.82 -28.79
CA LEU B 167 32.37 20.95 -29.57
C LEU B 167 33.59 21.31 -28.71
N VAL B 168 33.43 22.17 -27.71
CA VAL B 168 34.59 22.46 -26.85
C VAL B 168 34.96 21.24 -26.02
N SER B 169 33.96 20.50 -25.50
CA SER B 169 34.25 19.25 -24.82
C SER B 169 34.97 18.28 -25.73
N LEU B 170 34.50 18.18 -26.98
CA LEU B 170 35.12 17.32 -27.96
C LEU B 170 36.56 17.73 -28.24
N LEU B 171 36.82 19.05 -28.36
CA LEU B 171 38.18 19.51 -28.64
C LEU B 171 39.12 19.29 -27.45
N VAL B 172 38.59 19.37 -26.22
CA VAL B 172 39.36 18.94 -25.05
C VAL B 172 39.72 17.46 -25.15
N GLU B 173 38.75 16.61 -25.51
CA GLU B 173 39.03 15.19 -25.76
C GLU B 173 40.12 14.98 -26.82
N ILE B 174 40.01 15.70 -27.93
CA ILE B 174 40.98 15.48 -29.01
C ILE B 174 42.38 15.92 -28.57
N ALA B 175 42.49 17.00 -27.79
CA ALA B 175 43.78 17.40 -27.25
C ALA B 175 44.38 16.31 -26.37
N ALA B 176 43.58 15.68 -25.50
CA ALA B 176 44.14 14.62 -24.66
C ALA B 176 44.49 13.37 -25.46
N ALA B 177 43.98 13.26 -26.69
CA ALA B 177 44.31 12.12 -27.54
C ALA B 177 45.80 12.05 -27.83
N SER B 178 46.43 13.20 -28.05
CA SER B 178 47.87 13.19 -28.28
C SER B 178 48.60 12.55 -27.10
N ALA B 179 48.01 12.58 -25.90
CA ALA B 179 48.65 11.96 -24.75
C ALA B 179 48.36 10.48 -24.70
N ILE B 180 47.16 10.08 -25.13
CA ILE B 180 46.75 8.70 -24.96
C ILE B 180 47.67 7.77 -25.75
N LYS B 181 48.08 8.18 -26.96
CA LYS B 181 48.94 7.31 -27.76
C LYS B 181 50.35 7.15 -27.18
N VAL B 182 50.72 7.98 -26.18
CA VAL B 182 52.01 7.78 -25.53
C VAL B 182 51.98 6.64 -24.53
N ILE B 183 50.81 6.32 -23.97
CA ILE B 183 50.69 5.34 -22.90
C ILE B 183 51.42 4.02 -23.16
N PRO B 184 51.38 3.42 -24.36
CA PRO B 184 52.11 2.15 -24.52
C PRO B 184 53.61 2.37 -24.35
N THR B 185 54.15 3.43 -24.99
CA THR B 185 55.54 3.82 -24.81
C THR B 185 55.95 3.85 -23.35
N VAL B 186 55.08 4.39 -22.49
CA VAL B 186 55.38 4.43 -21.06
C VAL B 186 55.55 3.01 -20.52
N PHE B 187 54.58 2.15 -20.78
CA PHE B 187 54.59 0.82 -20.17
C PHE B 187 55.70 -0.06 -20.71
N LYS B 188 56.05 0.06 -22.00
CA LYS B 188 57.13 -0.78 -22.49
C LYS B 188 58.48 -0.23 -22.06
N ALA B 189 58.58 1.09 -21.89
CA ALA B 189 59.80 1.67 -21.34
C ALA B 189 60.09 1.07 -19.97
N MET B 190 59.04 0.99 -19.13
CA MET B 190 59.19 0.36 -17.82
C MET B 190 59.60 -1.10 -17.96
N GLN B 191 58.88 -1.85 -18.78
CA GLN B 191 59.18 -3.27 -18.97
C GLN B 191 60.66 -3.46 -19.35
N MET B 192 61.09 -2.76 -20.39
CA MET B 192 62.43 -2.92 -20.95
C MET B 192 63.49 -2.08 -20.24
N GLN B 193 63.20 -1.48 -19.09
CA GLN B 193 64.18 -0.69 -18.35
C GLN B 193 64.87 0.34 -19.26
N GLU B 194 64.09 1.37 -19.62
CA GLU B 194 64.55 2.44 -20.52
C GLU B 194 64.27 3.77 -19.83
N ARG B 195 65.17 4.18 -18.92
CA ARG B 195 64.95 5.40 -18.13
C ARG B 195 64.70 6.61 -19.03
N ASP B 196 65.58 6.83 -20.02
CA ASP B 196 65.48 8.04 -20.82
C ASP B 196 64.17 8.08 -21.60
N THR B 197 63.76 6.94 -22.15
CA THR B 197 62.54 6.89 -22.95
C THR B 197 61.32 7.14 -22.07
N LEU B 198 61.28 6.53 -20.89
CA LEU B 198 60.21 6.80 -19.94
C LEU B 198 60.10 8.30 -19.63
N LEU B 199 61.25 8.94 -19.39
CA LEU B 199 61.28 10.36 -19.05
C LEU B 199 60.67 11.22 -20.17
N LYS B 200 61.11 10.97 -21.41
CA LYS B 200 60.60 11.73 -22.55
C LYS B 200 59.10 11.50 -22.75
N ALA B 201 58.62 10.28 -22.46
CA ALA B 201 57.20 9.99 -22.60
C ALA B 201 56.38 10.75 -21.56
N LEU B 202 56.77 10.63 -20.28
CA LEU B 202 56.05 11.32 -19.22
C LEU B 202 55.96 12.82 -19.49
N LEU B 203 57.01 13.43 -20.04
CA LEU B 203 56.96 14.86 -20.35
C LEU B 203 56.06 15.16 -21.55
N GLU B 204 55.92 14.21 -22.47
CA GLU B 204 54.99 14.40 -23.58
C GLU B 204 53.55 14.37 -23.09
N ILE B 205 53.22 13.41 -22.22
CA ILE B 205 51.88 13.35 -21.65
C ILE B 205 51.52 14.69 -20.97
N ALA B 206 52.40 15.16 -20.08
CA ALA B 206 52.17 16.41 -19.37
C ALA B 206 52.01 17.58 -20.33
N SER B 207 52.80 17.61 -21.39
CA SER B 207 52.65 18.67 -22.38
C SER B 207 51.27 18.63 -23.02
N CYS B 208 50.77 17.42 -23.31
CA CYS B 208 49.46 17.28 -23.93
C CYS B 208 48.34 17.65 -22.96
N LEU B 209 48.55 17.43 -21.66
CA LEU B 209 47.54 17.86 -20.70
C LEU B 209 47.55 19.36 -20.51
N GLU B 210 48.72 19.99 -20.59
CA GLU B 210 48.76 21.45 -20.58
C GLU B 210 48.00 22.02 -21.79
N LYS B 211 48.14 21.40 -22.97
CA LYS B 211 47.47 21.96 -24.14
C LYS B 211 45.98 21.65 -24.11
N ALA B 212 45.56 20.60 -23.41
CA ALA B 212 44.14 20.41 -23.15
C ALA B 212 43.57 21.51 -22.27
N LEU B 213 44.36 22.00 -21.31
CA LEU B 213 43.94 23.15 -20.52
C LEU B 213 43.75 24.38 -21.40
N GLN B 214 44.68 24.66 -22.31
CA GLN B 214 44.49 25.79 -23.19
C GLN B 214 43.19 25.66 -23.99
N VAL B 215 42.91 24.46 -24.53
CA VAL B 215 41.70 24.25 -25.33
C VAL B 215 40.45 24.50 -24.47
N PHE B 216 40.46 24.05 -23.21
CA PHE B 216 39.36 24.29 -22.28
C PHE B 216 38.99 25.78 -22.14
N HIS B 217 39.96 26.71 -22.27
CA HIS B 217 39.66 28.14 -22.15
C HIS B 217 38.71 28.63 -23.24
N GLN B 218 38.57 27.88 -24.34
CA GLN B 218 37.69 28.24 -25.45
C GLN B 218 36.21 28.21 -25.07
N ILE B 219 35.87 27.66 -23.90
CA ILE B 219 34.46 27.48 -23.58
C ILE B 219 33.73 28.80 -23.36
N HIS B 220 34.47 29.86 -22.99
CA HIS B 220 33.87 31.15 -22.64
C HIS B 220 33.35 31.89 -23.86
N ASP B 221 33.98 31.68 -25.02
CA ASP B 221 33.57 32.35 -26.23
C ASP B 221 32.32 31.75 -26.86
N HIS B 222 31.96 30.53 -26.49
CA HIS B 222 30.88 29.85 -27.19
C HIS B 222 29.79 29.34 -26.27
N VAL B 223 29.91 29.52 -24.95
CA VAL B 223 28.87 29.07 -24.04
C VAL B 223 28.55 30.20 -23.08
N ASN B 224 27.27 30.47 -22.96
CA ASN B 224 26.76 31.57 -22.19
C ASN B 224 26.23 31.02 -20.87
N PRO B 225 26.63 31.55 -19.71
CA PRO B 225 26.25 30.87 -18.46
C PRO B 225 24.76 30.70 -18.28
N LYS B 226 23.95 31.70 -18.62
CA LYS B 226 22.51 31.51 -18.42
C LYS B 226 21.94 30.50 -19.42
N ALA B 227 22.47 30.46 -20.64
CA ALA B 227 22.02 29.43 -21.59
C ALA B 227 22.23 28.05 -21.01
N PHE B 228 23.44 27.78 -20.57
CA PHE B 228 23.77 26.47 -20.05
C PHE B 228 22.93 26.16 -18.84
N PHE B 229 22.90 27.07 -17.85
CA PHE B 229 22.33 26.72 -16.56
C PHE B 229 20.83 26.47 -16.64
N SER B 230 20.11 27.24 -17.48
CA SER B 230 18.66 27.18 -17.49
C SER B 230 18.08 26.53 -18.73
N VAL B 231 18.90 26.13 -19.70
CA VAL B 231 18.36 25.40 -20.85
C VAL B 231 19.11 24.07 -21.00
N LEU B 232 20.41 24.14 -21.30
CA LEU B 232 21.17 22.95 -21.66
C LEU B 232 21.23 21.96 -20.49
N ARG B 233 21.57 22.44 -19.29
CA ARG B 233 21.63 21.55 -18.11
C ARG B 233 20.34 20.76 -17.92
N ILE B 234 19.19 21.32 -18.33
CA ILE B 234 17.93 20.65 -18.11
C ILE B 234 17.82 19.42 -19.01
N TYR B 235 18.19 19.56 -20.28
CA TYR B 235 18.05 18.44 -21.20
C TYR B 235 19.12 17.36 -21.01
N LEU B 236 20.24 17.68 -20.40
CA LEU B 236 21.25 16.68 -20.08
C LEU B 236 20.99 15.99 -18.75
N SER B 237 19.96 16.40 -18.01
CA SER B 237 19.64 15.83 -16.71
C SER B 237 19.05 14.44 -16.84
N GLY B 238 19.31 13.61 -15.84
CA GLY B 238 18.80 12.26 -15.79
C GLY B 238 17.71 12.10 -14.76
N TRP B 239 17.43 10.84 -14.41
CA TRP B 239 16.37 10.45 -13.47
C TRP B 239 16.91 9.46 -12.45
N LYS B 240 17.98 9.86 -11.78
CA LYS B 240 18.55 9.11 -10.67
C LYS B 240 18.69 10.10 -9.52
N GLY B 241 18.02 9.81 -8.41
CA GLY B 241 17.89 10.75 -7.31
C GLY B 241 17.37 12.11 -7.72
N ASN B 242 16.47 12.15 -8.70
CA ASN B 242 15.86 13.40 -9.15
C ASN B 242 14.46 13.52 -8.59
N PRO B 243 14.16 14.54 -7.77
CA PRO B 243 12.80 14.70 -7.23
C PRO B 243 11.73 14.79 -8.29
N GLN B 244 12.07 15.21 -9.52
CA GLN B 244 11.05 15.33 -10.56
C GLN B 244 10.56 13.97 -11.06
N LEU B 245 11.41 12.95 -11.01
CA LEU B 245 11.02 11.57 -11.33
C LEU B 245 11.60 10.67 -10.24
N SER B 246 10.99 10.77 -9.06
CA SER B 246 11.59 10.19 -7.86
C SER B 246 11.92 8.72 -8.03
N ASP B 247 11.14 8.01 -8.85
CA ASP B 247 11.26 6.56 -9.01
C ASP B 247 11.94 6.15 -10.32
N GLY B 248 12.31 7.11 -11.14
CA GLY B 248 12.91 6.80 -12.42
C GLY B 248 11.94 6.95 -13.55
N LEU B 249 12.35 6.45 -14.70
CA LEU B 249 11.57 6.51 -15.92
C LEU B 249 11.05 5.11 -16.21
N VAL B 250 9.83 5.01 -16.72
CA VAL B 250 9.27 3.74 -17.16
C VAL B 250 9.56 3.60 -18.65
N TYR B 251 10.26 2.54 -19.02
CA TYR B 251 10.56 2.25 -20.41
C TYR B 251 9.49 1.27 -20.84
N GLU B 252 8.42 1.81 -21.42
CA GLU B 252 7.18 1.08 -21.59
C GLU B 252 7.38 -0.10 -22.52
N GLY B 253 6.86 -1.25 -22.13
CA GLY B 253 6.96 -2.43 -22.97
C GLY B 253 8.32 -3.10 -22.96
N PHE B 254 9.25 -2.65 -22.13
CA PHE B 254 10.54 -3.31 -22.01
C PHE B 254 10.83 -3.72 -20.59
N TRP B 255 10.66 -2.83 -19.62
CA TRP B 255 10.77 -3.16 -18.21
C TRP B 255 9.46 -2.78 -17.53
N GLU B 256 9.08 -3.55 -16.49
CA GLU B 256 7.82 -3.28 -15.81
C GLU B 256 7.94 -2.09 -14.88
N ASP B 257 9.00 -2.06 -14.01
CA ASP B 257 9.15 -0.97 -13.05
C ASP B 257 9.98 0.16 -13.65
N PRO B 258 9.72 1.40 -13.25
CA PRO B 258 10.61 2.50 -13.63
C PRO B 258 12.06 2.20 -13.26
N LYS B 259 13.00 2.75 -14.04
CA LYS B 259 14.41 2.57 -13.74
C LYS B 259 15.14 3.90 -13.71
N GLU B 260 16.14 3.99 -12.86
CA GLU B 260 16.88 5.22 -12.63
C GLU B 260 18.25 5.17 -13.32
N PHE B 261 18.58 6.23 -14.06
CA PHE B 261 19.86 6.35 -14.73
C PHE B 261 20.33 7.79 -14.60
N ALA B 262 21.59 7.96 -14.26
CA ALA B 262 22.17 9.29 -14.05
C ALA B 262 22.27 10.08 -15.36
N GLY B 263 22.19 11.41 -15.24
CA GLY B 263 22.36 12.29 -16.38
C GLY B 263 23.81 12.44 -16.89
N GLY B 264 23.91 13.11 -18.05
CA GLY B 264 25.22 13.33 -18.65
C GLY B 264 26.14 14.14 -17.76
N SER B 265 27.43 13.81 -17.85
CA SER B 265 28.50 14.45 -17.09
C SER B 265 29.83 13.98 -17.66
N ALA B 266 30.81 14.89 -17.73
CA ALA B 266 32.09 14.45 -18.26
C ALA B 266 32.85 13.63 -17.25
N GLY B 267 32.27 13.40 -16.08
CA GLY B 267 32.62 12.24 -15.30
C GLY B 267 32.61 11.00 -16.15
N GLN B 268 31.78 11.00 -17.21
CA GLN B 268 31.71 9.86 -18.11
C GLN B 268 32.78 9.89 -19.17
N SER B 269 33.62 10.93 -19.21
CA SER B 269 34.78 10.90 -20.09
C SER B 269 35.80 9.92 -19.52
N SER B 270 36.38 9.11 -20.40
CA SER B 270 37.43 8.21 -19.97
C SER B 270 38.79 8.89 -19.90
N VAL B 271 38.88 10.18 -20.25
CA VAL B 271 40.17 10.87 -20.36
C VAL B 271 40.75 11.14 -18.98
N PHE B 272 40.00 11.85 -18.13
CA PHE B 272 40.53 12.09 -16.79
C PHE B 272 40.65 10.80 -16.00
N GLN B 273 39.76 9.83 -16.22
CA GLN B 273 39.88 8.58 -15.47
C GLN B 273 41.14 7.84 -15.88
N CYS B 274 41.48 7.80 -17.17
CA CYS B 274 42.62 6.97 -17.56
C CYS B 274 43.95 7.58 -17.11
N PHE B 275 44.02 8.90 -16.95
CA PHE B 275 45.26 9.49 -16.44
C PHE B 275 45.39 9.27 -14.94
N ASP B 276 44.27 9.34 -14.20
CA ASP B 276 44.26 8.91 -12.81
C ASP B 276 44.84 7.50 -12.67
N VAL B 277 44.29 6.55 -13.44
CA VAL B 277 44.75 5.16 -13.36
C VAL B 277 46.22 5.06 -13.76
N LEU B 278 46.58 5.70 -14.88
CA LEU B 278 47.97 5.69 -15.36
C LEU B 278 48.96 6.15 -14.28
N LEU B 279 48.63 7.22 -13.55
CA LEU B 279 49.54 7.82 -12.60
C LEU B 279 49.40 7.22 -11.20
N GLY B 280 48.56 6.20 -11.04
CA GLY B 280 48.43 5.56 -9.76
C GLY B 280 47.69 6.37 -8.72
N ILE B 281 46.94 7.39 -9.16
CA ILE B 281 46.07 8.17 -8.30
C ILE B 281 44.78 7.39 -8.16
N GLN B 282 44.44 7.00 -6.94
CA GLN B 282 43.37 6.02 -6.75
C GLN B 282 42.08 6.75 -6.41
N GLN B 283 41.37 7.19 -7.46
CA GLN B 283 40.12 7.92 -7.31
C GLN B 283 38.96 6.99 -7.05
N THR B 284 38.97 5.79 -7.63
CA THR B 284 37.87 4.85 -7.46
C THR B 284 38.08 3.93 -6.26
N ALA B 285 38.96 4.33 -5.34
CA ALA B 285 39.37 3.52 -4.20
C ALA B 285 38.67 3.99 -2.92
N GLY B 286 38.50 3.04 -2.00
CA GLY B 286 37.65 3.24 -0.86
C GLY B 286 36.19 3.00 -1.21
N GLY B 287 35.35 3.32 -0.24
CA GLY B 287 33.93 3.36 -0.51
C GLY B 287 33.38 4.75 -0.25
N GLY B 288 34.25 5.77 -0.26
CA GLY B 288 33.78 7.13 -0.14
C GLY B 288 32.84 7.51 -1.28
N HIS B 289 32.07 8.58 -1.06
CA HIS B 289 31.07 8.99 -2.05
C HIS B 289 31.68 9.28 -3.41
N ALA B 290 32.89 9.84 -3.43
CA ALA B 290 33.53 10.23 -4.69
C ALA B 290 33.99 9.03 -5.49
N ALA B 291 34.64 8.06 -4.84
CA ALA B 291 35.07 6.84 -5.53
C ALA B 291 33.89 6.10 -6.12
N GLN B 292 32.77 6.07 -5.39
CA GLN B 292 31.59 5.36 -5.85
C GLN B 292 31.00 6.03 -7.08
N PHE B 293 30.90 7.36 -7.05
CA PHE B 293 30.40 8.08 -8.22
C PHE B 293 31.27 7.81 -9.44
N LEU B 294 32.59 7.86 -9.28
CA LEU B 294 33.48 7.69 -10.43
C LEU B 294 33.41 6.28 -10.98
N GLN B 295 33.31 5.28 -10.08
CA GLN B 295 33.12 3.91 -10.50
C GLN B 295 31.79 3.75 -11.21
N ASP B 296 30.74 4.37 -10.68
CA ASP B 296 29.45 4.29 -11.36
C ASP B 296 29.51 4.92 -12.76
N MET B 297 30.26 6.01 -12.93
CA MET B 297 30.24 6.68 -14.22
C MET B 297 30.88 5.82 -15.30
N ARG B 298 31.68 4.83 -14.91
CA ARG B 298 32.27 3.93 -15.90
C ARG B 298 31.22 3.07 -16.60
N ARG B 299 30.08 2.81 -15.96
CA ARG B 299 29.03 2.04 -16.62
C ARG B 299 28.37 2.77 -17.78
N TYR B 300 28.66 4.05 -17.95
CA TYR B 300 28.13 4.91 -18.99
C TYR B 300 29.11 5.11 -20.15
N MET B 301 30.35 4.53 -20.06
CA MET B 301 31.33 4.61 -21.13
C MET B 301 31.16 3.44 -22.09
N PRO B 302 31.46 3.63 -23.37
CA PRO B 302 31.47 2.50 -24.29
C PRO B 302 32.26 1.34 -23.68
N PRO B 303 31.80 0.09 -23.88
CA PRO B 303 32.44 -1.05 -23.16
C PRO B 303 33.92 -1.22 -23.47
N ALA B 304 34.32 -0.96 -24.72
CA ALA B 304 35.74 -1.07 -25.04
C ALA B 304 36.56 -0.04 -24.25
N HIS B 305 35.98 1.13 -23.97
CA HIS B 305 36.64 2.14 -23.15
C HIS B 305 36.67 1.75 -21.68
N ARG B 306 35.60 1.10 -21.19
CA ARG B 306 35.63 0.43 -19.89
C ARG B 306 36.81 -0.54 -19.84
N ASN B 307 36.88 -1.43 -20.85
CA ASN B 307 37.92 -2.45 -20.91
C ASN B 307 39.31 -1.83 -20.85
N PHE B 308 39.49 -0.72 -21.57
CA PHE B 308 40.78 -0.04 -21.58
C PHE B 308 41.19 0.40 -20.18
N LEU B 309 40.28 0.99 -19.45
CA LEU B 309 40.59 1.40 -18.15
C LEU B 309 40.96 0.22 -17.27
N CYS B 310 40.30 -0.90 -17.44
CA CYS B 310 40.59 -2.10 -16.70
C CYS B 310 41.94 -2.66 -16.93
N SER B 311 42.39 -2.64 -18.16
CA SER B 311 43.70 -3.06 -18.49
C SER B 311 44.73 -2.19 -17.87
N LEU B 312 44.50 -0.90 -17.84
CA LEU B 312 45.45 0.00 -17.26
C LEU B 312 45.66 -0.30 -15.81
N GLU B 313 44.61 -0.57 -15.10
CA GLU B 313 44.69 -0.93 -13.74
C GLU B 313 45.43 -2.23 -13.53
N SER B 314 45.30 -3.19 -14.41
CA SER B 314 45.99 -4.44 -14.27
C SER B 314 47.49 -4.34 -14.33
N ASN B 315 48.00 -3.45 -15.13
CA ASN B 315 49.42 -3.28 -15.26
C ASN B 315 50.14 -2.74 -14.05
N PRO B 316 51.45 -2.87 -14.06
CA PRO B 316 52.30 -2.39 -12.98
C PRO B 316 52.20 -0.91 -12.85
N SER B 317 52.25 -0.43 -11.63
CA SER B 317 52.12 0.95 -11.36
C SER B 317 53.27 1.81 -11.75
N VAL B 318 52.97 2.88 -12.45
CA VAL B 318 53.93 3.84 -12.85
C VAL B 318 54.41 4.59 -11.65
N ARG B 319 53.55 4.86 -10.72
CA ARG B 319 53.96 5.55 -9.55
C ARG B 319 54.95 4.70 -8.81
N GLU B 320 54.75 3.41 -8.75
CA GLU B 320 55.68 2.54 -8.05
C GLU B 320 57.06 2.63 -8.69
N PHE B 321 57.12 2.42 -10.00
CA PHE B 321 58.36 2.48 -10.74
C PHE B 321 59.16 3.75 -10.45
N VAL B 322 58.54 4.93 -10.65
CA VAL B 322 59.24 6.21 -10.49
C VAL B 322 59.70 6.42 -9.05
N LEU B 323 58.88 6.03 -8.07
CA LEU B 323 59.24 6.28 -6.67
C LEU B 323 60.44 5.47 -6.22
N SER B 324 60.63 4.28 -6.78
CA SER B 324 61.62 3.34 -6.29
C SER B 324 63.01 3.52 -6.91
N LYS B 325 63.22 4.51 -7.79
CA LYS B 325 64.42 4.58 -8.62
C LYS B 325 65.39 5.67 -8.20
N GLY B 326 65.04 6.52 -7.23
CA GLY B 326 65.95 7.57 -6.80
C GLY B 326 66.43 8.48 -7.92
N ASP B 327 65.48 8.95 -8.73
CA ASP B 327 65.76 9.62 -10.00
C ASP B 327 64.95 10.90 -10.02
N ALA B 328 65.60 12.02 -9.69
CA ALA B 328 64.91 13.30 -9.59
C ALA B 328 64.37 13.77 -10.94
N GLY B 329 65.03 13.41 -12.05
CA GLY B 329 64.44 13.66 -13.35
C GLY B 329 63.14 12.90 -13.55
N LEU B 330 63.17 11.58 -13.29
CA LEU B 330 61.96 10.77 -13.41
C LEU B 330 60.85 11.29 -12.52
N ARG B 331 61.20 11.77 -11.32
CA ARG B 331 60.19 12.24 -10.40
C ARG B 331 59.56 13.54 -10.86
N GLU B 332 60.36 14.43 -11.45
CA GLU B 332 59.83 15.71 -11.91
C GLU B 332 58.96 15.54 -13.15
N ALA B 333 59.25 14.54 -13.97
CA ALA B 333 58.42 14.28 -15.13
C ALA B 333 57.06 13.74 -14.71
N TYR B 334 57.06 12.81 -13.75
CA TYR B 334 55.82 12.32 -13.19
C TYR B 334 55.04 13.44 -12.51
N ASP B 335 55.74 14.32 -11.78
CA ASP B 335 55.05 15.40 -11.09
C ASP B 335 54.54 16.46 -12.07
N ALA B 336 55.17 16.61 -13.23
CA ALA B 336 54.57 17.49 -14.23
C ALA B 336 53.22 16.94 -14.68
N CYS B 337 53.10 15.61 -14.76
CA CYS B 337 51.81 15.04 -15.18
C CYS B 337 50.74 15.28 -14.13
N VAL B 338 51.05 15.01 -12.85
CA VAL B 338 50.10 15.21 -11.76
C VAL B 338 49.71 16.69 -11.63
N LYS B 339 50.69 17.60 -11.75
CA LYS B 339 50.37 19.01 -11.68
C LYS B 339 49.48 19.46 -12.84
N ALA B 340 49.66 18.87 -14.03
CA ALA B 340 48.79 19.23 -15.13
C ALA B 340 47.37 18.79 -14.87
N LEU B 341 47.19 17.59 -14.29
CA LEU B 341 45.87 17.16 -13.89
C LEU B 341 45.27 18.10 -12.85
N VAL B 342 46.06 18.52 -11.86
CA VAL B 342 45.58 19.45 -10.83
C VAL B 342 45.12 20.77 -11.45
N SER B 343 45.88 21.29 -12.42
CA SER B 343 45.46 22.53 -13.07
C SER B 343 44.18 22.34 -13.86
N LEU B 344 44.01 21.17 -14.52
CA LEU B 344 42.75 20.93 -15.21
C LEU B 344 41.57 20.99 -14.24
N ARG B 345 41.72 20.36 -13.07
CA ARG B 345 40.61 20.31 -12.14
C ARG B 345 40.40 21.62 -11.39
N SER B 346 41.48 22.39 -11.17
CA SER B 346 41.31 23.74 -10.62
C SER B 346 40.57 24.64 -11.59
N TYR B 347 40.96 24.62 -12.86
CA TYR B 347 40.27 25.39 -13.87
C TYR B 347 38.83 24.92 -13.99
N HIS B 348 38.63 23.60 -13.96
CA HIS B 348 37.28 23.04 -14.01
C HIS B 348 36.43 23.60 -12.87
N LEU B 349 36.98 23.73 -11.66
CA LEU B 349 36.22 24.33 -10.56
C LEU B 349 35.80 25.76 -10.88
N GLN B 350 36.69 26.56 -11.48
CA GLN B 350 36.26 27.91 -11.78
C GLN B 350 35.17 27.92 -12.87
N ILE B 351 35.22 26.96 -13.81
CA ILE B 351 34.14 26.79 -14.79
C ILE B 351 32.80 26.49 -14.10
N VAL B 352 32.80 25.55 -13.15
CA VAL B 352 31.57 25.19 -12.43
C VAL B 352 31.02 26.39 -11.64
N THR B 353 31.92 27.18 -11.06
CA THR B 353 31.52 28.42 -10.39
C THR B 353 30.82 29.37 -11.37
N LYS B 354 31.41 29.57 -12.55
CA LYS B 354 30.81 30.47 -13.52
C LYS B 354 29.53 29.90 -14.12
N TYR B 355 29.48 28.60 -14.38
CA TYR B 355 28.37 28.08 -15.14
C TYR B 355 27.27 27.46 -14.28
N ILE B 356 27.50 27.18 -12.99
CA ILE B 356 26.45 26.57 -12.18
C ILE B 356 26.18 27.41 -10.93
N LEU B 357 27.23 27.74 -10.18
CA LEU B 357 27.03 28.36 -8.87
C LEU B 357 26.44 29.76 -8.99
N ILE B 358 27.13 30.64 -9.72
CA ILE B 358 26.65 32.01 -9.88
C ILE B 358 25.24 32.09 -10.48
N PRO B 359 24.92 31.39 -11.58
CA PRO B 359 23.50 31.37 -12.02
C PRO B 359 22.55 30.76 -11.00
N ALA B 360 22.99 29.76 -10.23
CA ALA B 360 22.14 29.15 -9.21
C ALA B 360 21.66 30.14 -8.15
N SER B 361 22.26 31.32 -8.09
CA SER B 361 21.89 32.35 -7.14
C SER B 361 21.20 33.55 -7.79
N GLN B 362 20.83 33.46 -9.07
CA GLN B 362 20.10 34.53 -9.72
C GLN B 362 18.86 34.03 -10.45
N GLY B 382 23.61 20.53 -1.80
CA GLY B 382 23.36 20.74 -3.23
C GLY B 382 24.59 21.23 -3.99
N GLY B 383 24.60 22.53 -4.33
CA GLY B 383 25.83 23.15 -4.83
C GLY B 383 27.00 22.89 -3.91
N THR B 384 26.74 22.76 -2.60
CA THR B 384 27.78 22.39 -1.65
C THR B 384 28.32 20.99 -1.91
N ASP B 385 27.43 20.02 -2.12
CA ASP B 385 27.91 18.66 -2.35
C ASP B 385 28.74 18.59 -3.61
N LEU B 386 28.24 19.22 -4.68
CA LEU B 386 28.94 19.21 -5.95
C LEU B 386 30.37 19.74 -5.82
N MET B 387 30.51 20.92 -5.21
CA MET B 387 31.83 21.46 -4.92
C MET B 387 32.63 20.54 -4.03
N ASN B 388 31.99 19.92 -3.05
CA ASN B 388 32.71 19.01 -2.17
C ASN B 388 33.23 17.81 -2.95
N PHE B 389 32.41 17.27 -3.85
CA PHE B 389 32.86 16.18 -4.72
C PHE B 389 34.06 16.62 -5.56
N LEU B 390 33.90 17.70 -6.33
CA LEU B 390 34.97 18.16 -7.19
C LEU B 390 36.25 18.45 -6.41
N LYS B 391 36.12 19.12 -5.25
CA LYS B 391 37.27 19.48 -4.44
C LYS B 391 37.96 18.26 -3.87
N THR B 392 37.19 17.22 -3.55
CA THR B 392 37.79 16.00 -3.02
C THR B 392 38.65 15.34 -4.08
N VAL B 393 38.14 15.24 -5.31
CA VAL B 393 38.90 14.65 -6.38
C VAL B 393 40.16 15.44 -6.63
N ARG B 394 40.11 16.77 -6.45
CA ARG B 394 41.29 17.57 -6.72
C ARG B 394 42.36 17.37 -5.64
N SER B 395 41.98 17.36 -4.37
CA SER B 395 42.99 17.16 -3.33
C SER B 395 43.59 15.76 -3.41
N THR B 396 42.81 14.76 -3.77
CA THR B 396 43.38 13.42 -3.94
C THR B 396 44.44 13.43 -5.04
N THR B 397 44.20 14.21 -6.10
CA THR B 397 45.19 14.35 -7.15
C THR B 397 46.43 15.04 -6.59
N GLU B 398 46.22 16.12 -5.85
CA GLU B 398 47.33 16.84 -5.25
C GLU B 398 48.14 15.96 -4.32
N LYS B 399 47.46 15.11 -3.53
CA LYS B 399 48.19 14.26 -2.59
C LYS B 399 49.11 13.25 -3.27
N SER B 400 49.00 13.04 -4.60
CA SER B 400 49.87 12.09 -5.26
C SER B 400 51.19 12.68 -5.72
N LEU B 401 51.38 14.00 -5.63
CA LEU B 401 52.69 14.57 -5.96
C LEU B 401 53.79 13.90 -5.13
N LEU B 402 54.92 13.61 -5.76
CA LEU B 402 56.04 13.04 -5.03
C LEU B 402 56.81 14.15 -4.31
N LYS B 403 57.19 15.19 -5.07
CA LYS B 403 58.04 16.29 -4.64
C LYS B 403 59.46 15.76 -4.40
N ALA C 16 -43.40 2.11 26.34
CA ALA C 16 -42.61 2.76 25.29
C ALA C 16 -41.47 1.86 24.82
N TYR C 17 -41.07 0.96 25.70
CA TYR C 17 -39.87 0.17 25.51
C TYR C 17 -40.09 -1.13 24.75
N HIS C 18 -41.26 -1.31 24.13
CA HIS C 18 -41.54 -2.54 23.39
C HIS C 18 -41.24 -3.77 24.24
N ILE C 19 -41.66 -3.74 25.50
CA ILE C 19 -41.53 -4.87 26.40
C ILE C 19 -42.92 -5.34 26.76
N ASP C 20 -43.22 -6.59 26.46
CA ASP C 20 -44.55 -7.15 26.59
C ASP C 20 -44.74 -7.80 27.97
N GLU C 21 -45.92 -7.62 28.55
CA GLU C 21 -46.14 -8.20 29.88
C GLU C 21 -46.11 -9.73 29.85
N GLU C 22 -46.61 -10.34 28.76
CA GLU C 22 -46.65 -11.79 28.66
C GLU C 22 -45.35 -12.39 28.15
N VAL C 23 -44.76 -11.80 27.09
CA VAL C 23 -43.59 -12.41 26.43
C VAL C 23 -42.30 -11.62 26.66
N GLY C 24 -42.33 -10.50 27.38
CA GLY C 24 -41.10 -9.81 27.73
C GLY C 24 -40.43 -9.09 26.58
N PHE C 25 -39.22 -9.45 26.26
CA PHE C 25 -38.53 -8.84 25.16
C PHE C 25 -38.88 -9.40 23.79
N ALA C 26 -39.59 -10.50 23.76
CA ALA C 26 -39.95 -11.15 22.54
C ALA C 26 -40.99 -10.41 21.85
N LEU C 27 -41.02 -10.47 20.56
CA LEU C 27 -42.04 -9.78 19.85
C LEU C 27 -43.31 -10.57 20.04
N PRO C 28 -44.37 -9.93 20.41
CA PRO C 28 -45.62 -10.64 20.61
C PRO C 28 -46.29 -10.97 19.35
N ASN C 29 -46.65 -12.22 19.18
CA ASN C 29 -47.38 -12.66 18.02
C ASN C 29 -46.92 -12.17 16.68
N PRO C 30 -45.74 -12.58 16.29
CA PRO C 30 -45.03 -12.25 15.08
C PRO C 30 -45.77 -12.59 13.79
N GLN C 31 -45.61 -11.76 12.80
CA GLN C 31 -46.17 -11.96 11.51
C GLN C 31 -45.50 -13.09 10.82
N GLU C 32 -46.27 -13.89 10.10
CA GLU C 32 -45.67 -15.00 9.43
C GLU C 32 -45.63 -14.95 7.98
N ASN C 33 -46.37 -14.07 7.35
CA ASN C 33 -46.34 -14.02 5.93
C ASN C 33 -46.16 -12.61 5.46
N LEU C 34 -45.39 -12.40 4.41
CA LEU C 34 -45.16 -11.08 3.87
C LEU C 34 -46.08 -10.83 2.69
N PRO C 35 -46.35 -9.57 2.34
CA PRO C 35 -47.13 -9.28 1.13
C PRO C 35 -46.60 -10.05 -0.07
N ASP C 36 -47.50 -10.35 -1.01
CA ASP C 36 -47.14 -11.18 -2.17
C ASP C 36 -45.98 -10.58 -2.92
N PHE C 37 -45.85 -9.25 -2.86
CA PHE C 37 -44.73 -8.55 -3.48
C PHE C 37 -43.39 -9.20 -3.16
N TYR C 38 -43.28 -9.90 -2.03
CA TYR C 38 -42.02 -10.46 -1.54
C TYR C 38 -41.95 -11.97 -1.67
N ASN C 39 -42.81 -12.56 -2.52
CA ASN C 39 -42.89 -14.02 -2.57
C ASN C 39 -41.55 -14.64 -2.92
N ASP C 40 -40.75 -13.97 -3.74
CA ASP C 40 -39.44 -14.54 -4.08
C ASP C 40 -38.51 -14.59 -2.86
N TRP C 41 -38.60 -13.60 -1.95
CA TRP C 41 -37.84 -13.72 -0.71
C TRP C 41 -38.36 -14.86 0.13
N MET C 42 -39.67 -14.92 0.33
CA MET C 42 -40.22 -15.90 1.23
C MET C 42 -39.92 -17.31 0.77
N PHE C 43 -40.02 -17.55 -0.54
CA PHE C 43 -39.81 -18.91 -1.05
C PHE C 43 -38.41 -19.41 -0.72
N ILE C 44 -37.41 -18.57 -0.91
CA ILE C 44 -36.05 -18.97 -0.55
C ILE C 44 -35.95 -19.23 0.96
N ALA C 45 -36.65 -18.43 1.75
CA ALA C 45 -36.51 -18.54 3.19
C ALA C 45 -37.19 -19.81 3.68
N LYS C 46 -38.37 -20.09 3.18
CA LYS C 46 -39.06 -21.32 3.59
C LYS C 46 -38.41 -22.58 3.05
N HIS C 47 -37.39 -22.48 2.17
CA HIS C 47 -36.79 -23.65 1.56
C HIS C 47 -35.28 -23.72 1.73
N LEU C 48 -34.73 -23.03 2.72
CA LEU C 48 -33.28 -23.08 2.93
C LEU C 48 -32.70 -24.49 3.03
N PRO C 49 -33.30 -25.46 3.75
CA PRO C 49 -32.61 -26.76 3.84
C PRO C 49 -32.48 -27.46 2.49
N ASP C 50 -33.50 -27.35 1.63
CA ASP C 50 -33.39 -27.91 0.28
C ASP C 50 -32.37 -27.16 -0.55
N LEU C 51 -32.47 -25.84 -0.58
CA LEU C 51 -31.67 -25.09 -1.53
C LEU C 51 -30.21 -25.11 -1.13
N ILE C 52 -29.92 -25.14 0.17
CA ILE C 52 -28.53 -25.31 0.60
C ILE C 52 -28.02 -26.68 0.19
N GLU C 53 -28.88 -27.71 0.32
CA GLU C 53 -28.42 -29.08 0.10
C GLU C 53 -28.13 -29.33 -1.38
N SER C 54 -29.01 -28.87 -2.28
CA SER C 54 -28.70 -29.01 -3.70
C SER C 54 -27.51 -28.16 -4.14
N GLY C 55 -27.27 -27.03 -3.48
CA GLY C 55 -26.34 -26.03 -3.99
C GLY C 55 -27.00 -24.97 -4.85
N GLN C 56 -28.33 -24.98 -4.95
CA GLN C 56 -29.09 -24.01 -5.70
C GLN C 56 -29.33 -22.70 -4.96
N LEU C 57 -29.02 -22.63 -3.65
CA LEU C 57 -29.43 -21.47 -2.89
C LEU C 57 -28.78 -20.19 -3.41
N ARG C 58 -27.46 -20.24 -3.66
CA ARG C 58 -26.78 -19.05 -4.14
C ARG C 58 -27.28 -18.63 -5.52
N GLU C 59 -27.65 -19.59 -6.37
CA GLU C 59 -28.19 -19.21 -7.67
C GLU C 59 -29.48 -18.42 -7.49
N ARG C 60 -30.41 -18.94 -6.67
CA ARG C 60 -31.70 -18.27 -6.49
C ARG C 60 -31.54 -16.87 -5.91
N VAL C 61 -30.53 -16.66 -5.08
CA VAL C 61 -30.29 -15.33 -4.56
C VAL C 61 -29.78 -14.41 -5.67
N GLU C 62 -28.78 -14.85 -6.42
CA GLU C 62 -28.19 -14.00 -7.46
C GLU C 62 -29.15 -13.68 -8.61
N LYS C 63 -30.29 -14.36 -8.71
CA LYS C 63 -31.28 -14.11 -9.74
C LYS C 63 -32.45 -13.27 -9.25
N LEU C 64 -32.60 -13.04 -7.95
CA LEU C 64 -33.59 -12.10 -7.46
C LEU C 64 -33.40 -10.72 -8.08
N ASN C 65 -34.50 -10.07 -8.39
CA ASN C 65 -34.43 -8.67 -8.71
C ASN C 65 -34.61 -7.85 -7.44
N MET C 66 -34.32 -6.57 -7.52
CA MET C 66 -34.34 -5.69 -6.37
C MET C 66 -35.78 -5.30 -6.03
N LEU C 67 -36.20 -5.57 -4.79
CA LEU C 67 -37.54 -5.29 -4.34
C LEU C 67 -37.50 -4.17 -3.29
N SER C 68 -38.19 -3.08 -3.58
CA SER C 68 -38.33 -1.98 -2.64
C SER C 68 -38.88 -2.48 -1.30
N ILE C 69 -38.36 -1.95 -0.20
CA ILE C 69 -38.87 -2.36 1.11
C ILE C 69 -40.06 -1.47 1.49
N ASP C 70 -40.50 -0.64 0.55
CA ASP C 70 -41.52 0.34 0.94
C ASP C 70 -42.92 -0.25 1.00
N HIS C 71 -43.12 -1.51 0.62
CA HIS C 71 -44.37 -2.23 0.92
C HIS C 71 -44.34 -2.93 2.27
N LEU C 72 -43.47 -2.49 3.17
CA LEU C 72 -43.39 -3.05 4.51
C LEU C 72 -43.72 -1.91 5.44
N THR C 73 -44.85 -2.02 6.14
CA THR C 73 -45.53 -0.84 6.65
C THR C 73 -45.82 -0.87 8.15
N ASP C 74 -45.24 -1.78 8.91
CA ASP C 74 -45.33 -1.70 10.36
C ASP C 74 -44.16 -2.46 10.96
N HIS C 75 -44.01 -2.32 12.27
CA HIS C 75 -42.92 -2.97 12.98
C HIS C 75 -42.90 -4.46 12.69
N LYS C 76 -44.05 -5.12 12.77
CA LYS C 76 -44.06 -6.59 12.66
C LYS C 76 -43.70 -7.07 11.27
N SER C 77 -44.18 -6.38 10.23
CA SER C 77 -43.83 -6.80 8.89
C SER C 77 -42.37 -6.50 8.56
N GLN C 78 -41.81 -5.41 9.10
CA GLN C 78 -40.38 -5.16 8.96
C GLN C 78 -39.57 -6.20 9.70
N ARG C 79 -39.99 -6.56 10.91
CA ARG C 79 -39.23 -7.52 11.69
C ARG C 79 -39.15 -8.88 10.99
N LEU C 80 -40.25 -9.35 10.42
CA LEU C 80 -40.24 -10.59 9.63
C LEU C 80 -39.38 -10.45 8.37
N ALA C 81 -39.55 -9.35 7.64
CA ALA C 81 -38.67 -9.09 6.49
C ALA C 81 -37.19 -9.15 6.90
N ARG C 82 -36.86 -8.64 8.10
CA ARG C 82 -35.48 -8.73 8.59
C ARG C 82 -35.08 -10.18 8.88
N LEU C 83 -35.99 -10.96 9.47
CA LEU C 83 -35.72 -12.36 9.75
C LEU C 83 -35.49 -13.15 8.46
N VAL C 84 -36.34 -12.88 7.47
CA VAL C 84 -36.23 -13.51 6.15
C VAL C 84 -34.90 -13.18 5.49
N LEU C 85 -34.58 -11.88 5.36
CA LEU C 85 -33.35 -11.48 4.71
C LEU C 85 -32.14 -11.92 5.50
N GLY C 86 -32.24 -11.95 6.83
CA GLY C 86 -31.14 -12.40 7.65
C GLY C 86 -30.76 -13.85 7.43
N CYS C 87 -31.75 -14.76 7.43
CA CYS C 87 -31.43 -16.18 7.18
C CYS C 87 -30.88 -16.40 5.77
N ILE C 88 -31.49 -15.78 4.76
CA ILE C 88 -30.98 -15.89 3.40
C ILE C 88 -29.52 -15.47 3.32
N THR C 89 -29.17 -14.38 4.03
CA THR C 89 -27.80 -13.88 4.03
C THR C 89 -26.85 -14.86 4.69
N MET C 90 -27.24 -15.39 5.85
CA MET C 90 -26.42 -16.40 6.50
C MET C 90 -26.21 -17.62 5.58
N ALA C 91 -27.27 -18.07 4.90
CA ALA C 91 -27.15 -19.26 4.05
C ALA C 91 -26.29 -18.96 2.82
N TYR C 92 -26.43 -17.74 2.27
CA TYR C 92 -25.65 -17.31 1.11
C TYR C 92 -24.16 -17.24 1.44
N VAL C 93 -23.80 -16.57 2.54
CA VAL C 93 -22.40 -16.39 2.90
C VAL C 93 -21.73 -17.73 3.23
N TRP C 94 -22.36 -18.55 4.07
CA TRP C 94 -21.70 -19.79 4.52
C TRP C 94 -21.98 -20.99 3.63
N GLY C 95 -23.06 -20.97 2.87
CA GLY C 95 -23.36 -22.08 1.97
C GLY C 95 -23.60 -23.37 2.72
N LYS C 96 -22.80 -24.38 2.40
CA LYS C 96 -22.96 -25.70 2.95
C LYS C 96 -22.14 -25.89 4.21
N GLY C 97 -21.30 -24.93 4.55
CA GLY C 97 -20.69 -24.85 5.85
C GLY C 97 -19.29 -25.40 5.98
N HIS C 98 -18.57 -25.59 4.88
CA HIS C 98 -17.27 -26.26 4.93
C HIS C 98 -16.22 -25.46 4.17
N GLY C 99 -16.07 -24.18 4.52
CA GLY C 99 -15.01 -23.36 3.96
C GLY C 99 -15.32 -22.69 2.63
N ASP C 100 -16.43 -23.03 1.97
CA ASP C 100 -16.77 -22.44 0.67
C ASP C 100 -17.69 -21.24 0.88
N VAL C 101 -17.10 -20.07 1.08
CA VAL C 101 -17.86 -18.89 1.50
C VAL C 101 -17.99 -17.89 0.34
N ARG C 102 -18.91 -16.95 0.49
CA ARG C 102 -19.02 -15.79 -0.39
C ARG C 102 -18.69 -14.54 0.41
N LYS C 103 -17.84 -13.67 -0.16
CA LYS C 103 -17.44 -12.46 0.53
C LYS C 103 -18.23 -11.23 0.06
N VAL C 104 -19.08 -11.37 -0.94
CA VAL C 104 -19.87 -10.26 -1.46
C VAL C 104 -21.34 -10.63 -1.42
N LEU C 105 -22.13 -9.81 -0.75
CA LEU C 105 -23.58 -10.03 -0.71
C LEU C 105 -24.23 -9.27 -1.86
N PRO C 106 -24.85 -9.95 -2.84
CA PRO C 106 -25.34 -9.25 -4.04
C PRO C 106 -26.31 -8.11 -3.74
N ARG C 107 -26.12 -7.01 -4.47
CA ARG C 107 -26.89 -5.77 -4.44
C ARG C 107 -28.37 -6.00 -4.15
N ASN C 108 -28.98 -6.98 -4.80
CA ASN C 108 -30.43 -7.01 -4.76
C ASN C 108 -31.00 -7.52 -3.45
N ILE C 109 -30.22 -8.18 -2.60
CA ILE C 109 -30.59 -8.37 -1.19
C ILE C 109 -29.88 -7.38 -0.29
N ALA C 110 -28.60 -7.06 -0.55
CA ALA C 110 -27.85 -6.20 0.38
C ALA C 110 -28.54 -4.84 0.58
N VAL C 111 -28.94 -4.18 -0.50
CA VAL C 111 -29.48 -2.83 -0.41
C VAL C 111 -30.79 -2.80 0.40
N PRO C 112 -31.84 -3.54 0.04
CA PRO C 112 -33.03 -3.61 0.92
C PRO C 112 -32.73 -4.13 2.31
N TYR C 113 -31.85 -5.12 2.43
CA TYR C 113 -31.46 -5.55 3.79
C TYR C 113 -30.90 -4.38 4.59
N CYS C 114 -29.96 -3.64 4.01
CA CYS C 114 -29.35 -2.53 4.74
C CYS C 114 -30.35 -1.40 5.03
N GLN C 115 -31.17 -1.02 4.04
CA GLN C 115 -32.16 0.03 4.28
C GLN C 115 -33.08 -0.35 5.41
N LEU C 116 -33.56 -1.60 5.40
CA LEU C 116 -34.45 -2.11 6.43
C LEU C 116 -33.78 -2.10 7.78
N SER C 117 -32.53 -2.57 7.83
CA SER C 117 -31.82 -2.58 9.11
C SER C 117 -31.58 -1.16 9.62
N ALA C 118 -31.37 -0.18 8.75
CA ALA C 118 -31.21 1.17 9.28
C ALA C 118 -32.52 1.69 9.87
N ALA C 119 -33.65 1.37 9.24
CA ALA C 119 -34.94 1.79 9.78
C ALA C 119 -35.24 1.10 11.11
N LEU C 120 -34.71 -0.09 11.34
CA LEU C 120 -34.93 -0.75 12.61
C LEU C 120 -33.77 -0.57 13.56
N GLU C 121 -32.68 0.06 13.10
CA GLU C 121 -31.53 0.38 13.97
C GLU C 121 -30.87 -0.88 14.52
N LEU C 122 -30.60 -1.84 13.63
CA LEU C 122 -29.87 -3.08 13.88
C LEU C 122 -28.77 -3.29 12.84
N PRO C 123 -27.65 -3.92 13.19
CA PRO C 123 -26.67 -4.27 12.17
C PRO C 123 -27.26 -5.24 11.16
N PRO C 124 -26.85 -5.14 9.91
CA PRO C 124 -27.37 -6.06 8.88
C PRO C 124 -26.75 -7.44 8.99
N ILE C 125 -27.10 -8.17 10.05
CA ILE C 125 -26.67 -9.56 10.22
C ILE C 125 -27.74 -10.21 11.11
N LEU C 126 -27.94 -11.53 10.93
CA LEU C 126 -28.90 -12.24 11.77
C LEU C 126 -28.53 -12.04 13.24
N VAL C 127 -29.50 -11.59 14.06
CA VAL C 127 -29.25 -11.43 15.49
C VAL C 127 -30.29 -12.22 16.29
N TYR C 128 -29.99 -12.42 17.59
CA TYR C 128 -30.93 -12.95 18.57
C TYR C 128 -32.36 -12.46 18.35
N ALA C 129 -32.50 -11.15 18.14
CA ALA C 129 -33.85 -10.57 18.07
C ALA C 129 -34.59 -10.98 16.81
N ASP C 130 -33.87 -11.40 15.75
CA ASP C 130 -34.54 -11.98 14.59
C ASP C 130 -34.84 -13.46 14.81
N CYS C 131 -33.80 -14.28 15.02
CA CYS C 131 -33.99 -15.72 14.90
C CYS C 131 -34.54 -16.36 16.16
N VAL C 132 -34.61 -15.62 17.27
CA VAL C 132 -35.35 -16.07 18.43
C VAL C 132 -36.64 -15.25 18.58
N LEU C 133 -36.50 -13.95 18.85
CA LEU C 133 -37.64 -13.20 19.35
C LEU C 133 -38.70 -12.92 18.30
N ALA C 134 -38.39 -12.99 17.01
CA ALA C 134 -39.44 -12.85 16.00
C ALA C 134 -39.75 -14.14 15.26
N ASN C 135 -39.07 -15.25 15.59
CA ASN C 135 -39.07 -16.44 14.75
C ASN C 135 -39.97 -17.53 15.33
N TRP C 136 -41.24 -17.21 15.55
CA TRP C 136 -42.06 -18.15 16.30
C TRP C 136 -43.54 -17.89 16.03
N LYS C 137 -44.36 -18.86 16.39
CA LYS C 137 -45.80 -18.73 16.22
C LYS C 137 -46.51 -19.75 17.10
N LYS C 138 -47.77 -19.45 17.41
CA LYS C 138 -48.61 -20.38 18.14
C LYS C 138 -49.24 -21.34 17.15
N LYS C 139 -49.26 -22.63 17.51
CA LYS C 139 -50.10 -23.56 16.74
C LYS C 139 -51.58 -23.18 16.90
N ASP C 140 -52.03 -22.99 18.15
CA ASP C 140 -53.41 -22.59 18.43
C ASP C 140 -53.43 -21.31 19.26
N PRO C 141 -54.08 -20.25 18.78
CA PRO C 141 -54.12 -19.00 19.57
C PRO C 141 -54.92 -19.14 20.85
N ASN C 142 -55.85 -20.11 20.91
CA ASN C 142 -56.65 -20.37 22.10
C ASN C 142 -55.87 -21.10 23.19
N LYS C 143 -54.64 -21.54 22.91
CA LYS C 143 -53.87 -22.35 23.84
C LYS C 143 -52.62 -21.60 24.33
N PRO C 144 -52.06 -21.99 25.49
CA PRO C 144 -51.00 -21.16 26.09
C PRO C 144 -49.66 -21.26 25.37
N LEU C 145 -48.68 -20.47 25.83
CA LEU C 145 -47.30 -20.47 25.29
C LEU C 145 -46.51 -21.62 25.91
N THR C 146 -46.85 -22.82 25.48
CA THR C 146 -46.07 -24.00 25.81
C THR C 146 -45.39 -24.49 24.54
N TYR C 147 -44.25 -25.17 24.71
CA TYR C 147 -43.54 -25.77 23.59
C TYR C 147 -44.49 -26.40 22.58
N GLU C 148 -45.41 -27.23 23.06
CA GLU C 148 -46.19 -28.06 22.16
C GLU C 148 -47.20 -27.24 21.36
N ASN C 149 -47.49 -26.00 21.76
CA ASN C 149 -48.30 -25.13 20.92
C ASN C 149 -47.46 -24.09 20.16
N MET C 150 -46.16 -24.33 19.99
CA MET C 150 -45.33 -23.33 19.33
C MET C 150 -44.54 -23.94 18.17
N ASP C 151 -44.21 -23.09 17.19
CA ASP C 151 -43.31 -23.48 16.13
C ASP C 151 -42.40 -22.30 15.75
N VAL C 152 -41.26 -22.61 15.09
CA VAL C 152 -40.40 -21.56 14.53
C VAL C 152 -40.89 -21.23 13.12
N LEU C 153 -40.45 -20.10 12.56
CA LEU C 153 -40.83 -19.78 11.19
C LEU C 153 -39.86 -20.32 10.14
N PHE C 154 -38.57 -20.40 10.48
CA PHE C 154 -37.56 -20.78 9.50
C PHE C 154 -36.48 -21.59 10.18
N SER C 155 -35.89 -22.50 9.41
CA SER C 155 -34.76 -23.31 9.80
C SER C 155 -33.71 -23.25 8.69
N PHE C 156 -32.47 -23.63 9.02
CA PHE C 156 -31.35 -23.66 8.08
C PHE C 156 -31.22 -24.99 7.35
N ARG C 157 -31.01 -26.10 8.09
CA ARG C 157 -30.80 -27.43 7.51
C ARG C 157 -31.70 -28.44 8.20
N ASP C 158 -32.07 -29.51 7.48
CA ASP C 158 -32.72 -30.66 8.11
C ASP C 158 -31.87 -31.19 9.28
N GLY C 159 -32.52 -31.40 10.42
CA GLY C 159 -31.78 -31.84 11.60
C GLY C 159 -30.80 -30.86 12.23
N ASP C 160 -31.04 -29.55 12.11
CA ASP C 160 -30.20 -28.53 12.76
C ASP C 160 -30.69 -28.16 14.15
N CYS C 161 -31.80 -28.76 14.61
CA CYS C 161 -32.42 -28.53 15.92
C CYS C 161 -32.75 -27.07 16.16
N SER C 162 -32.96 -26.31 15.09
CA SER C 162 -33.18 -24.89 15.25
C SER C 162 -34.53 -24.64 15.92
N LYS C 163 -35.52 -25.48 15.64
CA LYS C 163 -36.80 -25.35 16.34
C LYS C 163 -36.61 -25.47 17.85
N GLY C 164 -35.88 -26.50 18.28
CA GLY C 164 -35.68 -26.67 19.70
C GLY C 164 -34.84 -25.54 20.28
N PHE C 165 -33.82 -25.12 19.56
CA PHE C 165 -32.92 -24.14 20.14
C PHE C 165 -33.53 -22.74 20.14
N PHE C 166 -34.27 -22.38 19.09
CA PHE C 166 -34.95 -21.09 19.08
C PHE C 166 -36.14 -21.07 20.06
N LEU C 167 -36.92 -22.15 20.12
CA LEU C 167 -38.08 -22.18 21.02
C LEU C 167 -37.66 -22.24 22.49
N VAL C 168 -36.54 -22.87 22.80
CA VAL C 168 -36.14 -22.94 24.20
C VAL C 168 -35.63 -21.59 24.67
N SER C 169 -34.72 -20.97 23.90
CA SER C 169 -34.31 -19.58 24.18
C SER C 169 -35.51 -18.68 24.34
N LEU C 170 -36.49 -18.81 23.45
CA LEU C 170 -37.70 -18.02 23.53
C LEU C 170 -38.43 -18.21 24.85
N LEU C 171 -38.41 -19.42 25.42
CA LEU C 171 -39.18 -19.68 26.63
C LEU C 171 -38.45 -19.26 27.89
N VAL C 172 -37.11 -19.32 27.89
CA VAL C 172 -36.34 -18.65 28.93
C VAL C 172 -36.64 -17.16 28.94
N GLU C 173 -36.80 -16.57 27.77
CA GLU C 173 -37.16 -15.15 27.68
C GLU C 173 -38.56 -14.91 28.24
N ILE C 174 -39.52 -15.71 27.80
CA ILE C 174 -40.89 -15.53 28.28
C ILE C 174 -40.95 -15.77 29.78
N ALA C 175 -40.08 -16.64 30.30
CA ALA C 175 -40.03 -16.87 31.74
C ALA C 175 -39.51 -15.64 32.48
N ALA C 176 -38.46 -15.00 31.94
CA ALA C 176 -38.00 -13.76 32.54
C ALA C 176 -39.02 -12.64 32.38
N ALA C 177 -39.99 -12.77 31.48
CA ALA C 177 -41.01 -11.73 31.37
C ALA C 177 -41.72 -11.51 32.70
N SER C 178 -41.95 -12.58 33.45
CA SER C 178 -42.68 -12.46 34.71
C SER C 178 -41.87 -11.68 35.75
N ALA C 179 -40.53 -11.69 35.64
CA ALA C 179 -39.68 -10.86 36.50
C ALA C 179 -39.59 -9.43 35.99
N ILE C 180 -39.46 -9.23 34.68
CA ILE C 180 -39.27 -7.89 34.14
C ILE C 180 -40.46 -6.99 34.47
N LYS C 181 -41.66 -7.56 34.57
CA LYS C 181 -42.86 -6.77 34.87
C LYS C 181 -42.97 -6.38 36.34
N VAL C 182 -42.08 -6.89 37.21
CA VAL C 182 -41.96 -6.39 38.58
C VAL C 182 -41.01 -5.19 38.68
N ILE C 183 -40.34 -4.79 37.59
CA ILE C 183 -39.23 -3.83 37.73
C ILE C 183 -39.76 -2.45 38.13
N PRO C 184 -40.85 -1.93 37.54
CA PRO C 184 -41.37 -0.64 38.02
C PRO C 184 -41.74 -0.65 39.49
N THR C 185 -42.42 -1.70 39.96
CA THR C 185 -42.73 -1.87 41.37
C THR C 185 -41.50 -1.66 42.26
N VAL C 186 -40.31 -1.98 41.75
CA VAL C 186 -39.07 -1.85 42.52
C VAL C 186 -38.64 -0.40 42.64
N PHE C 187 -38.84 0.40 41.58
CA PHE C 187 -38.43 1.80 41.65
C PHE C 187 -39.49 2.68 42.28
N LYS C 188 -40.76 2.33 42.13
CA LYS C 188 -41.83 2.99 42.87
C LYS C 188 -41.69 2.74 44.37
N ALA C 189 -41.29 1.53 44.76
CA ALA C 189 -41.10 1.23 46.18
C ALA C 189 -39.90 1.96 46.76
N MET C 190 -38.81 2.12 45.99
CA MET C 190 -37.70 2.92 46.47
C MET C 190 -38.09 4.37 46.58
N GLN C 191 -38.86 4.84 45.60
CA GLN C 191 -39.25 6.24 45.55
C GLN C 191 -40.18 6.60 46.70
N MET C 192 -41.15 5.72 46.97
CA MET C 192 -42.18 5.96 47.97
C MET C 192 -41.84 5.36 49.32
N GLN C 193 -40.56 5.07 49.55
CA GLN C 193 -40.07 4.56 50.82
C GLN C 193 -41.00 3.48 51.37
N GLU C 194 -41.11 2.40 50.60
CA GLU C 194 -42.05 1.32 50.91
C GLU C 194 -41.26 0.02 51.08
N ARG C 195 -40.62 -0.11 52.24
CA ARG C 195 -39.73 -1.25 52.50
C ARG C 195 -40.40 -2.58 52.18
N ASP C 196 -41.68 -2.75 52.56
CA ASP C 196 -42.34 -4.05 52.42
C ASP C 196 -42.64 -4.38 50.96
N THR C 197 -43.05 -3.37 50.19
CA THR C 197 -43.33 -3.57 48.77
C THR C 197 -42.04 -3.88 48.03
N LEU C 198 -40.96 -3.19 48.39
CA LEU C 198 -39.65 -3.44 47.79
C LEU C 198 -39.20 -4.87 48.05
N LEU C 199 -39.39 -5.35 49.28
CA LEU C 199 -38.91 -6.68 49.62
C LEU C 199 -39.71 -7.74 48.86
N LYS C 200 -41.03 -7.60 48.85
CA LYS C 200 -41.84 -8.54 48.09
C LYS C 200 -41.43 -8.53 46.62
N ALA C 201 -41.15 -7.34 46.07
CA ALA C 201 -40.77 -7.22 44.66
C ALA C 201 -39.52 -8.01 44.38
N LEU C 202 -38.47 -7.79 45.18
CA LEU C 202 -37.20 -8.47 44.95
C LEU C 202 -37.36 -9.97 45.09
N LEU C 203 -38.20 -10.41 46.04
CA LEU C 203 -38.39 -11.84 46.25
C LEU C 203 -39.03 -12.49 45.03
N GLU C 204 -40.00 -11.81 44.41
CA GLU C 204 -40.64 -12.36 43.23
C GLU C 204 -39.70 -12.37 42.03
N ILE C 205 -38.81 -11.38 41.93
CA ILE C 205 -37.83 -11.38 40.84
C ILE C 205 -36.94 -12.61 40.93
N ALA C 206 -36.37 -12.86 42.11
CA ALA C 206 -35.55 -14.05 42.28
C ALA C 206 -36.34 -15.32 41.96
N SER C 207 -37.60 -15.37 42.41
CA SER C 207 -38.41 -16.57 42.19
C SER C 207 -38.73 -16.76 40.72
N CYS C 208 -38.98 -15.68 39.98
CA CYS C 208 -39.17 -15.82 38.54
C CYS C 208 -37.85 -16.13 37.85
N LEU C 209 -36.73 -15.70 38.42
CA LEU C 209 -35.42 -16.01 37.83
C LEU C 209 -35.02 -17.46 38.05
N GLU C 210 -35.47 -18.08 39.14
CA GLU C 210 -35.09 -19.48 39.32
C GLU C 210 -36.01 -20.39 38.53
N LYS C 211 -37.24 -19.94 38.25
CA LYS C 211 -38.13 -20.69 37.36
C LYS C 211 -37.63 -20.66 35.92
N ALA C 212 -36.99 -19.56 35.51
CA ALA C 212 -36.38 -19.45 34.20
C ALA C 212 -35.13 -20.31 34.06
N LEU C 213 -34.46 -20.60 35.17
CA LEU C 213 -33.36 -21.54 35.12
C LEU C 213 -33.88 -22.95 34.87
N GLN C 214 -35.05 -23.25 35.38
CA GLN C 214 -35.67 -24.52 35.21
C GLN C 214 -36.11 -24.76 33.83
N VAL C 215 -36.61 -23.71 33.20
CA VAL C 215 -37.01 -23.69 31.80
C VAL C 215 -35.82 -23.88 30.90
N PHE C 216 -34.66 -23.43 31.31
CA PHE C 216 -33.40 -23.57 30.65
C PHE C 216 -32.96 -25.03 30.56
N HIS C 217 -33.38 -25.87 31.50
CA HIS C 217 -33.12 -27.29 31.51
C HIS C 217 -33.74 -28.06 30.34
N GLN C 218 -34.78 -27.52 29.74
CA GLN C 218 -35.43 -28.02 28.57
C GLN C 218 -34.56 -28.02 27.29
N ILE C 219 -33.42 -27.39 27.27
CA ILE C 219 -32.55 -27.41 26.19
C ILE C 219 -32.15 -28.83 25.78
N HIS C 220 -31.87 -29.74 26.70
CA HIS C 220 -31.50 -31.12 26.43
C HIS C 220 -32.63 -31.87 25.82
N ASP C 221 -33.83 -31.57 26.20
CA ASP C 221 -35.01 -32.18 25.67
C ASP C 221 -35.24 -31.93 24.20
N HIS C 222 -34.79 -30.80 23.69
CA HIS C 222 -34.98 -30.46 22.33
C HIS C 222 -33.79 -30.20 21.42
N VAL C 223 -32.57 -30.20 21.89
CA VAL C 223 -31.47 -29.88 21.04
C VAL C 223 -30.38 -30.82 21.34
N ASN C 224 -29.76 -31.45 20.38
CA ASN C 224 -28.68 -32.31 20.82
C ASN C 224 -27.36 -31.71 20.42
N PRO C 225 -26.33 -31.95 21.22
CA PRO C 225 -25.06 -31.24 21.03
C PRO C 225 -24.53 -31.29 19.63
N LYS C 226 -24.62 -32.45 18.99
CA LYS C 226 -23.95 -32.68 17.72
C LYS C 226 -24.54 -31.79 16.62
N ALA C 227 -25.86 -31.78 16.51
CA ALA C 227 -26.57 -30.90 15.58
C ALA C 227 -26.16 -29.43 15.75
N PHE C 228 -26.18 -28.92 16.99
CA PHE C 228 -25.89 -27.51 17.23
C PHE C 228 -24.47 -27.18 16.79
N PHE C 229 -23.49 -27.93 17.30
CA PHE C 229 -22.09 -27.59 17.04
C PHE C 229 -21.72 -27.78 15.57
N SER C 230 -22.23 -28.83 14.94
CA SER C 230 -21.80 -29.15 13.58
C SER C 230 -22.65 -28.50 12.49
N VAL C 231 -23.89 -28.15 12.78
CA VAL C 231 -24.78 -27.67 11.75
C VAL C 231 -25.21 -26.24 12.05
N LEU C 232 -25.84 -26.04 13.21
CA LEU C 232 -26.52 -24.78 13.46
C LEU C 232 -25.56 -23.66 13.85
N ARG C 233 -24.49 -23.98 14.60
CA ARG C 233 -23.54 -22.97 15.05
C ARG C 233 -22.99 -22.19 13.87
N ILE C 234 -22.84 -22.84 12.72
CA ILE C 234 -22.14 -22.25 11.59
C ILE C 234 -23.01 -21.17 10.93
N TYR C 235 -24.32 -21.42 10.83
CA TYR C 235 -25.19 -20.42 10.20
C TYR C 235 -25.49 -19.25 11.13
N LEU C 236 -25.16 -19.37 12.41
CA LEU C 236 -25.27 -18.29 13.38
C LEU C 236 -23.99 -17.48 13.52
N SER C 237 -22.87 -17.91 12.94
CA SER C 237 -21.64 -17.19 13.22
C SER C 237 -21.44 -16.05 12.22
N GLY C 238 -20.56 -15.11 12.58
CA GLY C 238 -20.47 -13.85 11.90
C GLY C 238 -19.14 -13.61 11.21
N TRP C 239 -18.87 -12.34 10.89
CA TRP C 239 -17.66 -11.94 10.18
C TRP C 239 -17.03 -10.75 10.86
N LYS C 240 -16.82 -10.86 12.16
CA LYS C 240 -15.96 -9.98 12.93
C LYS C 240 -14.93 -10.86 13.61
N GLY C 241 -13.65 -10.61 13.36
CA GLY C 241 -12.61 -11.48 13.86
C GLY C 241 -12.77 -12.90 13.36
N ASN C 242 -13.28 -13.07 12.15
CA ASN C 242 -13.46 -14.38 11.56
C ASN C 242 -12.53 -14.48 10.36
N PRO C 243 -11.58 -15.41 10.36
CA PRO C 243 -10.54 -15.39 9.32
C PRO C 243 -11.02 -15.89 7.97
N GLN C 244 -12.07 -16.71 7.92
CA GLN C 244 -12.67 -17.04 6.63
C GLN C 244 -13.24 -15.82 5.92
N LEU C 245 -13.60 -14.77 6.68
CA LEU C 245 -14.01 -13.48 6.13
C LEU C 245 -13.25 -12.34 6.85
N SER C 246 -11.94 -12.27 6.67
CA SER C 246 -11.11 -11.51 7.61
C SER C 246 -11.34 -10.00 7.53
N ASP C 247 -11.88 -9.50 6.42
CA ASP C 247 -12.19 -8.08 6.33
C ASP C 247 -13.65 -7.78 6.56
N GLY C 248 -14.47 -8.78 6.79
CA GLY C 248 -15.89 -8.55 6.81
C GLY C 248 -16.55 -8.88 5.48
N LEU C 249 -17.72 -8.30 5.31
CA LEU C 249 -18.62 -8.65 4.22
C LEU C 249 -18.84 -7.41 3.38
N VAL C 250 -18.81 -7.53 2.05
CA VAL C 250 -19.21 -6.42 1.19
C VAL C 250 -20.73 -6.48 1.01
N TYR C 251 -21.42 -5.41 1.43
CA TYR C 251 -22.84 -5.22 1.19
C TYR C 251 -22.98 -4.45 -0.12
N GLU C 252 -23.06 -5.19 -1.22
CA GLU C 252 -22.80 -4.60 -2.52
C GLU C 252 -23.84 -3.53 -2.86
N GLY C 253 -23.36 -2.37 -3.29
CA GLY C 253 -24.26 -1.30 -3.70
C GLY C 253 -24.81 -0.50 -2.55
N PHE C 254 -24.41 -0.81 -1.33
CA PHE C 254 -24.77 0.04 -0.21
C PHE C 254 -23.57 0.74 0.39
N TRP C 255 -22.55 0.00 0.83
CA TRP C 255 -21.26 0.52 1.27
C TRP C 255 -20.17 -0.01 0.37
N GLU C 256 -19.15 0.80 0.12
CA GLU C 256 -18.16 0.39 -0.86
C GLU C 256 -17.20 -0.64 -0.30
N ASP C 257 -16.80 -0.49 0.98
CA ASP C 257 -15.81 -1.30 1.67
C ASP C 257 -16.47 -2.33 2.59
N PRO C 258 -15.82 -3.48 2.83
CA PRO C 258 -16.45 -4.52 3.65
C PRO C 258 -16.61 -4.04 5.08
N LYS C 259 -17.67 -4.49 5.72
CA LYS C 259 -17.93 -4.16 7.10
C LYS C 259 -18.00 -5.42 7.93
N GLU C 260 -17.58 -5.33 9.18
CA GLU C 260 -17.51 -6.47 10.08
C GLU C 260 -18.67 -6.44 11.07
N PHE C 261 -19.35 -7.57 11.25
CA PHE C 261 -20.40 -7.64 12.27
C PHE C 261 -20.32 -9.01 12.92
N ALA C 262 -20.58 -9.05 14.23
CA ALA C 262 -20.45 -10.29 14.99
C ALA C 262 -21.70 -11.16 14.87
N GLY C 263 -21.48 -12.46 14.96
CA GLY C 263 -22.55 -13.42 14.97
C GLY C 263 -23.34 -13.45 16.28
N GLY C 264 -24.49 -14.13 16.23
CA GLY C 264 -25.45 -14.05 17.30
C GLY C 264 -25.00 -14.76 18.55
N SER C 265 -25.47 -14.26 19.69
CA SER C 265 -25.21 -14.93 20.96
C SER C 265 -26.28 -14.47 21.93
N ALA C 266 -26.66 -15.34 22.89
CA ALA C 266 -27.68 -14.69 23.74
C ALA C 266 -27.06 -13.70 24.70
N GLY C 267 -25.76 -13.45 24.45
CA GLY C 267 -25.15 -12.24 24.92
C GLY C 267 -25.90 -11.03 24.43
N GLN C 268 -26.62 -11.20 23.30
CA GLN C 268 -27.51 -10.22 22.70
C GLN C 268 -28.90 -10.20 23.34
N SER C 269 -29.21 -11.17 24.21
CA SER C 269 -30.41 -11.05 25.02
C SER C 269 -30.24 -9.95 26.05
N SER C 270 -31.23 -9.06 26.11
CA SER C 270 -31.24 -8.06 27.14
C SER C 270 -31.54 -8.64 28.53
N VAL C 271 -31.88 -9.94 28.61
CA VAL C 271 -32.44 -10.51 29.85
C VAL C 271 -31.40 -10.53 30.97
N PHE C 272 -30.19 -11.04 30.68
CA PHE C 272 -29.18 -11.06 31.73
C PHE C 272 -28.62 -9.67 32.00
N GLN C 273 -28.53 -8.80 30.98
CA GLN C 273 -28.03 -7.47 31.27
C GLN C 273 -29.07 -6.64 32.02
N CYS C 274 -30.36 -6.85 31.71
CA CYS C 274 -31.47 -6.29 32.47
C CYS C 274 -31.26 -6.37 33.98
N PHE C 275 -31.04 -7.59 34.49
CA PHE C 275 -30.92 -7.76 35.93
C PHE C 275 -29.53 -7.41 36.46
N ASP C 276 -28.50 -7.41 35.60
CA ASP C 276 -27.21 -6.89 36.01
C ASP C 276 -27.30 -5.42 36.39
N VAL C 277 -28.10 -4.65 35.65
CA VAL C 277 -28.18 -3.21 35.89
C VAL C 277 -29.13 -2.92 37.06
N LEU C 278 -30.32 -3.53 37.05
CA LEU C 278 -31.26 -3.38 38.16
C LEU C 278 -30.60 -3.65 39.50
N LEU C 279 -29.79 -4.69 39.59
CA LEU C 279 -29.09 -5.05 40.83
C LEU C 279 -27.74 -4.35 40.98
N GLY C 280 -27.44 -3.38 40.12
CA GLY C 280 -26.23 -2.60 40.30
C GLY C 280 -24.95 -3.39 40.22
N ILE C 281 -24.92 -4.42 39.43
CA ILE C 281 -23.69 -5.16 39.14
C ILE C 281 -23.07 -4.52 37.92
N GLN C 282 -21.76 -4.30 37.95
CA GLN C 282 -21.15 -3.43 36.95
C GLN C 282 -20.18 -4.25 36.08
N GLN C 283 -20.78 -4.99 35.15
CA GLN C 283 -20.04 -5.70 34.11
C GLN C 283 -19.52 -4.76 33.03
N THR C 284 -20.08 -3.55 32.99
CA THR C 284 -19.95 -2.65 31.85
C THR C 284 -18.98 -1.51 32.12
N ALA C 285 -18.85 -1.08 33.39
CA ALA C 285 -17.79 -0.16 33.77
C ALA C 285 -16.46 -0.92 33.80
N GLY C 286 -15.44 -0.32 33.19
CA GLY C 286 -14.14 -0.96 33.07
C GLY C 286 -13.65 -1.04 31.64
N GLY C 287 -12.35 -1.25 31.47
CA GLY C 287 -11.77 -1.47 30.16
C GLY C 287 -11.43 -2.90 29.86
N GLY C 288 -11.88 -3.84 30.69
CA GLY C 288 -11.59 -5.25 30.46
C GLY C 288 -12.19 -5.75 29.16
N HIS C 289 -11.75 -6.93 28.76
CA HIS C 289 -12.32 -7.51 27.55
C HIS C 289 -13.79 -7.82 27.75
N ALA C 290 -14.16 -8.34 28.92
CA ALA C 290 -15.55 -8.69 29.20
C ALA C 290 -16.44 -7.47 29.23
N ALA C 291 -15.95 -6.36 29.78
CA ALA C 291 -16.75 -5.15 29.83
C ALA C 291 -17.04 -4.63 28.42
N GLN C 292 -16.02 -4.59 27.57
CA GLN C 292 -16.24 -4.05 26.24
C GLN C 292 -17.07 -5.00 25.38
N PHE C 293 -16.95 -6.31 25.57
CA PHE C 293 -17.78 -7.21 24.79
C PHE C 293 -19.26 -7.00 25.11
N LEU C 294 -19.62 -7.07 26.39
CA LEU C 294 -21.01 -6.88 26.79
C LEU C 294 -21.56 -5.53 26.32
N GLN C 295 -20.70 -4.50 26.28
CA GLN C 295 -21.16 -3.20 25.79
C GLN C 295 -21.38 -3.25 24.29
N ASP C 296 -20.51 -3.92 23.54
CA ASP C 296 -20.74 -4.05 22.11
C ASP C 296 -21.99 -4.90 21.79
N MET C 297 -22.33 -5.88 22.62
CA MET C 297 -23.54 -6.66 22.33
C MET C 297 -24.80 -5.81 22.39
N ARG C 298 -24.76 -4.67 23.10
CA ARG C 298 -25.95 -3.80 23.13
C ARG C 298 -26.28 -3.26 21.75
N ARG C 299 -25.27 -3.05 20.90
CA ARG C 299 -25.54 -2.60 19.53
C ARG C 299 -26.35 -3.59 18.72
N TYR C 300 -26.43 -4.86 19.13
CA TYR C 300 -27.11 -5.89 18.37
C TYR C 300 -28.51 -6.16 18.87
N MET C 301 -29.01 -5.30 19.88
CA MET C 301 -30.32 -5.39 20.49
C MET C 301 -31.26 -4.41 19.82
N PRO C 302 -32.56 -4.69 19.81
CA PRO C 302 -33.53 -3.70 19.33
C PRO C 302 -33.34 -2.39 20.06
N PRO C 303 -33.47 -1.25 19.37
CA PRO C 303 -33.24 0.06 20.02
C PRO C 303 -34.11 0.32 21.24
N ALA C 304 -35.40 0.00 21.15
CA ALA C 304 -36.29 0.11 22.30
C ALA C 304 -35.68 -0.56 23.51
N HIS C 305 -35.05 -1.72 23.30
CA HIS C 305 -34.52 -2.49 24.42
C HIS C 305 -33.23 -1.87 24.95
N ARG C 306 -32.34 -1.39 24.07
CA ARG C 306 -31.19 -0.79 24.71
C ARG C 306 -31.52 0.58 25.29
N ASN C 307 -32.60 1.22 24.83
CA ASN C 307 -33.08 2.40 25.53
C ASN C 307 -33.52 2.02 26.94
N PHE C 308 -34.20 0.89 27.07
CA PHE C 308 -34.64 0.42 28.38
C PHE C 308 -33.47 0.19 29.32
N LEU C 309 -32.41 -0.46 28.83
CA LEU C 309 -31.27 -0.75 29.70
C LEU C 309 -30.53 0.52 30.10
N CYS C 310 -30.45 1.51 29.20
CA CYS C 310 -29.82 2.78 29.57
C CYS C 310 -30.68 3.57 30.54
N SER C 311 -32.00 3.39 30.48
CA SER C 311 -32.88 4.09 31.41
C SER C 311 -32.79 3.49 32.81
N LEU C 312 -32.61 2.17 32.90
CA LEU C 312 -32.34 1.51 34.18
C LEU C 312 -31.02 1.99 34.77
N GLU C 313 -29.98 2.12 33.95
CA GLU C 313 -28.67 2.56 34.42
C GLU C 313 -28.71 3.95 35.01
N SER C 314 -29.72 4.75 34.63
CA SER C 314 -29.76 6.15 35.07
C SER C 314 -30.48 6.28 36.42
N ASN C 315 -31.49 5.44 36.66
CA ASN C 315 -32.23 5.41 37.91
C ASN C 315 -31.27 5.18 39.08
N PRO C 316 -31.63 5.56 40.31
CA PRO C 316 -30.70 5.38 41.43
C PRO C 316 -30.55 3.91 41.81
N SER C 317 -29.39 3.58 42.38
CA SER C 317 -29.00 2.19 42.56
C SER C 317 -29.91 1.47 43.54
N VAL C 318 -30.47 0.34 43.09
CA VAL C 318 -31.13 -0.57 44.03
C VAL C 318 -30.12 -1.08 45.04
N ARG C 319 -28.90 -1.41 44.59
CA ARG C 319 -27.92 -1.98 45.49
C ARG C 319 -27.57 -1.01 46.62
N GLU C 320 -27.18 0.21 46.28
CA GLU C 320 -26.81 1.19 47.30
C GLU C 320 -27.94 1.38 48.32
N PHE C 321 -29.16 1.56 47.81
CA PHE C 321 -30.33 1.69 48.67
C PHE C 321 -30.43 0.54 49.67
N VAL C 322 -30.13 -0.69 49.25
CA VAL C 322 -30.26 -1.83 50.16
C VAL C 322 -29.09 -1.87 51.12
N LEU C 323 -27.91 -1.44 50.69
CA LEU C 323 -26.76 -1.44 51.58
C LEU C 323 -26.94 -0.49 52.76
N SER C 324 -27.78 0.52 52.61
CA SER C 324 -27.75 1.65 53.53
C SER C 324 -28.87 1.60 54.56
N LYS C 325 -29.57 0.48 54.68
CA LYS C 325 -30.75 0.43 55.54
C LYS C 325 -30.59 -0.42 56.77
N GLY C 326 -29.50 -1.18 56.89
CA GLY C 326 -29.34 -2.07 58.02
C GLY C 326 -30.53 -2.99 58.16
N ASP C 327 -31.05 -3.49 57.03
CA ASP C 327 -32.29 -4.25 56.95
C ASP C 327 -31.95 -5.63 56.39
N ALA C 328 -31.97 -6.65 57.26
CA ALA C 328 -31.48 -7.95 56.85
C ALA C 328 -32.47 -8.65 55.91
N GLY C 329 -33.78 -8.42 56.09
CA GLY C 329 -34.75 -8.98 55.15
C GLY C 329 -34.58 -8.47 53.73
N LEU C 330 -34.29 -7.17 53.57
CA LEU C 330 -34.03 -6.62 52.24
C LEU C 330 -32.70 -7.09 51.67
N ARG C 331 -31.68 -7.22 52.52
CA ARG C 331 -30.41 -7.76 52.04
C ARG C 331 -30.56 -9.21 51.59
N GLU C 332 -31.40 -10.00 52.26
CA GLU C 332 -31.67 -11.36 51.83
C GLU C 332 -32.36 -11.38 50.47
N ALA C 333 -33.42 -10.58 50.32
CA ALA C 333 -34.13 -10.50 49.05
C ALA C 333 -33.18 -10.11 47.92
N TYR C 334 -32.37 -9.07 48.14
CA TYR C 334 -31.39 -8.67 47.12
C TYR C 334 -30.43 -9.82 46.81
N ASP C 335 -29.90 -10.47 47.84
CA ASP C 335 -28.93 -11.52 47.60
C ASP C 335 -29.55 -12.69 46.82
N ALA C 336 -30.82 -13.01 47.12
CA ALA C 336 -31.53 -14.04 46.39
C ALA C 336 -31.53 -13.76 44.89
N CYS C 337 -31.83 -12.51 44.51
CA CYS C 337 -31.73 -12.11 43.11
C CYS C 337 -30.35 -12.35 42.56
N VAL C 338 -29.31 -11.91 43.28
CA VAL C 338 -27.96 -12.12 42.79
C VAL C 338 -27.66 -13.61 42.66
N LYS C 339 -28.14 -14.41 43.62
CA LYS C 339 -27.85 -15.85 43.61
C LYS C 339 -28.46 -16.52 42.38
N ALA C 340 -29.71 -16.15 42.05
CA ALA C 340 -30.37 -16.71 40.88
C ALA C 340 -29.62 -16.36 39.59
N LEU C 341 -29.21 -15.09 39.44
CA LEU C 341 -28.34 -14.71 38.33
C LEU C 341 -27.07 -15.56 38.30
N VAL C 342 -26.49 -15.84 39.47
CA VAL C 342 -25.29 -16.69 39.50
C VAL C 342 -25.66 -18.10 39.07
N SER C 343 -26.81 -18.62 39.54
CA SER C 343 -27.26 -19.94 39.11
C SER C 343 -27.36 -20.02 37.59
N LEU C 344 -27.95 -19.00 36.97
CA LEU C 344 -28.13 -19.02 35.54
C LEU C 344 -26.78 -19.02 34.84
N ARG C 345 -25.83 -18.24 35.34
CA ARG C 345 -24.56 -18.16 34.63
C ARG C 345 -23.72 -19.41 34.81
N SER C 346 -23.86 -20.12 35.93
CA SER C 346 -23.11 -21.37 36.09
C SER C 346 -23.71 -22.47 35.21
N TYR C 347 -25.04 -22.54 35.15
CA TYR C 347 -25.69 -23.52 34.28
C TYR C 347 -25.38 -23.22 32.82
N HIS C 348 -25.23 -21.95 32.47
CA HIS C 348 -24.79 -21.58 31.14
C HIS C 348 -23.39 -22.13 30.84
N LEU C 349 -22.46 -21.95 31.79
CA LEU C 349 -21.12 -22.51 31.61
C LEU C 349 -21.16 -24.00 31.34
N GLN C 350 -22.15 -24.70 31.92
CA GLN C 350 -22.29 -26.13 31.70
C GLN C 350 -22.90 -26.43 30.34
N ILE C 351 -23.80 -25.58 29.87
CA ILE C 351 -24.33 -25.72 28.52
C ILE C 351 -23.24 -25.49 27.49
N VAL C 352 -22.37 -24.50 27.71
CA VAL C 352 -21.27 -24.24 26.79
C VAL C 352 -20.36 -25.45 26.72
N THR C 353 -20.29 -26.23 27.79
CA THR C 353 -19.42 -27.41 27.83
C THR C 353 -20.03 -28.55 27.03
N LYS C 354 -21.29 -28.92 27.32
CA LYS C 354 -21.99 -29.99 26.59
C LYS C 354 -22.18 -29.63 25.11
N TYR C 355 -22.43 -28.35 24.78
CA TYR C 355 -22.80 -28.03 23.41
C TYR C 355 -21.68 -27.41 22.58
N ILE C 356 -20.55 -27.01 23.17
CA ILE C 356 -19.46 -26.44 22.37
C ILE C 356 -18.13 -27.11 22.69
N LEU C 357 -17.73 -27.13 23.97
CA LEU C 357 -16.37 -27.56 24.32
C LEU C 357 -16.19 -29.05 24.07
N ILE C 358 -17.09 -29.87 24.60
CA ILE C 358 -16.99 -31.31 24.36
C ILE C 358 -17.06 -31.62 22.86
N PRO C 359 -18.05 -31.14 22.09
CA PRO C 359 -18.04 -31.43 20.65
C PRO C 359 -16.85 -30.85 19.89
N ALA C 360 -16.28 -29.72 20.31
CA ALA C 360 -15.20 -29.14 19.52
C ALA C 360 -13.95 -30.01 19.55
N SER C 361 -13.78 -30.81 20.61
CA SER C 361 -12.62 -31.68 20.76
C SER C 361 -12.82 -33.05 20.13
N GLN C 362 -13.48 -33.12 18.97
CA GLN C 362 -13.71 -34.38 18.27
C GLN C 362 -13.61 -34.15 16.77
N GLY C 382 -7.88 -20.97 22.46
CA GLY C 382 -8.90 -20.16 21.83
C GLY C 382 -10.30 -20.36 22.39
N GLY C 383 -10.76 -21.61 22.42
CA GLY C 383 -12.03 -21.93 23.04
C GLY C 383 -11.94 -21.94 24.55
N THR C 384 -10.82 -21.47 25.09
CA THR C 384 -10.70 -21.13 26.50
C THR C 384 -10.63 -19.61 26.71
N ASP C 385 -10.83 -18.84 25.64
CA ASP C 385 -11.11 -17.42 25.80
C ASP C 385 -12.56 -17.21 26.23
N LEU C 386 -13.50 -17.83 25.51
CA LEU C 386 -14.89 -17.66 25.89
C LEU C 386 -15.16 -18.18 27.29
N MET C 387 -14.44 -19.22 27.72
CA MET C 387 -14.67 -19.71 29.07
C MET C 387 -13.99 -18.85 30.12
N ASN C 388 -12.86 -18.21 29.79
CA ASN C 388 -12.37 -17.12 30.63
C ASN C 388 -13.42 -16.02 30.73
N PHE C 389 -13.98 -15.61 29.60
CA PHE C 389 -14.95 -14.53 29.57
C PHE C 389 -16.19 -14.84 30.41
N LEU C 390 -16.78 -16.03 30.23
CA LEU C 390 -18.01 -16.33 30.92
C LEU C 390 -17.81 -16.45 32.43
N LYS C 391 -16.63 -16.93 32.84
CA LYS C 391 -16.29 -17.02 34.26
C LYS C 391 -16.05 -15.64 34.86
N THR C 392 -15.42 -14.74 34.11
CA THR C 392 -15.23 -13.36 34.55
C THR C 392 -16.58 -12.68 34.82
N VAL C 393 -17.60 -13.01 34.04
CA VAL C 393 -18.92 -12.41 34.21
C VAL C 393 -19.68 -13.08 35.35
N ARG C 394 -19.53 -14.40 35.50
CA ARG C 394 -20.15 -15.06 36.64
C ARG C 394 -19.49 -14.64 37.95
N SER C 395 -18.16 -14.47 37.95
CA SER C 395 -17.49 -14.09 39.18
C SER C 395 -17.90 -12.68 39.59
N THR C 396 -17.90 -11.73 38.65
CA THR C 396 -18.34 -10.38 38.96
C THR C 396 -19.75 -10.39 39.55
N THR C 397 -20.59 -11.29 39.07
CA THR C 397 -21.93 -11.40 39.61
C THR C 397 -21.91 -11.91 41.05
N GLU C 398 -21.03 -12.87 41.36
CA GLU C 398 -20.92 -13.39 42.72
C GLU C 398 -20.47 -12.30 43.69
N LYS C 399 -19.55 -11.44 43.25
CA LYS C 399 -19.02 -10.39 44.11
C LYS C 399 -20.08 -9.41 44.56
N SER C 400 -21.21 -9.34 43.86
CA SER C 400 -22.24 -8.40 44.25
C SER C 400 -23.03 -8.87 45.46
N LEU C 401 -22.71 -10.04 45.97
CA LEU C 401 -23.38 -10.54 47.16
C LEU C 401 -23.07 -9.64 48.36
N LEU C 402 -24.00 -9.65 49.32
CA LEU C 402 -23.85 -8.86 50.53
C LEU C 402 -23.40 -9.76 51.68
N LYS C 403 -24.31 -10.63 52.14
CA LYS C 403 -24.02 -11.69 53.11
C LYS C 403 -22.71 -12.44 52.80
N ALA D 16 -7.69 7.57 -1.22
CA ALA D 16 -7.14 6.91 -0.03
C ALA D 16 -8.15 7.01 1.12
N TYR D 17 -7.93 8.02 1.97
CA TYR D 17 -8.90 8.44 2.97
C TYR D 17 -9.83 9.54 2.45
N HIS D 18 -9.98 9.68 1.12
CA HIS D 18 -10.70 10.81 0.53
C HIS D 18 -10.20 12.14 1.11
N ILE D 19 -8.89 12.34 1.07
CA ILE D 19 -8.28 13.62 1.41
C ILE D 19 -7.59 14.13 0.14
N ASP D 20 -8.22 15.12 -0.50
CA ASP D 20 -7.69 15.72 -1.72
C ASP D 20 -6.43 16.53 -1.43
N GLU D 21 -5.49 16.53 -2.38
CA GLU D 21 -4.24 17.25 -2.14
C GLU D 21 -4.42 18.76 -2.19
N GLU D 22 -5.30 19.27 -3.05
CA GLU D 22 -5.52 20.70 -3.20
C GLU D 22 -6.58 21.25 -2.25
N VAL D 23 -7.69 20.52 -2.04
CA VAL D 23 -8.78 21.03 -1.19
C VAL D 23 -8.92 20.25 0.12
N GLY D 24 -8.06 19.26 0.39
CA GLY D 24 -8.02 18.67 1.71
C GLY D 24 -9.26 17.85 2.03
N PHE D 25 -9.95 18.20 3.11
CA PHE D 25 -11.17 17.49 3.49
C PHE D 25 -12.36 17.84 2.60
N ALA D 26 -12.25 18.89 1.78
CA ALA D 26 -13.39 19.32 0.97
C ALA D 26 -13.60 18.38 -0.23
N LEU D 27 -14.82 18.40 -0.78
CA LEU D 27 -15.14 17.60 -1.98
C LEU D 27 -14.59 18.29 -3.21
N PRO D 28 -13.69 17.67 -3.97
CA PRO D 28 -13.18 18.32 -5.18
C PRO D 28 -14.29 18.41 -6.22
N ASN D 29 -14.42 19.55 -6.81
CA ASN D 29 -15.36 19.86 -7.87
C ASN D 29 -16.76 19.28 -7.66
N PRO D 30 -17.54 19.85 -6.75
CA PRO D 30 -18.88 19.29 -6.49
C PRO D 30 -19.74 19.27 -7.74
N GLN D 31 -20.65 18.29 -7.80
CA GLN D 31 -21.71 18.33 -8.79
C GLN D 31 -22.72 19.41 -8.39
N GLU D 32 -23.30 20.04 -9.42
CA GLU D 32 -24.26 21.12 -9.24
C GLU D 32 -25.69 20.71 -9.51
N ASN D 33 -25.96 19.82 -10.46
CA ASN D 33 -27.33 19.43 -10.75
C ASN D 33 -27.47 17.93 -10.60
N LEU D 34 -28.55 17.54 -9.96
CA LEU D 34 -28.86 16.13 -9.84
C LEU D 34 -29.40 15.64 -11.17
N PRO D 35 -29.36 14.32 -11.41
CA PRO D 35 -30.03 13.75 -12.58
C PRO D 35 -31.46 14.26 -12.68
N ASP D 36 -31.93 14.44 -13.92
CA ASP D 36 -33.28 14.94 -14.23
C ASP D 36 -34.38 14.33 -13.36
N PHE D 37 -34.22 13.04 -13.00
CA PHE D 37 -35.12 12.28 -12.14
C PHE D 37 -35.54 13.09 -10.92
N TYR D 38 -34.63 13.90 -10.39
CA TYR D 38 -34.80 14.66 -9.15
C TYR D 38 -35.06 16.15 -9.38
N ASN D 39 -35.50 16.55 -10.58
CA ASN D 39 -35.83 17.95 -10.81
C ASN D 39 -36.78 18.53 -9.78
N ASP D 40 -37.61 17.71 -9.14
CA ASP D 40 -38.53 18.28 -8.16
C ASP D 40 -37.81 18.68 -6.88
N TRP D 41 -36.84 17.88 -6.43
CA TRP D 41 -36.00 18.31 -5.33
C TRP D 41 -35.23 19.56 -5.71
N MET D 42 -34.56 19.52 -6.87
CA MET D 42 -33.72 20.63 -7.32
C MET D 42 -34.48 21.93 -7.33
N PHE D 43 -35.75 21.90 -7.74
CA PHE D 43 -36.51 23.13 -7.86
C PHE D 43 -36.70 23.80 -6.52
N ILE D 44 -37.03 23.00 -5.49
CA ILE D 44 -37.23 23.56 -4.16
C ILE D 44 -35.93 24.15 -3.63
N ALA D 45 -34.84 23.40 -3.74
CA ALA D 45 -33.61 23.83 -3.08
C ALA D 45 -33.05 25.08 -3.76
N LYS D 46 -33.18 25.18 -5.08
CA LYS D 46 -32.71 26.36 -5.79
C LYS D 46 -33.54 27.61 -5.52
N HIS D 47 -34.75 27.49 -4.95
CA HIS D 47 -35.62 28.64 -4.72
C HIS D 47 -36.01 28.79 -3.26
N LEU D 48 -35.17 28.28 -2.36
CA LEU D 48 -35.44 28.46 -0.93
C LEU D 48 -35.69 29.92 -0.53
N PRO D 49 -34.92 30.92 -0.97
CA PRO D 49 -35.22 32.30 -0.51
C PRO D 49 -36.64 32.73 -0.80
N ASP D 50 -37.13 32.55 -2.03
CA ASP D 50 -38.48 33.02 -2.36
C ASP D 50 -39.55 32.14 -1.76
N LEU D 51 -39.37 30.80 -1.80
CA LEU D 51 -40.39 29.91 -1.27
C LEU D 51 -40.54 30.09 0.23
N ILE D 52 -39.47 30.48 0.92
CA ILE D 52 -39.60 30.76 2.35
C ILE D 52 -40.30 32.10 2.57
N GLU D 53 -39.85 33.16 1.87
CA GLU D 53 -40.42 34.50 2.05
C GLU D 53 -41.92 34.50 1.82
N SER D 54 -42.34 33.83 0.76
CA SER D 54 -43.72 33.79 0.35
C SER D 54 -44.52 32.67 0.99
N GLY D 55 -43.99 32.04 2.05
CA GLY D 55 -44.72 31.01 2.80
C GLY D 55 -45.24 29.84 2.00
N GLN D 56 -44.69 29.56 0.82
CA GLN D 56 -45.09 28.40 0.03
C GLN D 56 -44.19 27.18 0.23
N LEU D 57 -43.13 27.28 1.03
CA LEU D 57 -42.13 26.22 1.05
C LEU D 57 -42.70 24.94 1.63
N ARG D 58 -43.37 25.04 2.77
CA ARG D 58 -43.92 23.86 3.43
C ARG D 58 -44.93 23.15 2.55
N GLU D 59 -45.82 23.92 1.91
CA GLU D 59 -46.79 23.34 1.00
C GLU D 59 -46.11 22.53 -0.11
N ARG D 60 -45.12 23.13 -0.77
CA ARG D 60 -44.48 22.44 -1.89
C ARG D 60 -43.68 21.22 -1.44
N VAL D 61 -43.21 21.21 -0.19
CA VAL D 61 -42.57 20.01 0.35
C VAL D 61 -43.61 18.92 0.55
N GLU D 62 -44.79 19.29 1.06
CA GLU D 62 -45.81 18.30 1.38
C GLU D 62 -46.42 17.69 0.13
N LYS D 63 -46.26 18.34 -1.02
CA LYS D 63 -46.81 17.81 -2.27
C LYS D 63 -45.80 17.03 -3.09
N LEU D 64 -44.53 16.98 -2.69
CA LEU D 64 -43.59 16.16 -3.46
C LEU D 64 -44.05 14.71 -3.53
N ASN D 65 -43.73 14.06 -4.64
CA ASN D 65 -43.85 12.62 -4.74
C ASN D 65 -42.64 11.94 -4.08
N MET D 66 -42.83 10.68 -3.75
CA MET D 66 -41.74 9.84 -3.27
C MET D 66 -40.79 9.52 -4.41
N LEU D 67 -39.52 9.93 -4.29
CA LEU D 67 -38.50 9.62 -5.28
C LEU D 67 -37.47 8.68 -4.69
N SER D 68 -37.21 7.59 -5.40
CA SER D 68 -36.20 6.65 -4.95
C SER D 68 -34.80 7.22 -5.16
N ILE D 69 -33.87 6.77 -4.32
CA ILE D 69 -32.49 7.19 -4.40
C ILE D 69 -31.74 6.25 -5.37
N ASP D 70 -32.49 5.37 -6.04
CA ASP D 70 -31.90 4.42 -6.99
C ASP D 70 -31.08 5.11 -8.07
N HIS D 71 -31.48 6.30 -8.49
CA HIS D 71 -30.78 7.00 -9.56
C HIS D 71 -29.66 7.90 -9.08
N LEU D 72 -29.16 7.72 -7.86
CA LEU D 72 -27.99 8.43 -7.39
C LEU D 72 -26.87 7.41 -7.44
N THR D 73 -26.07 7.47 -8.50
CA THR D 73 -25.24 6.34 -8.89
C THR D 73 -23.75 6.54 -8.66
N ASP D 74 -23.31 7.75 -8.29
CA ASP D 74 -21.92 8.05 -7.98
C ASP D 74 -21.86 8.79 -6.65
N HIS D 75 -20.65 8.89 -6.11
CA HIS D 75 -20.45 9.56 -4.83
C HIS D 75 -20.88 11.01 -4.91
N LYS D 76 -20.54 11.67 -6.01
CA LYS D 76 -20.78 13.11 -6.11
C LYS D 76 -22.26 13.42 -6.22
N SER D 77 -23.05 12.58 -6.88
CA SER D 77 -24.47 12.91 -6.88
C SER D 77 -25.16 12.54 -5.57
N GLN D 78 -24.60 11.59 -4.82
CA GLN D 78 -25.12 11.32 -3.48
C GLN D 78 -24.78 12.47 -2.54
N ARG D 79 -23.56 13.01 -2.66
CA ARG D 79 -23.18 14.17 -1.86
C ARG D 79 -24.05 15.38 -2.17
N LEU D 80 -24.35 15.60 -3.45
CA LEU D 80 -25.21 16.73 -3.79
C LEU D 80 -26.62 16.50 -3.26
N ALA D 81 -27.05 15.23 -3.28
CA ALA D 81 -28.40 14.89 -2.84
C ALA D 81 -28.52 15.09 -1.35
N ARG D 82 -27.45 14.84 -0.61
CA ARG D 82 -27.48 15.17 0.81
C ARG D 82 -27.56 16.67 1.03
N LEU D 83 -26.80 17.45 0.24
CA LEU D 83 -26.88 18.90 0.42
C LEU D 83 -28.28 19.42 0.14
N VAL D 84 -28.92 18.91 -0.92
CA VAL D 84 -30.24 19.35 -1.33
C VAL D 84 -31.29 18.99 -0.27
N LEU D 85 -31.41 17.69 0.06
CA LEU D 85 -32.38 17.24 1.04
C LEU D 85 -32.12 17.90 2.41
N GLY D 86 -30.84 18.13 2.72
CA GLY D 86 -30.48 18.78 3.97
C GLY D 86 -30.94 20.22 4.07
N CYS D 87 -30.72 21.01 2.99
CA CYS D 87 -31.25 22.37 2.99
C CYS D 87 -32.77 22.36 2.98
N ILE D 88 -33.39 21.47 2.19
CA ILE D 88 -34.85 21.42 2.20
C ILE D 88 -35.35 21.16 3.60
N THR D 89 -34.73 20.19 4.29
CA THR D 89 -35.13 19.84 5.64
C THR D 89 -35.05 21.02 6.61
N MET D 90 -33.93 21.77 6.62
CA MET D 90 -33.83 22.91 7.56
C MET D 90 -34.88 23.99 7.24
N ALA D 91 -35.04 24.33 5.98
CA ALA D 91 -36.06 25.28 5.59
C ALA D 91 -37.46 24.82 5.96
N TYR D 92 -37.71 23.50 5.94
CA TYR D 92 -39.05 23.01 6.31
C TYR D 92 -39.23 23.06 7.82
N VAL D 93 -38.26 22.55 8.57
CA VAL D 93 -38.38 22.50 10.03
C VAL D 93 -38.49 23.92 10.61
N TRP D 94 -37.63 24.85 10.14
CA TRP D 94 -37.57 26.19 10.77
C TRP D 94 -38.45 27.22 10.09
N GLY D 95 -38.90 26.99 8.86
CA GLY D 95 -39.80 27.93 8.22
C GLY D 95 -39.14 29.27 7.99
N LYS D 96 -39.83 30.34 8.44
CA LYS D 96 -39.38 31.70 8.25
C LYS D 96 -38.37 32.15 9.29
N GLY D 97 -38.03 31.29 10.23
CA GLY D 97 -37.01 31.61 11.23
C GLY D 97 -37.50 32.30 12.47
N HIS D 98 -38.81 32.29 12.76
CA HIS D 98 -39.33 33.15 13.81
C HIS D 98 -40.16 32.41 14.86
N GLY D 99 -40.02 31.08 14.95
CA GLY D 99 -40.56 30.31 16.05
C GLY D 99 -41.61 29.28 15.67
N ASP D 100 -42.27 29.43 14.51
CA ASP D 100 -43.30 28.52 14.02
C ASP D 100 -42.62 27.33 13.34
N VAL D 101 -42.44 26.26 14.08
CA VAL D 101 -41.66 25.12 13.63
C VAL D 101 -42.60 24.02 13.15
N ARG D 102 -42.06 23.08 12.36
CA ARG D 102 -42.65 21.77 12.10
C ARG D 102 -41.81 20.73 12.82
N LYS D 103 -42.47 19.73 13.39
CA LYS D 103 -41.77 18.70 14.14
C LYS D 103 -41.91 17.31 13.56
N VAL D 104 -42.55 17.18 12.40
CA VAL D 104 -42.55 15.93 11.66
C VAL D 104 -42.02 16.24 10.27
N LEU D 105 -41.02 15.48 9.83
CA LEU D 105 -40.53 15.65 8.46
C LEU D 105 -41.32 14.72 7.57
N PRO D 106 -41.95 15.22 6.52
CA PRO D 106 -42.82 14.37 5.69
C PRO D 106 -42.05 13.22 5.03
N ARG D 107 -42.68 12.04 5.04
CA ARG D 107 -42.01 10.81 4.63
C ARG D 107 -41.42 10.90 3.22
N ASN D 108 -42.04 11.65 2.32
CA ASN D 108 -41.50 11.68 0.98
C ASN D 108 -40.15 12.41 0.95
N ILE D 109 -39.81 13.13 2.00
CA ILE D 109 -38.44 13.60 2.21
C ILE D 109 -37.68 12.72 3.19
N ALA D 110 -38.31 12.43 4.33
CA ALA D 110 -37.63 11.72 5.40
C ALA D 110 -37.05 10.39 4.92
N VAL D 111 -37.77 9.66 4.10
CA VAL D 111 -37.38 8.28 3.79
C VAL D 111 -36.17 8.24 2.86
N PRO D 112 -36.20 8.88 1.68
CA PRO D 112 -34.97 8.86 0.86
C PRO D 112 -33.79 9.55 1.53
N TYR D 113 -34.06 10.61 2.30
CA TYR D 113 -33.02 11.28 3.06
C TYR D 113 -32.40 10.33 4.09
N CYS D 114 -33.24 9.64 4.85
CA CYS D 114 -32.70 8.66 5.79
C CYS D 114 -32.01 7.48 5.08
N GLN D 115 -32.53 7.04 3.94
CA GLN D 115 -31.88 5.89 3.30
C GLN D 115 -30.51 6.27 2.79
N LEU D 116 -30.43 7.43 2.10
CA LEU D 116 -29.18 7.96 1.59
C LEU D 116 -28.18 8.23 2.72
N SER D 117 -28.64 8.78 3.85
CA SER D 117 -27.71 9.05 4.94
C SER D 117 -27.14 7.75 5.54
N ALA D 118 -27.95 6.68 5.61
CA ALA D 118 -27.43 5.40 6.09
C ALA D 118 -26.36 4.84 5.15
N ALA D 119 -26.56 4.99 3.82
CA ALA D 119 -25.52 4.64 2.84
C ALA D 119 -24.23 5.44 3.02
N LEU D 120 -24.33 6.76 3.23
CA LEU D 120 -23.15 7.62 3.40
C LEU D 120 -22.67 7.66 4.84
N GLU D 121 -23.32 6.94 5.75
CA GLU D 121 -22.87 6.82 7.14
C GLU D 121 -22.83 8.18 7.83
N LEU D 122 -23.88 8.98 7.62
CA LEU D 122 -24.02 10.29 8.21
C LEU D 122 -25.43 10.49 8.73
N PRO D 123 -25.59 11.22 9.82
CA PRO D 123 -26.93 11.47 10.35
C PRO D 123 -27.77 12.24 9.36
N PRO D 124 -29.08 12.05 9.35
CA PRO D 124 -29.93 12.82 8.41
C PRO D 124 -30.22 14.23 8.92
N ILE D 125 -29.22 15.08 8.80
CA ILE D 125 -29.32 16.49 9.13
C ILE D 125 -28.17 17.18 8.42
N LEU D 126 -28.35 18.46 8.11
CA LEU D 126 -27.33 19.23 7.41
C LEU D 126 -26.09 19.39 8.29
N VAL D 127 -24.92 19.02 7.76
CA VAL D 127 -23.68 19.01 8.52
C VAL D 127 -22.66 19.82 7.74
N TYR D 128 -21.61 20.21 8.46
CA TYR D 128 -20.48 20.94 7.89
C TYR D 128 -20.07 20.40 6.53
N ALA D 129 -19.96 19.07 6.41
CA ALA D 129 -19.47 18.50 5.14
C ALA D 129 -20.49 18.58 4.00
N ASP D 130 -21.77 18.81 4.30
CA ASP D 130 -22.72 19.10 3.24
C ASP D 130 -22.58 20.56 2.79
N CYS D 131 -22.86 21.52 3.69
CA CYS D 131 -23.05 22.90 3.26
C CYS D 131 -21.75 23.71 3.22
N VAL D 132 -20.61 23.14 3.59
CA VAL D 132 -19.31 23.73 3.25
C VAL D 132 -18.59 22.91 2.19
N LEU D 133 -18.23 21.65 2.51
CA LEU D 133 -17.35 20.87 1.65
C LEU D 133 -17.97 20.50 0.28
N ALA D 134 -19.28 20.58 0.13
CA ALA D 134 -19.93 20.14 -1.11
C ALA D 134 -20.77 21.23 -1.77
N ASN D 135 -20.74 22.44 -1.25
CA ASN D 135 -21.70 23.46 -1.64
C ASN D 135 -21.00 24.62 -2.32
N TRP D 136 -20.20 24.34 -3.34
CA TRP D 136 -19.39 25.38 -3.92
C TRP D 136 -19.11 25.05 -5.37
N LYS D 137 -18.75 26.10 -6.12
CA LYS D 137 -18.40 26.01 -7.53
C LYS D 137 -17.36 27.08 -7.87
N LYS D 138 -16.62 26.84 -8.95
CA LYS D 138 -15.88 27.92 -9.56
C LYS D 138 -16.81 28.74 -10.45
N LYS D 139 -16.72 30.08 -10.34
CA LYS D 139 -17.36 30.93 -11.34
C LYS D 139 -16.71 30.72 -12.72
N ASP D 140 -15.38 30.63 -12.76
CA ASP D 140 -14.64 30.48 -14.00
C ASP D 140 -13.68 29.32 -13.81
N PRO D 141 -13.82 28.24 -14.59
CA PRO D 141 -12.97 27.06 -14.36
C PRO D 141 -11.50 27.35 -14.54
N ASN D 142 -11.18 28.43 -15.27
CA ASN D 142 -9.82 28.78 -15.63
C ASN D 142 -9.08 29.47 -14.48
N LYS D 143 -9.78 30.30 -13.70
CA LYS D 143 -9.15 31.04 -12.62
C LYS D 143 -9.07 30.15 -11.37
N PRO D 144 -8.35 30.58 -10.32
CA PRO D 144 -8.13 29.70 -9.16
C PRO D 144 -9.23 29.75 -8.10
N LEU D 145 -9.00 28.98 -7.03
CA LEU D 145 -9.90 28.87 -5.88
C LEU D 145 -9.67 30.08 -4.97
N THR D 146 -10.25 31.20 -5.35
CA THR D 146 -10.20 32.41 -4.57
C THR D 146 -11.65 32.87 -4.40
N TYR D 147 -11.94 33.61 -3.31
CA TYR D 147 -13.33 34.00 -3.05
C TYR D 147 -13.96 34.67 -4.27
N GLU D 148 -13.19 35.54 -4.94
CA GLU D 148 -13.71 36.29 -6.08
C GLU D 148 -14.12 35.39 -7.24
N ASN D 149 -13.50 34.22 -7.36
CA ASN D 149 -13.83 33.24 -8.38
C ASN D 149 -14.75 32.13 -7.88
N MET D 150 -15.53 32.35 -6.80
CA MET D 150 -16.30 31.25 -6.23
C MET D 150 -17.72 31.66 -5.84
N ASP D 151 -18.61 30.66 -5.75
CA ASP D 151 -19.96 30.84 -5.27
C ASP D 151 -20.43 29.58 -4.54
N VAL D 152 -21.45 29.73 -3.71
CA VAL D 152 -22.10 28.59 -3.13
C VAL D 152 -23.19 28.09 -4.08
N LEU D 153 -23.63 26.85 -3.86
CA LEU D 153 -24.74 26.31 -4.65
C LEU D 153 -26.10 26.68 -4.08
N PHE D 154 -26.27 26.71 -2.76
CA PHE D 154 -27.57 26.99 -2.18
C PHE D 154 -27.45 27.93 -1.00
N SER D 155 -28.52 28.69 -0.79
CA SER D 155 -28.68 29.64 0.32
C SER D 155 -30.07 29.46 0.91
N PHE D 156 -30.31 30.04 2.08
CA PHE D 156 -31.63 29.98 2.72
C PHE D 156 -32.50 31.22 2.45
N ARG D 157 -31.99 32.41 2.78
CA ARG D 157 -32.73 33.67 2.66
C ARG D 157 -31.87 34.73 2.00
N ASP D 158 -32.51 35.70 1.36
CA ASP D 158 -31.73 36.73 0.71
C ASP D 158 -31.07 37.59 1.78
N GLY D 159 -29.81 37.95 1.52
CA GLY D 159 -29.09 38.69 2.53
C GLY D 159 -28.69 37.91 3.77
N ASP D 160 -28.70 36.57 3.73
CA ASP D 160 -28.32 35.81 4.90
C ASP D 160 -26.81 35.62 5.02
N CYS D 161 -26.05 36.07 4.02
CA CYS D 161 -24.60 35.95 3.99
C CYS D 161 -24.11 34.49 3.95
N SER D 162 -24.93 33.56 3.49
CA SER D 162 -24.47 32.17 3.51
C SER D 162 -23.32 31.97 2.53
N LYS D 163 -23.29 32.73 1.42
CA LYS D 163 -22.16 32.64 0.50
C LYS D 163 -20.85 32.99 1.21
N GLY D 164 -20.81 34.12 1.90
CA GLY D 164 -19.60 34.50 2.61
C GLY D 164 -19.25 33.55 3.72
N PHE D 165 -20.25 33.05 4.42
CA PHE D 165 -19.98 32.18 5.57
C PHE D 165 -19.43 30.83 5.13
N PHE D 166 -20.08 30.20 4.14
CA PHE D 166 -19.65 28.90 3.67
C PHE D 166 -18.33 29.00 2.93
N LEU D 167 -18.18 30.02 2.08
CA LEU D 167 -16.98 30.16 1.26
C LEU D 167 -15.72 30.47 2.08
N VAL D 168 -15.85 31.30 3.13
CA VAL D 168 -14.67 31.59 3.95
C VAL D 168 -14.29 30.37 4.79
N SER D 169 -15.28 29.72 5.39
CA SER D 169 -15.05 28.43 6.02
C SER D 169 -14.31 27.48 5.08
N LEU D 170 -14.74 27.42 3.82
CA LEU D 170 -14.14 26.51 2.84
C LEU D 170 -12.71 26.89 2.55
N LEU D 171 -12.42 28.17 2.39
CA LEU D 171 -11.04 28.57 2.13
C LEU D 171 -10.13 28.38 3.35
N VAL D 172 -10.65 28.48 4.57
CA VAL D 172 -9.87 28.09 5.75
C VAL D 172 -9.50 26.61 5.66
N GLU D 173 -10.50 25.76 5.34
CA GLU D 173 -10.25 24.32 5.10
C GLU D 173 -9.17 24.12 4.02
N ILE D 174 -9.35 24.74 2.86
CA ILE D 174 -8.36 24.54 1.81
C ILE D 174 -6.96 24.99 2.25
N ALA D 175 -6.87 26.09 3.02
CA ALA D 175 -5.58 26.50 3.55
C ALA D 175 -4.98 25.42 4.45
N ALA D 176 -5.78 24.90 5.38
CA ALA D 176 -5.26 23.86 6.26
C ALA D 176 -4.86 22.61 5.49
N ALA D 177 -5.39 22.43 4.27
CA ALA D 177 -5.08 21.26 3.47
C ALA D 177 -3.61 21.20 3.12
N SER D 178 -2.98 22.35 2.94
CA SER D 178 -1.54 22.35 2.69
C SER D 178 -0.77 21.69 3.84
N ALA D 179 -1.34 21.66 5.04
CA ALA D 179 -0.66 21.01 6.15
C ALA D 179 -0.94 19.52 6.21
N ILE D 180 -2.11 19.10 5.71
CA ILE D 180 -2.50 17.70 5.89
C ILE D 180 -1.61 16.77 5.06
N LYS D 181 -1.11 17.21 3.89
CA LYS D 181 -0.19 16.36 3.14
C LYS D 181 1.17 16.17 3.83
N VAL D 182 1.54 17.06 4.74
CA VAL D 182 2.81 16.88 5.44
C VAL D 182 2.72 15.74 6.45
N ILE D 183 1.50 15.39 6.88
CA ILE D 183 1.35 14.43 7.97
C ILE D 183 2.08 13.10 7.72
N PRO D 184 2.04 12.51 6.51
CA PRO D 184 2.83 11.28 6.34
C PRO D 184 4.33 11.52 6.50
N THR D 185 4.86 12.62 5.94
CA THR D 185 6.27 12.99 6.14
C THR D 185 6.65 12.99 7.60
N VAL D 186 5.78 13.49 8.47
CA VAL D 186 6.07 13.50 9.90
C VAL D 186 6.28 12.09 10.42
N PHE D 187 5.36 11.17 10.08
CA PHE D 187 5.37 9.86 10.72
C PHE D 187 6.48 9.00 10.15
N LYS D 188 6.74 9.11 8.85
CA LYS D 188 7.87 8.40 8.26
C LYS D 188 9.20 8.90 8.84
N ALA D 189 9.32 10.22 9.05
CA ALA D 189 10.54 10.77 9.63
C ALA D 189 10.79 10.20 11.02
N MET D 190 9.75 10.12 11.86
CA MET D 190 9.91 9.50 13.17
C MET D 190 10.40 8.07 13.04
N GLN D 191 9.76 7.31 12.14
CA GLN D 191 10.10 5.91 11.96
C GLN D 191 11.57 5.72 11.62
N MET D 192 12.04 6.44 10.62
CA MET D 192 13.39 6.31 10.11
C MET D 192 14.42 7.19 10.82
N GLN D 193 14.05 7.86 11.91
CA GLN D 193 14.99 8.66 12.70
C GLN D 193 15.66 9.73 11.83
N GLU D 194 14.84 10.56 11.18
CA GLU D 194 15.35 11.65 10.37
C GLU D 194 15.01 12.96 11.09
N ARG D 195 15.87 13.35 12.04
CA ARG D 195 15.63 14.54 12.86
C ARG D 195 15.39 15.76 11.99
N ASP D 196 16.25 16.01 11.00
CA ASP D 196 16.14 17.24 10.22
C ASP D 196 14.87 17.28 9.37
N THR D 197 14.42 16.10 8.90
CA THR D 197 13.22 16.01 8.09
C THR D 197 11.98 16.31 8.93
N LEU D 198 11.91 15.71 10.12
CA LEU D 198 10.81 15.96 11.06
C LEU D 198 10.72 17.43 11.43
N LEU D 199 11.86 18.09 11.60
CA LEU D 199 11.85 19.50 11.99
C LEU D 199 11.26 20.38 10.89
N LYS D 200 11.74 20.20 9.65
CA LYS D 200 11.23 21.01 8.53
C LYS D 200 9.74 20.75 8.30
N ALA D 201 9.31 19.49 8.43
CA ALA D 201 7.90 19.13 8.30
C ALA D 201 7.05 19.86 9.32
N LEU D 202 7.43 19.77 10.61
CA LEU D 202 6.67 20.45 11.65
C LEU D 202 6.60 21.95 11.38
N LEU D 203 7.68 22.54 10.84
CA LEU D 203 7.64 23.96 10.54
C LEU D 203 6.76 24.27 9.34
N GLU D 204 6.65 23.36 8.37
CA GLU D 204 5.74 23.61 7.25
C GLU D 204 4.29 23.56 7.72
N ILE D 205 3.97 22.62 8.62
CA ILE D 205 2.63 22.51 9.21
C ILE D 205 2.25 23.81 9.90
N ALA D 206 3.09 24.27 10.85
CA ALA D 206 2.86 25.57 11.50
C ALA D 206 2.67 26.67 10.46
N SER D 207 3.50 26.66 9.42
CA SER D 207 3.39 27.64 8.35
C SER D 207 1.99 27.63 7.72
N CYS D 208 1.42 26.42 7.52
CA CYS D 208 0.10 26.30 6.92
C CYS D 208 -1.01 26.66 7.89
N LEU D 209 -0.84 26.37 9.19
CA LEU D 209 -1.83 26.83 10.14
C LEU D 209 -1.77 28.35 10.30
N GLU D 210 -0.57 28.95 10.21
CA GLU D 210 -0.49 30.42 10.20
C GLU D 210 -1.23 31.01 8.98
N LYS D 211 -1.10 30.39 7.82
CA LYS D 211 -1.78 30.92 6.64
C LYS D 211 -3.29 30.73 6.76
N ALA D 212 -3.74 29.64 7.40
CA ALA D 212 -5.17 29.45 7.63
C ALA D 212 -5.74 30.52 8.54
N LEU D 213 -4.97 30.97 9.53
CA LEU D 213 -5.41 32.09 10.35
C LEU D 213 -5.64 33.35 9.51
N GLN D 214 -4.77 33.59 8.52
CA GLN D 214 -4.94 34.82 7.75
C GLN D 214 -6.15 34.74 6.81
N VAL D 215 -6.37 33.57 6.16
CA VAL D 215 -7.60 33.34 5.38
C VAL D 215 -8.85 33.63 6.21
N PHE D 216 -8.86 33.17 7.48
CA PHE D 216 -9.98 33.40 8.41
C PHE D 216 -10.32 34.89 8.60
N HIS D 217 -9.36 35.82 8.41
CA HIS D 217 -9.63 37.26 8.55
C HIS D 217 -10.58 37.78 7.48
N GLN D 218 -10.76 37.03 6.39
CA GLN D 218 -11.67 37.42 5.31
C GLN D 218 -13.13 37.35 5.71
N ILE D 219 -13.44 36.78 6.89
CA ILE D 219 -14.84 36.65 7.23
C ILE D 219 -15.50 38.02 7.44
N HIS D 220 -14.75 39.02 7.88
CA HIS D 220 -15.33 40.33 8.18
C HIS D 220 -15.82 41.06 6.94
N ASP D 221 -15.22 40.81 5.78
CA ASP D 221 -15.63 41.48 4.55
C ASP D 221 -16.89 40.89 3.91
N HIS D 222 -17.35 39.71 4.33
CA HIS D 222 -18.41 39.00 3.62
C HIS D 222 -19.52 38.47 4.50
N VAL D 223 -19.46 38.66 5.82
CA VAL D 223 -20.54 38.23 6.70
C VAL D 223 -20.78 39.35 7.70
N ASN D 224 -22.02 39.78 7.83
CA ASN D 224 -22.13 40.76 8.89
C ASN D 224 -22.84 40.15 10.09
N PRO D 225 -22.51 40.64 11.30
CA PRO D 225 -23.01 39.97 12.52
C PRO D 225 -24.52 39.76 12.58
N LYS D 226 -25.32 40.78 12.26
CA LYS D 226 -26.75 40.61 12.51
C LYS D 226 -27.39 39.66 11.51
N ALA D 227 -26.90 39.63 10.27
CA ALA D 227 -27.31 38.61 9.31
C ALA D 227 -27.02 37.22 9.87
N PHE D 228 -25.77 36.98 10.23
CA PHE D 228 -25.42 35.67 10.77
C PHE D 228 -26.29 35.33 11.96
N PHE D 229 -26.38 36.26 12.92
CA PHE D 229 -26.92 35.88 14.23
C PHE D 229 -28.41 35.57 14.14
N SER D 230 -29.17 36.34 13.35
CA SER D 230 -30.61 36.23 13.36
C SER D 230 -31.20 35.59 12.12
N VAL D 231 -30.42 35.31 11.09
CA VAL D 231 -30.91 34.53 9.94
C VAL D 231 -30.15 33.23 9.79
N LEU D 232 -28.84 33.30 9.51
CA LEU D 232 -28.11 32.08 9.16
C LEU D 232 -28.03 31.12 10.34
N ARG D 233 -27.71 31.62 11.54
CA ARG D 233 -27.69 30.79 12.76
C ARG D 233 -28.93 29.89 12.87
N ILE D 234 -30.09 30.45 12.55
CA ILE D 234 -31.37 29.74 12.73
C ILE D 234 -31.41 28.50 11.86
N TYR D 235 -31.08 28.65 10.58
CA TYR D 235 -31.20 27.53 9.66
C TYR D 235 -30.12 26.48 9.87
N LEU D 236 -29.02 26.80 10.53
CA LEU D 236 -27.99 25.79 10.73
C LEU D 236 -28.17 25.04 12.03
N SER D 237 -29.10 25.46 12.90
CA SER D 237 -29.22 24.85 14.21
C SER D 237 -30.05 23.57 14.10
N GLY D 238 -29.85 22.68 15.05
CA GLY D 238 -30.42 21.35 14.99
C GLY D 238 -31.48 21.13 16.03
N TRP D 239 -31.67 19.86 16.40
CA TRP D 239 -32.74 19.47 17.31
C TRP D 239 -32.22 18.47 18.33
N LYS D 240 -31.20 18.91 19.06
CA LYS D 240 -30.65 18.16 20.18
C LYS D 240 -30.42 19.13 21.32
N GLY D 241 -31.05 18.86 22.47
CA GLY D 241 -31.10 19.82 23.54
C GLY D 241 -31.67 21.17 23.13
N ASN D 242 -32.53 21.19 22.10
CA ASN D 242 -33.17 22.42 21.64
C ASN D 242 -34.56 22.52 22.25
N PRO D 243 -34.83 23.52 23.11
CA PRO D 243 -36.19 23.63 23.70
C PRO D 243 -37.30 23.76 22.67
N GLN D 244 -37.02 24.18 21.43
CA GLN D 244 -38.08 24.31 20.42
C GLN D 244 -38.52 22.98 19.82
N LEU D 245 -37.69 21.94 19.92
CA LEU D 245 -38.07 20.59 19.51
C LEU D 245 -37.49 19.66 20.57
N SER D 246 -38.01 19.79 21.81
CA SER D 246 -37.38 19.16 22.97
C SER D 246 -37.18 17.67 22.82
N ASP D 247 -37.97 17.00 21.99
CA ASP D 247 -37.87 15.56 21.85
C ASP D 247 -37.24 15.14 20.53
N GLY D 248 -36.80 16.09 19.72
CA GLY D 248 -36.21 15.80 18.43
C GLY D 248 -37.19 15.94 17.27
N LEU D 249 -36.83 15.31 16.16
CA LEU D 249 -37.59 15.41 14.93
C LEU D 249 -38.06 14.02 14.53
N VAL D 250 -39.30 13.94 14.07
CA VAL D 250 -39.87 12.68 13.59
C VAL D 250 -39.54 12.53 12.11
N TYR D 251 -38.80 11.48 11.77
CA TYR D 251 -38.49 11.19 10.38
C TYR D 251 -39.57 10.22 9.90
N GLU D 252 -40.62 10.79 9.34
CA GLU D 252 -41.88 10.07 9.14
C GLU D 252 -41.71 8.92 8.18
N GLY D 253 -42.25 7.76 8.57
CA GLY D 253 -42.12 6.58 7.73
C GLY D 253 -40.78 5.89 7.83
N PHE D 254 -39.88 6.39 8.66
CA PHE D 254 -38.57 5.78 8.82
C PHE D 254 -38.34 5.34 10.26
N TRP D 255 -38.32 6.27 11.22
CA TRP D 255 -38.31 5.90 12.62
C TRP D 255 -39.64 6.29 13.27
N GLU D 256 -40.06 5.47 14.23
CA GLU D 256 -41.34 5.69 14.90
C GLU D 256 -41.24 6.85 15.88
N ASP D 257 -40.18 6.88 16.70
CA ASP D 257 -39.81 7.84 17.73
C ASP D 257 -39.01 9.00 17.15
N PRO D 258 -39.28 10.24 17.60
CA PRO D 258 -38.44 11.36 17.18
C PRO D 258 -37.00 11.14 17.60
N LYS D 259 -36.09 11.75 16.87
CA LYS D 259 -34.67 11.61 17.18
C LYS D 259 -33.98 12.97 17.22
N GLU D 260 -32.92 13.04 18.01
CA GLU D 260 -32.18 14.26 18.23
C GLU D 260 -30.86 14.18 17.48
N PHE D 261 -30.52 15.27 16.79
CA PHE D 261 -29.25 15.43 16.11
C PHE D 261 -28.83 16.87 16.28
N ALA D 262 -27.54 17.04 16.56
CA ALA D 262 -26.97 18.37 16.77
C ALA D 262 -26.94 19.14 15.45
N GLY D 263 -27.10 20.45 15.57
CA GLY D 263 -26.88 21.34 14.44
C GLY D 263 -25.42 21.49 14.03
N GLY D 264 -25.25 22.16 12.89
CA GLY D 264 -23.92 22.30 12.30
C GLY D 264 -23.00 23.18 13.11
N SER D 265 -21.71 22.84 13.07
CA SER D 265 -20.68 23.70 13.61
C SER D 265 -19.35 23.21 13.07
N ALA D 266 -18.37 24.11 13.05
CA ALA D 266 -17.10 23.66 12.50
C ALA D 266 -16.33 22.80 13.47
N GLY D 267 -16.90 22.57 14.68
CA GLY D 267 -16.49 21.42 15.47
C GLY D 267 -16.57 20.13 14.68
N GLN D 268 -17.39 20.11 13.61
CA GLN D 268 -17.58 18.96 12.73
C GLN D 268 -16.51 18.85 11.66
N SER D 269 -15.54 19.79 11.64
CA SER D 269 -14.45 19.79 10.69
C SER D 269 -13.34 18.84 11.15
N SER D 270 -12.96 17.90 10.29
CA SER D 270 -11.87 17.05 10.69
C SER D 270 -10.51 17.78 10.72
N VAL D 271 -10.47 19.09 10.44
CA VAL D 271 -9.20 19.82 10.30
C VAL D 271 -8.59 20.13 11.66
N PHE D 272 -9.33 20.83 12.53
CA PHE D 272 -8.79 21.12 13.85
C PHE D 272 -8.70 19.86 14.69
N GLN D 273 -9.63 18.93 14.54
CA GLN D 273 -9.49 17.71 15.30
C GLN D 273 -8.21 16.96 14.89
N CYS D 274 -7.84 16.98 13.61
CA CYS D 274 -6.71 16.14 13.22
C CYS D 274 -5.39 16.75 13.70
N PHE D 275 -5.30 18.07 13.87
CA PHE D 275 -4.06 18.65 14.40
C PHE D 275 -3.95 18.44 15.91
N ASP D 276 -5.06 18.56 16.64
CA ASP D 276 -5.08 18.17 18.05
C ASP D 276 -4.55 16.75 18.22
N VAL D 277 -5.09 15.81 17.45
CA VAL D 277 -4.67 14.43 17.54
C VAL D 277 -3.20 14.29 17.14
N LEU D 278 -2.82 14.92 16.03
CA LEU D 278 -1.43 14.83 15.55
C LEU D 278 -0.43 15.34 16.59
N LEU D 279 -0.77 16.42 17.30
CA LEU D 279 0.17 17.02 18.23
C LEU D 279 0.10 16.41 19.62
N GLY D 280 -0.78 15.45 19.86
CA GLY D 280 -0.84 14.88 21.18
C GLY D 280 -1.62 15.68 22.20
N ILE D 281 -2.37 16.69 21.77
CA ILE D 281 -3.27 17.47 22.62
C ILE D 281 -4.53 16.65 22.85
N GLN D 282 -4.77 16.23 24.09
CA GLN D 282 -5.85 15.26 24.36
C GLN D 282 -7.13 16.03 24.68
N GLN D 283 -7.93 16.30 23.63
CA GLN D 283 -9.20 17.00 23.76
C GLN D 283 -10.33 16.04 24.12
N THR D 284 -10.43 14.92 23.42
CA THR D 284 -11.54 13.98 23.64
C THR D 284 -11.30 13.10 24.85
N ALA D 285 -10.54 13.62 25.83
CA ALA D 285 -10.02 12.84 26.96
C ALA D 285 -10.83 13.11 28.22
N GLY D 286 -11.26 12.02 28.87
CA GLY D 286 -12.12 12.10 30.03
C GLY D 286 -13.58 12.05 29.66
N GLY D 287 -14.41 12.11 30.69
CA GLY D 287 -15.84 12.27 30.50
C GLY D 287 -16.22 13.72 30.70
N GLY D 288 -15.25 14.62 30.56
CA GLY D 288 -15.55 16.04 30.60
C GLY D 288 -16.52 16.43 29.51
N HIS D 289 -17.16 17.59 29.68
CA HIS D 289 -18.15 18.01 28.70
C HIS D 289 -17.52 18.38 27.36
N ALA D 290 -16.31 18.97 27.37
CA ALA D 290 -15.67 19.37 26.12
C ALA D 290 -15.19 18.14 25.35
N ALA D 291 -14.67 17.14 26.06
CA ALA D 291 -14.27 15.89 25.44
C ALA D 291 -15.45 15.17 24.81
N GLN D 292 -16.57 15.08 25.53
CA GLN D 292 -17.73 14.35 24.99
C GLN D 292 -18.25 15.03 23.73
N PHE D 293 -18.31 16.38 23.75
CA PHE D 293 -18.81 17.12 22.60
C PHE D 293 -17.95 16.89 21.35
N LEU D 294 -16.63 17.00 21.49
CA LEU D 294 -15.78 16.84 20.30
C LEU D 294 -15.82 15.40 19.79
N GLN D 295 -15.91 14.45 20.72
CA GLN D 295 -16.18 13.05 20.39
C GLN D 295 -17.47 12.92 19.58
N ASP D 296 -18.56 13.50 20.09
CA ASP D 296 -19.84 13.36 19.41
C ASP D 296 -19.78 13.94 18.01
N MET D 297 -19.04 15.04 17.82
CA MET D 297 -19.00 15.71 16.54
C MET D 297 -18.34 14.88 15.45
N ARG D 298 -17.48 13.92 15.82
CA ARG D 298 -16.89 13.06 14.80
C ARG D 298 -17.91 12.15 14.12
N ARG D 299 -19.06 11.91 14.76
CA ARG D 299 -20.15 11.18 14.13
C ARG D 299 -20.80 11.94 12.98
N TYR D 300 -20.59 13.26 12.92
CA TYR D 300 -21.16 14.06 11.84
C TYR D 300 -20.17 14.27 10.72
N MET D 301 -18.95 13.56 10.79
CA MET D 301 -17.97 13.70 9.74
C MET D 301 -18.07 12.52 8.80
N PRO D 302 -17.76 12.72 7.53
CA PRO D 302 -17.78 11.61 6.58
C PRO D 302 -16.97 10.44 7.12
N PRO D 303 -17.39 9.20 6.84
CA PRO D 303 -16.73 8.04 7.48
C PRO D 303 -15.25 7.92 7.14
N ALA D 304 -14.86 8.24 5.91
CA ALA D 304 -13.45 8.19 5.55
C ALA D 304 -12.61 9.17 6.39
N HIS D 305 -13.17 10.34 6.74
CA HIS D 305 -12.44 11.33 7.55
C HIS D 305 -12.42 10.93 9.02
N ARG D 306 -13.53 10.36 9.51
CA ARG D 306 -13.54 9.68 10.80
C ARG D 306 -12.44 8.62 10.87
N ASN D 307 -12.35 7.78 9.83
CA ASN D 307 -11.34 6.75 9.81
C ASN D 307 -9.94 7.34 9.88
N PHE D 308 -9.72 8.47 9.20
CA PHE D 308 -8.44 9.14 9.25
C PHE D 308 -8.06 9.59 10.67
N LEU D 309 -8.99 10.24 11.39
CA LEU D 309 -8.70 10.62 12.77
C LEU D 309 -8.37 9.40 13.64
N CYS D 310 -9.14 8.32 13.51
CA CYS D 310 -8.86 7.10 14.27
C CYS D 310 -7.49 6.55 13.94
N SER D 311 -7.14 6.54 12.65
CA SER D 311 -5.85 6.01 12.23
C SER D 311 -4.71 6.88 12.75
N LEU D 312 -4.91 8.20 12.84
CA LEU D 312 -3.90 9.06 13.43
C LEU D 312 -3.72 8.77 14.92
N GLU D 313 -4.81 8.49 15.63
CA GLU D 313 -4.66 8.22 17.06
C GLU D 313 -3.96 6.88 17.32
N SER D 314 -3.75 6.04 16.30
CA SER D 314 -3.15 4.72 16.48
C SER D 314 -1.66 4.69 16.12
N ASN D 315 -1.15 5.71 15.44
CA ASN D 315 0.27 5.83 15.16
C ASN D 315 1.02 6.16 16.44
N PRO D 316 2.36 6.14 16.40
CA PRO D 316 3.13 6.59 17.58
C PRO D 316 3.04 8.09 17.81
N SER D 317 3.11 8.46 19.09
CA SER D 317 2.84 9.81 19.57
C SER D 317 3.94 10.80 19.17
N VAL D 318 3.61 11.75 18.29
CA VAL D 318 4.55 12.80 17.91
C VAL D 318 5.00 13.59 19.12
N ARG D 319 4.10 13.89 20.05
CA ARG D 319 4.50 14.65 21.23
C ARG D 319 5.56 13.90 22.01
N GLU D 320 5.44 12.58 22.09
CA GLU D 320 6.35 11.76 22.87
C GLU D 320 7.74 11.74 22.25
N PHE D 321 7.78 11.69 20.92
CA PHE D 321 9.04 11.63 20.19
C PHE D 321 9.87 12.88 20.45
N VAL D 322 9.23 14.05 20.47
CA VAL D 322 9.94 15.33 20.59
C VAL D 322 10.43 15.55 22.03
N LEU D 323 9.63 15.16 23.02
CA LEU D 323 10.02 15.36 24.42
C LEU D 323 11.20 14.48 24.81
N SER D 324 11.26 13.26 24.28
CA SER D 324 12.22 12.28 24.75
C SER D 324 13.63 12.50 24.23
N LYS D 325 13.82 13.44 23.29
CA LYS D 325 15.04 13.54 22.50
C LYS D 325 15.88 14.79 22.81
N GLY D 326 15.49 15.58 23.81
CA GLY D 326 16.30 16.68 24.30
C GLY D 326 16.85 17.60 23.22
N ASP D 327 15.96 18.05 22.31
CA ASP D 327 16.36 18.71 21.08
C ASP D 327 15.60 20.03 20.98
N ALA D 328 16.29 21.14 21.25
CA ALA D 328 15.60 22.41 21.40
C ALA D 328 15.08 22.95 20.08
N GLY D 329 15.74 22.64 18.97
CA GLY D 329 15.17 23.00 17.68
C GLY D 329 13.90 22.21 17.42
N LEU D 330 13.91 20.92 17.81
CA LEU D 330 12.72 20.08 17.67
C LEU D 330 11.58 20.56 18.55
N ARG D 331 11.87 20.85 19.82
CA ARG D 331 10.86 21.40 20.72
C ARG D 331 10.24 22.68 20.18
N GLU D 332 11.03 23.53 19.55
CA GLU D 332 10.48 24.81 19.12
C GLU D 332 9.67 24.69 17.85
N ALA D 333 9.96 23.68 17.02
CA ALA D 333 9.14 23.44 15.83
C ALA D 333 7.78 22.89 16.22
N TYR D 334 7.76 21.96 17.17
CA TYR D 334 6.52 21.46 17.74
C TYR D 334 5.72 22.60 18.37
N ASP D 335 6.39 23.45 19.15
CA ASP D 335 5.70 24.56 19.81
C ASP D 335 5.22 25.60 18.79
N ALA D 336 5.86 25.68 17.64
CA ALA D 336 5.35 26.56 16.59
C ALA D 336 4.00 26.06 16.10
N CYS D 337 3.79 24.73 16.09
CA CYS D 337 2.48 24.19 15.69
C CYS D 337 1.43 24.45 16.75
N VAL D 338 1.76 24.14 18.01
CA VAL D 338 0.81 24.36 19.11
C VAL D 338 0.39 25.83 19.17
N LYS D 339 1.34 26.75 19.00
CA LYS D 339 1.01 28.18 19.08
C LYS D 339 0.17 28.63 17.92
N ALA D 340 0.32 28.01 16.74
CA ALA D 340 -0.58 28.34 15.66
C ALA D 340 -2.00 27.89 15.99
N LEU D 341 -2.14 26.74 16.64
CA LEU D 341 -3.45 26.30 17.10
C LEU D 341 -4.03 27.30 18.11
N VAL D 342 -3.21 27.77 19.05
CA VAL D 342 -3.66 28.75 20.03
C VAL D 342 -4.14 30.04 19.35
N SER D 343 -3.41 30.52 18.34
CA SER D 343 -3.82 31.77 17.71
C SER D 343 -5.10 31.59 16.94
N LEU D 344 -5.26 30.44 16.27
CA LEU D 344 -6.51 30.14 15.59
C LEU D 344 -7.68 30.17 16.56
N ARG D 345 -7.52 29.55 17.73
CA ARG D 345 -8.66 29.47 18.65
C ARG D 345 -8.91 30.80 19.34
N SER D 346 -7.85 31.57 19.62
CA SER D 346 -8.05 32.90 20.18
C SER D 346 -8.79 33.78 19.18
N TYR D 347 -8.34 33.79 17.92
CA TYR D 347 -9.06 34.56 16.91
C TYR D 347 -10.51 34.08 16.82
N HIS D 348 -10.72 32.76 16.96
CA HIS D 348 -12.05 32.18 16.90
C HIS D 348 -12.93 32.67 18.05
N LEU D 349 -12.34 32.91 19.23
CA LEU D 349 -13.09 33.56 20.31
C LEU D 349 -13.46 35.00 19.98
N GLN D 350 -12.56 35.75 19.32
CA GLN D 350 -12.92 37.07 18.81
C GLN D 350 -14.15 37.00 17.91
N ILE D 351 -14.16 36.05 16.97
CA ILE D 351 -15.25 35.92 16.02
C ILE D 351 -16.58 35.66 16.73
N VAL D 352 -16.59 34.74 17.71
CA VAL D 352 -17.81 34.38 18.44
C VAL D 352 -18.32 35.57 19.25
N THR D 353 -17.40 36.37 19.81
CA THR D 353 -17.82 37.61 20.46
C THR D 353 -18.53 38.54 19.49
N LYS D 354 -17.93 38.76 18.31
CA LYS D 354 -18.52 39.65 17.31
C LYS D 354 -19.81 39.11 16.69
N TYR D 355 -19.92 37.78 16.49
CA TYR D 355 -21.04 37.26 15.71
C TYR D 355 -22.15 36.58 16.53
N ILE D 356 -21.93 36.34 17.82
CA ILE D 356 -22.97 35.77 18.67
C ILE D 356 -23.20 36.65 19.90
N LEU D 357 -22.15 36.86 20.70
CA LEU D 357 -22.30 37.51 22.00
C LEU D 357 -22.90 38.90 21.85
N ILE D 358 -22.27 39.76 21.08
CA ILE D 358 -22.70 41.15 20.94
C ILE D 358 -24.06 41.23 20.26
N PRO D 359 -24.31 40.56 19.12
CA PRO D 359 -25.68 40.64 18.56
C PRO D 359 -26.74 40.05 19.45
N ALA D 360 -26.39 39.03 20.27
CA ALA D 360 -27.36 38.46 21.19
C ALA D 360 -27.84 39.48 22.22
N SER D 361 -26.98 40.45 22.54
CA SER D 361 -27.35 41.47 23.53
C SER D 361 -28.18 42.58 22.89
N GLN D 362 -27.85 42.96 21.66
CA GLN D 362 -28.63 43.96 20.95
C GLN D 362 -29.87 43.37 20.29
N GLN D 363 -30.66 42.59 21.02
CA GLN D 363 -31.92 42.04 20.49
C GLN D 363 -33.11 42.48 21.35
N SER D 374 -32.08 35.99 24.78
CA SER D 374 -31.08 36.49 25.72
C SER D 374 -30.21 35.33 26.26
N LYS D 375 -30.51 34.11 25.78
CA LYS D 375 -29.80 32.94 26.27
C LYS D 375 -28.33 32.96 25.86
N LEU D 376 -28.05 33.33 24.61
CA LEU D 376 -26.69 33.32 24.07
C LEU D 376 -25.91 34.60 24.38
N GLU D 377 -26.36 35.41 25.34
CA GLU D 377 -25.60 36.56 25.79
C GLU D 377 -24.43 36.11 26.66
N ALA D 378 -23.48 37.04 26.86
CA ALA D 378 -22.24 36.70 27.56
C ALA D 378 -22.51 36.20 28.98
N LYS D 379 -23.45 36.80 29.69
CA LYS D 379 -23.80 36.30 31.02
C LYS D 379 -25.03 35.39 31.01
N GLY D 380 -25.79 35.36 29.90
CA GLY D 380 -26.87 34.41 29.71
C GLY D 380 -26.38 32.99 29.79
N THR D 381 -27.28 32.01 29.85
CA THR D 381 -26.84 30.66 30.17
C THR D 381 -26.27 29.91 28.97
N GLY D 382 -26.70 30.25 27.74
CA GLY D 382 -26.07 29.68 26.56
C GLY D 382 -24.70 30.29 26.30
N GLY D 383 -24.62 31.63 26.38
CA GLY D 383 -23.36 32.32 26.18
C GLY D 383 -22.29 31.94 27.18
N THR D 384 -22.68 31.62 28.41
CA THR D 384 -21.70 31.19 29.40
C THR D 384 -21.12 29.83 29.06
N ASP D 385 -21.97 28.91 28.59
CA ASP D 385 -21.51 27.55 28.33
C ASP D 385 -20.61 27.46 27.10
N LEU D 386 -20.98 28.13 26.00
CA LEU D 386 -20.15 28.04 24.81
C LEU D 386 -18.80 28.73 24.99
N MET D 387 -18.75 29.86 25.73
CA MET D 387 -17.46 30.47 26.02
C MET D 387 -16.63 29.58 26.94
N ASN D 388 -17.24 28.98 27.96
CA ASN D 388 -16.51 28.03 28.79
C ASN D 388 -15.96 26.89 27.97
N PHE D 389 -16.76 26.38 27.04
CA PHE D 389 -16.30 25.30 26.17
C PHE D 389 -15.14 25.77 25.29
N LEU D 390 -15.30 26.90 24.60
CA LEU D 390 -14.24 27.34 23.70
C LEU D 390 -12.94 27.62 24.47
N LYS D 391 -13.05 28.29 25.63
CA LYS D 391 -11.85 28.64 26.39
C LYS D 391 -11.20 27.42 27.03
N THR D 392 -11.99 26.42 27.43
CA THR D 392 -11.41 25.16 27.90
C THR D 392 -10.55 24.52 26.83
N VAL D 393 -11.07 24.41 25.60
CA VAL D 393 -10.30 23.84 24.51
C VAL D 393 -9.03 24.67 24.28
N ARG D 394 -9.13 25.99 24.39
CA ARG D 394 -7.94 26.79 24.14
C ARG D 394 -6.90 26.61 25.24
N SER D 395 -7.31 26.61 26.51
CA SER D 395 -6.30 26.46 27.55
C SER D 395 -5.67 25.06 27.49
N THR D 396 -6.46 24.03 27.18
CA THR D 396 -5.89 22.70 26.95
C THR D 396 -4.84 22.72 25.84
N THR D 397 -4.99 23.61 24.85
CA THR D 397 -3.99 23.70 23.81
C THR D 397 -2.74 24.43 24.31
N GLU D 398 -2.90 25.55 25.04
CA GLU D 398 -1.74 26.25 25.58
C GLU D 398 -0.92 25.34 26.51
N LYS D 399 -1.59 24.49 27.29
CA LYS D 399 -0.86 23.68 28.25
C LYS D 399 -0.06 22.56 27.58
N SER D 400 -0.12 22.40 26.26
CA SER D 400 0.70 21.44 25.56
C SER D 400 2.03 22.01 25.07
N LEU D 401 2.21 23.33 25.10
CA LEU D 401 3.51 23.91 24.83
C LEU D 401 4.60 23.27 25.70
N LEU D 402 5.71 22.94 25.06
CA LEU D 402 6.85 22.39 25.80
C LEU D 402 7.60 23.48 26.56
N LYS D 403 7.63 24.69 26.02
CA LYS D 403 8.17 25.84 26.74
C LYS D 403 7.25 27.04 26.56
CHA HEM E . 25.74 -24.76 -4.87
CHB HEM E . 25.57 -29.22 -6.77
CHC HEM E . 20.82 -29.58 -5.90
CHD HEM E . 21.13 -25.34 -3.48
C1A HEM E . 26.07 -25.90 -5.55
C2A HEM E . 27.32 -26.14 -6.25
C3A HEM E . 27.27 -27.36 -6.77
C4A HEM E . 26.00 -27.96 -6.42
CMA HEM E . 28.36 -28.03 -7.63
CAA HEM E . 28.47 -25.13 -6.40
CBA HEM E . 27.98 -23.97 -7.28
CGA HEM E . 28.67 -24.00 -8.62
O1A HEM E . 29.86 -24.40 -8.69
O2A HEM E . 28.02 -23.62 -9.63
C1B HEM E . 24.29 -29.73 -6.71
C2B HEM E . 23.88 -31.04 -7.16
C3B HEM E . 22.56 -31.17 -6.92
C4B HEM E . 22.09 -29.92 -6.33
CMB HEM E . 24.87 -32.06 -7.77
CAB HEM E . 21.68 -32.41 -7.25
CBB HEM E . 22.10 -33.49 -7.95
C1C HEM E . 20.49 -28.48 -5.13
C2C HEM E . 19.19 -28.18 -4.56
C3C HEM E . 19.30 -27.03 -3.89
C4C HEM E . 20.65 -26.53 -4.03
CMC HEM E . 17.90 -29.05 -4.67
CAC HEM E . 18.20 -26.26 -3.12
CBC HEM E . 16.99 -26.08 -3.67
C1D HEM E . 22.39 -24.77 -3.64
C2D HEM E . 22.89 -23.50 -3.14
C3D HEM E . 24.16 -23.34 -3.53
C4D HEM E . 24.52 -24.51 -4.29
CMD HEM E . 22.10 -22.48 -2.33
CAD HEM E . 25.09 -22.15 -3.22
CBD HEM E . 25.97 -22.53 -2.02
CGD HEM E . 25.29 -22.19 -0.71
O1D HEM E . 24.44 -21.25 -0.67
O2D HEM E . 25.62 -22.85 0.33
NA HEM E . 25.29 -27.05 -5.67
NB HEM E . 23.18 -29.08 -6.20
NC HEM E . 21.35 -27.44 -4.80
ND HEM E . 23.43 -25.35 -4.31
FE HEM E . 23.36 -27.20 -5.20
C5 BBJ F . 19.41 -27.44 -9.50
C4 BBJ F . 18.43 -27.35 -10.48
C2 BBJ F . 19.91 -25.96 -11.80
C1 BBJ F . 20.88 -26.04 -10.81
C6 BBJ F . 20.68 -26.88 -9.71
C10 BBJ F . 23.01 -26.98 -8.79
O16 BBJ F . 23.92 -28.62 -11.98
C3 BBJ F . 18.68 -26.61 -11.64
F7 BBJ F . 17.70 -26.52 -12.62
BR8 BBJ F . 20.23 -24.93 -13.40
N9 BBJ F . 21.58 -26.83 -8.63
N11 BBJ F . 23.73 -26.78 -7.89
O12 BBJ F . 23.17 -26.30 -6.73
C13 BBJ F . 23.63 -27.55 -10.12
C14 BBJ F . 25.03 -27.54 -10.48
N15 BBJ F . 25.15 -28.18 -11.64
N17 BBJ F . 22.99 -28.26 -11.05
N18 BBJ F . 26.11 -26.91 -9.73
C19 BBJ F . 27.23 -26.30 -10.43
C20 BBJ F . 28.26 -27.35 -10.80
N21 BBJ F . 28.46 -27.39 -12.23
S22 BBJ F . 29.74 -28.46 -12.61
O23 BBJ F . 29.37 -29.85 -12.34
O24 BBJ F . 30.87 -28.28 -11.68
N25 BBJ F . 30.23 -28.25 -14.25
CHA HEM G . 32.44 16.45 -13.31
CHB HEM G . 30.24 20.69 -14.32
CHC HEM G . 32.58 20.82 -18.53
CHD HEM G . 35.44 17.20 -17.07
C1A HEM G . 31.55 17.51 -13.27
C2A HEM G . 30.41 17.64 -12.41
C3A HEM G . 29.82 18.81 -12.70
C4A HEM G . 30.56 19.47 -13.74
CMA HEM G . 28.55 19.42 -12.07
CAA HEM G . 29.93 16.62 -11.33
CBA HEM G . 29.38 15.38 -12.06
CGA HEM G . 27.90 15.32 -11.83
O1A HEM G . 27.47 15.89 -10.78
O2A HEM G . 27.14 14.73 -12.66
C1B HEM G . 30.68 21.08 -15.57
C2B HEM G . 30.27 22.28 -16.27
C3B HEM G . 30.94 22.32 -17.43
C4B HEM G . 31.76 21.14 -17.49
CMB HEM G . 29.23 23.28 -15.71
CAB HEM G . 30.88 23.35 -18.59
CBB HEM G . 29.99 24.34 -18.66
C1C HEM G . 33.56 19.86 -18.49
C2C HEM G . 34.55 19.70 -19.53
C3C HEM G . 35.36 18.72 -19.13
C4C HEM G . 34.89 18.22 -17.84
CMC HEM G . 34.64 20.54 -20.83
CAC HEM G . 36.55 18.21 -19.97
CBC HEM G . 36.31 17.78 -21.22
C1D HEM G . 34.87 16.66 -15.95
C2D HEM G . 35.30 15.47 -15.24
C3D HEM G . 34.46 15.26 -14.21
C4D HEM G . 33.47 16.31 -14.23
CMD HEM G . 36.49 14.58 -15.61
CAD HEM G . 34.54 14.11 -13.19
CBD HEM G . 35.30 14.57 -11.95
CGD HEM G . 36.81 14.61 -12.15
O1D HEM G . 37.37 13.72 -12.81
O2D HEM G . 37.45 15.54 -11.61
NA HEM G . 31.62 18.65 -14.07
NB HEM G . 31.61 20.41 -16.34
NC HEM G . 33.77 18.95 -17.49
ND HEM G . 33.76 17.14 -15.29
FE HEM G . 32.76 18.85 -15.71
C5 BBJ H . 30.28 18.11 -20.77
C4 BBJ H . 29.77 17.87 -22.03
C2 BBJ H . 28.15 16.36 -21.09
C1 BBJ H . 28.67 16.59 -19.82
C6 BBJ H . 29.68 17.53 -19.65
C10 BBJ H . 29.55 17.99 -17.18
O16 BBJ H . 26.06 18.97 -17.90
C3 BBJ H . 28.71 17.00 -22.19
F7 BBJ H . 28.19 16.78 -23.45
BR8 BBJ H . 26.67 15.12 -21.32
N9 BBJ H . 30.30 17.66 -18.39
N11 BBJ H . 30.10 18.02 -16.16
O12 BBJ H . 31.44 17.71 -16.13
C13 BBJ H . 28.01 18.32 -17.25
C14 BBJ H . 27.09 18.24 -16.15
N15 BBJ H . 25.90 18.64 -16.60
N17 BBJ H . 27.35 18.80 -18.29
N18 BBJ H . 27.37 17.79 -14.79
C19 BBJ H . 26.32 17.20 -13.96
C20 BBJ H . 25.16 18.17 -13.79
N21 BBJ H . 24.73 18.23 -12.39
S22 BBJ H . 23.65 19.56 -12.19
O23 BBJ H . 24.32 20.84 -12.49
O24 BBJ H . 23.30 19.74 -10.76
N25 BBJ H . 22.26 19.35 -13.17
CHA HEM I . -22.85 -15.77 26.03
CHB HEM I . -22.99 -20.31 24.29
CHC HEM I . -27.73 -20.68 25.13
CHD HEM I . -27.42 -16.42 27.57
C1A HEM I . -22.52 -16.94 25.37
C2A HEM I . -21.30 -17.18 24.61
C3A HEM I . -21.35 -18.41 24.14
C4A HEM I . -22.59 -19.02 24.58
CMA HEM I . -20.29 -19.11 23.26
CAA HEM I . -20.15 -16.16 24.37
CBA HEM I . -20.72 -15.05 23.47
CGA HEM I . -20.13 -15.14 22.09
O1A HEM I . -19.05 -15.79 21.97
O2A HEM I . -20.70 -14.56 21.12
C1B HEM I . -24.27 -20.81 24.35
C2B HEM I . -24.67 -22.11 23.88
C3B HEM I . -25.99 -22.25 24.10
C4B HEM I . -26.45 -21.01 24.72
CMB HEM I . -23.65 -23.09 23.23
CAB HEM I . -26.90 -23.46 23.74
CBB HEM I . -26.56 -24.41 22.85
C1C HEM I . -28.06 -19.55 25.88
C2C HEM I . -29.37 -19.22 26.39
C3C HEM I . -29.28 -18.08 27.08
C4C HEM I . -27.91 -17.61 27.02
CMC HEM I . -30.62 -20.12 26.19
CAC HEM I . -30.42 -17.29 27.78
CBC HEM I . -31.67 -17.26 27.30
C1D HEM I . -26.16 -15.85 27.37
C2D HEM I . -25.68 -14.57 27.85
C3D HEM I . -24.42 -14.38 27.42
C4D HEM I . -24.05 -15.55 26.65
CMD HEM I . -26.50 -13.58 28.70
CAD HEM I . -23.50 -13.17 27.71
CBD HEM I . -22.66 -13.47 28.94
CGD HEM I . -23.47 -13.13 30.17
O1D HEM I . -24.19 -12.09 30.12
O2D HEM I . -23.39 -13.87 31.18
NA HEM I . -23.29 -18.09 25.32
NB HEM I . -25.38 -20.18 24.87
NC HEM I . -27.19 -18.54 26.28
ND HEM I . -25.13 -16.40 26.65
FE HEM I . -25.31 -18.14 25.57
CHA HEM J . -16.79 25.53 17.61
CHB HEM J . -19.15 29.64 16.53
CHC HEM J . -16.66 30.00 12.39
CHD HEM J . -13.85 26.36 13.84
C1A HEM J . -17.65 26.60 17.69
C2A HEM J . -18.57 26.88 18.77
C3A HEM J . -19.23 28.02 18.47
C4A HEM J . -18.74 28.50 17.19
CMA HEM J . -20.31 28.73 19.32
CAA HEM J . -18.76 26.02 20.05
CBA HEM J . -19.21 24.60 19.70
CGA HEM J . -20.69 24.65 19.44
O1A HEM J . -21.44 24.86 20.43
O2A HEM J . -21.10 24.46 18.26
C1B HEM J . -18.67 30.10 15.32
C2B HEM J . -19.09 31.31 14.63
C3B HEM J . -18.39 31.42 13.49
C4B HEM J . -17.52 30.27 13.43
CMB HEM J . -20.16 32.29 15.19
CAB HEM J . -18.42 32.50 12.37
CBB HEM J . -19.34 33.48 12.24
C1C HEM J . -15.71 29.03 12.44
C2C HEM J . -14.76 28.78 11.37
C3C HEM J . -13.96 27.80 11.78
C4C HEM J . -14.41 27.36 13.10
CMC HEM J . -14.70 29.57 10.03
CAC HEM J . -12.82 27.16 10.96
CBC HEM J . -13.04 26.79 9.68
C1D HEM J . -14.41 25.79 14.97
C2D HEM J . -13.92 24.63 15.69
C3D HEM J . -14.72 24.40 16.72
C4D HEM J . -15.76 25.41 16.71
CMD HEM J . -12.69 23.79 15.32
CAD HEM J . -14.58 23.25 17.74
CBD HEM J . -13.86 23.75 19.02
CGD HEM J . -12.36 23.91 18.83
O1D HEM J . -11.71 22.98 18.27
O2D HEM J . -11.81 24.97 19.24
NA HEM J . -17.77 27.62 16.76
NB HEM J . -17.69 29.49 14.55
NC HEM J . -15.49 28.14 13.47
ND HEM J . -15.55 26.24 15.62
FE HEM J . -16.58 27.93 15.22
C5 BBJ K . -19.05 27.17 9.90
C4 BBJ K . -19.58 26.90 8.66
C2 BBJ K . -21.18 25.39 9.64
C1 BBJ K . -20.65 25.66 10.90
C6 BBJ K . -19.63 26.61 11.04
C10 BBJ K . -19.69 27.11 13.50
O16 BBJ K . -23.13 28.16 12.82
C3 BBJ K . -20.65 26.01 8.51
F7 BBJ K . -21.17 25.75 7.27
BR8 BBJ K . -22.69 24.15 9.44
N9 BBJ K . -18.97 26.76 12.29
N11 BBJ K . -19.10 27.12 14.54
O12 BBJ K . -17.75 26.76 14.55
C13 BBJ K . -21.18 27.49 13.46
C14 BBJ K . -22.08 27.51 14.57
N15 BBJ K . -23.25 27.91 14.14
N17 BBJ K . -21.87 27.93 12.41
N18 BBJ K . -21.75 27.11 15.94
C19 BBJ K . -22.79 26.57 16.80
C20 BBJ K . -23.62 27.70 17.41
N21 BBJ K . -25.00 27.28 17.57
S22 BBJ K . -25.81 28.34 18.64
O23 BBJ K . -25.24 29.70 18.60
O24 BBJ K . -25.56 27.96 20.06
N25 BBJ K . -27.48 28.37 18.30
#